data_5B7I
#
_entry.id   5B7I
#
_cell.length_a   97.304
_cell.length_b   127.197
_cell.length_c   218.455
_cell.angle_alpha   90.000
_cell.angle_beta   90.000
_cell.angle_gamma   90.000
#
_symmetry.space_group_name_H-M   'C 2 2 21'
#
loop_
_entity.id
_entity.type
_entity.pdbx_description
1 polymer 'CRISPR-associated nuclease/helicase Cas3 subtype I-F/YPEST'
2 polymer 'Uncharacterized protein AcrF3'
3 non-polymer 'CALCIUM ION'
4 non-polymer "ADENOSINE-5'-DIPHOSPHATE"
5 water water
#
loop_
_entity_poly.entity_id
_entity_poly.type
_entity_poly.pdbx_seq_one_letter_code
_entity_poly.pdbx_strand_id
1 'polypeptide(L)'
;PLGSEF(MSE)NILLVSQCEKRALSETRRILDQFAERRGERTWQTPITQAGLDTLRRLLKKSARRNTAVACHWIRGRDHS
ELLWIVGDASRFNAQGAVPTNRTCRDILRKEDENDWHSAEDIRLLTV(MSE)AALFHDIGKASQAFQAKLRNRGKP
(MSE)ADAYRHEWVSLRLFEAFVGPGSSDEDWLRRLADKRETGDAWLSQLARDDRQSAPPGPFQKSRLPPLAQAVGWLIV
SHHRLPNGDHRGSASLARLPAPIQSQWCGARDADAKEKAACWQFPHGLPFASAHWRARTALCAQS(MSE)LERPGLLARG
PALLHDSYV(MSE)HVSRLIL(MSE)LADHHYSSLPADSRLGDPNFPLHANTDRDSGKLKQRLDEHLLGVALHSRKLAGT
LPRLERQLPRLARHKGFTRRVEQPRFRWQDKAYDCA(MSE)ACREQA(MSE)EHGFFGLNLASTGCGKTLANGRILYALA
DPQRGARFSIALGLRSLTLQTGQAYRERLGLGDDDLAILVGGSAARELFEKQQERLERSGSESAQELLAENSHVHFAGTL
EDGPLREWLGGNSAGNRLLQAPILACTIDHL(MSE)PASESLRGGHQIAPLLRL(MSE)TSDLVLDEVDDFDIDDLPALS
RLVHWAGLFGSRVLLSSATLPPALVQGLFEAYRSGREIFQRHRGAPGRATEIRCAWFDEFSSQSSAHGAVTSFSEAHATF
VAQRLAKLEQLPPRRQAQLCTVHAAGEARPALCRELAGQ(MSE)NTW(MSE)ADLHRCHHTEHQGRRISFGLLRLANIEP
LIELAQAILAQGAPEGLHVHLCVYHSRHPLLVRSAIERQLDELLKRSDDDAAALFARPTLAKALQASTERDHLFVVLASP
VAEVGRDHDYDWAIVEPSS(MSE)RSIIQLAGRIRRHRSGFSGEANLYLLSRNIRSLEGQNPAFQRPGFETPDFPLDSHD
LHDLLDPALLARIDASPRIVEPFPLFPRSRLVDLEHRRLRAL(MSE)LADDPPSSLLGVPLWWQTPASLSGALQTSQPFR
AGAKERCYALLPDEDDEERLHFSRYEEGTWSNQDNLLRNLDLTYGPRIQTWGTVNYREELVA(MSE)AGREDLDLRQCA
(MSE)RYGEVRLRENTQGWSYHPYLGFKKYN
;
A
2 'polypeptide(L)'
;(MSE)GSSHHHHHHSQDP(MSE)SNTISDRIVARSVIEAARFIQSWEDADPDSLTEDQVLAAAGFAARLHEGLQATVLQR
LVDESNHEEYREFKAWEEALLNADGRVASSPFADWGWWYRIANV(MSE)LATASQNVGVTWGSRVHGRL(MSE)AIFQDK
FKQRYEEQA
;
B,C
#
# COMPACT_ATOMS: atom_id res chain seq x y z
N SER A 4 -2.32 -27.24 34.75
CA SER A 4 -0.98 -27.76 35.14
C SER A 4 -0.65 -27.40 36.60
N GLU A 5 0.63 -27.39 36.96
CA GLU A 5 1.05 -27.12 38.35
C GLU A 5 0.75 -25.69 38.85
N PHE A 6 0.51 -25.55 40.16
CA PHE A 6 0.44 -24.24 40.79
C PHE A 6 1.84 -23.68 41.02
N ASN A 8 4.13 -20.62 42.93
CA ASN A 8 4.17 -19.64 44.01
C ASN A 8 4.57 -18.30 43.40
N ILE A 9 3.62 -17.37 43.34
CA ILE A 9 3.82 -16.13 42.61
C ILE A 9 3.85 -14.90 43.50
N LEU A 10 4.85 -14.05 43.29
CA LEU A 10 5.02 -12.82 44.05
C LEU A 10 4.73 -11.63 43.15
N LEU A 11 4.02 -10.64 43.68
CA LEU A 11 3.72 -9.42 42.93
C LEU A 11 4.02 -8.19 43.77
N VAL A 12 4.83 -7.29 43.21
CA VAL A 12 5.19 -6.05 43.89
C VAL A 12 4.79 -4.87 43.02
N SER A 13 4.23 -3.83 43.65
CA SER A 13 3.68 -2.70 42.93
C SER A 13 4.38 -1.39 43.27
N GLN A 14 4.89 -0.73 42.25
CA GLN A 14 5.47 0.61 42.39
C GLN A 14 4.52 1.63 41.78
N CYS A 15 3.26 1.23 41.63
CA CYS A 15 2.20 2.08 41.14
C CYS A 15 1.97 3.28 42.04
N GLU A 16 1.45 4.36 41.46
CA GLU A 16 1.26 5.63 42.15
C GLU A 16 -0.05 6.23 41.67
N LYS A 17 -0.56 7.24 42.38
CA LYS A 17 -1.76 7.98 41.94
C LYS A 17 -2.95 7.01 41.74
N ARG A 18 -3.82 7.28 40.77
CA ARG A 18 -4.99 6.43 40.48
C ARG A 18 -4.63 5.04 39.96
N ALA A 19 -3.40 4.88 39.45
CA ALA A 19 -2.92 3.58 39.00
C ALA A 19 -2.86 2.59 40.15
N LEU A 20 -2.29 3.01 41.28
CA LEU A 20 -2.25 2.19 42.50
C LEU A 20 -3.63 1.75 42.94
N SER A 21 -4.58 2.66 42.96
CA SER A 21 -5.96 2.33 43.24
C SER A 21 -6.46 1.21 42.31
N GLU A 22 -6.15 1.30 41.02
CA GLU A 22 -6.61 0.32 40.03
C GLU A 22 -5.88 -1.03 40.13
N THR A 23 -4.60 -0.98 40.47
CA THR A 23 -3.81 -2.18 40.67
C THR A 23 -4.36 -2.99 41.84
N ARG A 24 -4.52 -2.32 42.97
CA ARG A 24 -5.01 -2.94 44.19
C ARG A 24 -6.39 -3.57 43.96
N ARG A 25 -7.24 -2.84 43.25
CA ARG A 25 -8.58 -3.32 42.95
C ARG A 25 -8.60 -4.60 42.08
N ILE A 26 -7.50 -4.85 41.36
CA ILE A 26 -7.38 -6.06 40.54
C ILE A 26 -6.61 -7.18 41.27
N LEU A 27 -5.41 -6.86 41.74
CA LEU A 27 -4.57 -7.83 42.42
C LEU A 27 -5.18 -8.40 43.71
N ASP A 28 -5.89 -7.55 44.47
CA ASP A 28 -6.62 -7.97 45.67
C ASP A 28 -7.66 -9.04 45.39
N GLN A 29 -8.19 -9.08 44.17
CA GLN A 29 -9.17 -10.09 43.79
C GLN A 29 -8.56 -11.47 43.55
N PHE A 30 -7.37 -11.50 42.96
CA PHE A 30 -6.81 -12.75 42.46
C PHE A 30 -5.59 -13.22 43.24
N ALA A 31 -5.00 -12.34 44.00
CA ALA A 31 -3.92 -12.69 44.92
C ALA A 31 -4.22 -12.09 46.29
N GLU A 32 -3.41 -12.44 47.29
CA GLU A 32 -3.63 -11.94 48.64
C GLU A 32 -2.52 -10.97 49.08
N ARG A 33 -2.93 -9.82 49.62
CA ARG A 33 -1.98 -8.78 50.02
C ARG A 33 -1.15 -9.22 51.22
N ARG A 34 0.17 -9.08 51.10
CA ARG A 34 1.08 -9.50 52.16
C ARG A 34 2.09 -8.40 52.52
N GLY A 35 1.68 -7.16 52.23
CA GLY A 35 2.45 -5.96 52.52
C GLY A 35 1.67 -4.80 51.95
N GLU A 36 2.17 -3.58 52.15
CA GLU A 36 1.49 -2.40 51.60
C GLU A 36 1.40 -2.48 50.08
N ARG A 37 2.45 -3.04 49.47
CA ARG A 37 2.58 -3.08 48.03
C ARG A 37 2.98 -4.45 47.51
N THR A 38 2.70 -5.51 48.27
CA THR A 38 3.06 -6.88 47.87
C THR A 38 1.91 -7.89 47.97
N TRP A 39 1.86 -8.79 47.00
CA TRP A 39 0.92 -9.92 47.00
C TRP A 39 1.70 -11.18 46.79
N GLN A 40 1.20 -12.28 47.36
CA GLN A 40 1.83 -13.58 47.15
C GLN A 40 0.83 -14.72 47.32
N THR A 41 0.72 -15.56 46.28
CA THR A 41 -0.40 -16.49 46.12
C THR A 41 0.00 -17.60 45.15
N PRO A 42 -0.54 -18.83 45.36
CA PRO A 42 -0.32 -19.86 44.36
C PRO A 42 -1.29 -19.70 43.19
N ILE A 43 -0.76 -19.83 41.97
CA ILE A 43 -1.55 -19.56 40.77
C ILE A 43 -1.18 -20.43 39.57
N THR A 44 -2.17 -20.66 38.72
CA THR A 44 -2.02 -21.35 37.45
C THR A 44 -1.31 -20.44 36.42
N GLN A 45 -0.60 -21.06 35.49
CA GLN A 45 -0.12 -20.38 34.29
C GLN A 45 -1.28 -19.67 33.57
N ALA A 46 -2.42 -20.36 33.45
CA ALA A 46 -3.63 -19.78 32.83
C ALA A 46 -4.15 -18.58 33.62
N GLY A 47 -4.24 -18.74 34.94
CA GLY A 47 -4.70 -17.70 35.83
C GLY A 47 -3.76 -16.50 35.79
N LEU A 48 -2.48 -16.78 35.57
CA LEU A 48 -1.46 -15.74 35.51
C LEU A 48 -1.53 -14.95 34.20
N ASP A 49 -1.62 -15.67 33.09
CA ASP A 49 -1.80 -15.06 31.78
C ASP A 49 -3.04 -14.17 31.79
N THR A 50 -4.12 -14.67 32.42
CA THR A 50 -5.37 -13.94 32.59
C THR A 50 -5.19 -12.71 33.49
N LEU A 51 -4.40 -12.87 34.55
CA LEU A 51 -4.14 -11.76 35.45
C LEU A 51 -3.34 -10.65 34.77
N ARG A 52 -2.29 -11.03 34.04
CA ARG A 52 -1.47 -10.08 33.28
C ARG A 52 -2.32 -9.26 32.31
N ARG A 53 -3.17 -9.95 31.56
CA ARG A 53 -4.02 -9.30 30.56
C ARG A 53 -4.88 -8.22 31.18
N LEU A 54 -5.58 -8.57 32.25
CA LEU A 54 -6.45 -7.63 32.96
C LEU A 54 -5.65 -6.44 33.45
N LEU A 55 -4.49 -6.71 34.04
CA LEU A 55 -3.60 -5.65 34.49
C LEU A 55 -3.15 -4.70 33.38
N LYS A 56 -2.81 -5.24 32.21
CA LYS A 56 -2.46 -4.47 31.02
C LYS A 56 -3.64 -3.61 30.55
N LYS A 57 -4.82 -4.22 30.49
CA LYS A 57 -6.04 -3.56 29.98
C LYS A 57 -6.42 -2.25 30.64
N SER A 58 -6.30 -2.18 31.97
CA SER A 58 -6.64 -0.95 32.67
C SER A 58 -5.41 -0.20 33.19
N ALA A 59 -4.23 -0.63 32.78
CA ALA A 59 -2.99 0.01 33.18
C ALA A 59 -2.93 1.47 32.75
N ARG A 60 -2.40 2.30 33.63
CA ARG A 60 -2.12 3.70 33.30
C ARG A 60 -0.61 3.88 33.19
N ARG A 61 -0.18 5.11 32.90
CA ARG A 61 1.23 5.41 32.73
C ARG A 61 1.98 5.29 34.04
N ASN A 62 1.24 5.38 35.15
CA ASN A 62 1.81 5.25 36.50
C ASN A 62 1.79 3.81 37.06
N THR A 63 1.23 2.88 36.29
CA THR A 63 1.25 1.46 36.68
C THR A 63 2.67 0.92 36.64
N ALA A 64 3.06 0.22 37.70
CA ALA A 64 4.34 -0.46 37.76
C ALA A 64 4.22 -1.74 38.59
N VAL A 65 3.93 -2.85 37.92
CA VAL A 65 3.87 -4.17 38.57
C VAL A 65 4.93 -5.13 38.02
N ALA A 66 5.64 -5.76 38.94
CA ALA A 66 6.62 -6.80 38.63
C ALA A 66 6.07 -8.15 39.05
N CYS A 67 6.38 -9.19 38.28
CA CYS A 67 5.95 -10.52 38.63
C CYS A 67 7.11 -11.49 38.78
N HIS A 68 7.15 -12.16 39.92
CA HIS A 68 8.20 -13.09 40.25
C HIS A 68 7.67 -14.46 40.51
N TRP A 69 8.35 -15.44 39.93
CA TRP A 69 8.13 -16.84 40.22
C TRP A 69 9.11 -17.25 41.27
N ILE A 70 8.60 -17.59 42.45
CA ILE A 70 9.40 -18.12 43.55
C ILE A 70 9.53 -19.63 43.37
N ARG A 71 10.72 -20.09 42.98
CA ARG A 71 10.95 -21.48 42.62
C ARG A 71 11.54 -22.33 43.74
N GLY A 72 11.59 -21.76 44.94
CA GLY A 72 12.21 -22.40 46.09
C GLY A 72 12.76 -21.30 46.99
N ARG A 73 13.17 -21.68 48.20
CA ARG A 73 13.70 -20.72 49.16
C ARG A 73 14.83 -19.86 48.56
N ASP A 74 15.73 -20.51 47.83
CA ASP A 74 16.93 -19.87 47.29
C ASP A 74 16.73 -19.10 45.98
N HIS A 75 15.83 -19.58 45.12
CA HIS A 75 15.77 -19.08 43.74
C HIS A 75 14.49 -18.38 43.39
N SER A 76 14.65 -17.30 42.62
CA SER A 76 13.52 -16.52 42.12
C SER A 76 13.72 -16.18 40.65
N GLU A 77 12.62 -15.99 39.93
CA GLU A 77 12.67 -15.64 38.51
C GLU A 77 11.68 -14.55 38.15
N LEU A 78 12.16 -13.53 37.45
CA LEU A 78 11.31 -12.44 36.95
C LEU A 78 10.55 -12.84 35.67
N LEU A 79 9.22 -12.89 35.76
CA LEU A 79 8.36 -13.35 34.64
C LEU A 79 7.94 -12.24 33.67
N TRP A 80 7.51 -11.12 34.21
CA TRP A 80 7.13 -9.97 33.39
C TRP A 80 7.03 -8.72 34.19
N ILE A 81 6.91 -7.60 33.50
CA ILE A 81 6.60 -6.32 34.11
C ILE A 81 5.49 -5.63 33.34
N VAL A 82 4.53 -5.05 34.07
CA VAL A 82 3.49 -4.25 33.44
C VAL A 82 3.69 -2.78 33.78
N GLY A 83 3.81 -1.96 32.75
CA GLY A 83 3.93 -0.52 32.89
C GLY A 83 5.38 -0.10 33.09
N ASP A 84 5.56 0.96 33.86
CA ASP A 84 6.85 1.62 34.06
C ASP A 84 7.93 0.70 34.63
N ALA A 85 8.77 0.13 33.75
CA ALA A 85 9.83 -0.80 34.15
C ALA A 85 11.02 -0.16 34.90
N SER A 86 11.18 1.16 34.76
CA SER A 86 11.95 1.89 35.76
C SER A 86 11.10 1.73 37.03
N ARG A 87 11.55 2.22 38.18
CA ARG A 87 10.88 1.89 39.44
C ARG A 87 11.37 0.54 39.96
N PHE A 88 11.92 -0.27 39.07
CA PHE A 88 12.55 -1.53 39.45
C PHE A 88 14.00 -1.58 38.98
N ASN A 89 14.84 -2.30 39.72
CA ASN A 89 16.21 -2.52 39.28
C ASN A 89 16.28 -3.66 38.26
N ALA A 90 17.42 -4.34 38.21
CA ALA A 90 17.60 -5.55 37.42
C ALA A 90 16.55 -6.65 37.70
N GLN A 91 15.84 -6.54 38.83
CA GLN A 91 14.69 -7.42 39.16
C GLN A 91 13.57 -6.65 39.90
N GLY A 92 13.77 -6.40 41.20
CA GLY A 92 12.76 -5.80 42.10
C GLY A 92 12.99 -4.39 42.60
N ALA A 93 12.37 -4.05 43.74
CA ALA A 93 12.26 -2.66 44.22
C ALA A 93 13.56 -2.04 44.75
N VAL A 94 13.87 -0.84 44.26
CA VAL A 94 15.10 -0.13 44.59
C VAL A 94 15.01 0.61 45.92
N ASN A 110 14.22 18.03 28.01
CA ASN A 110 14.49 17.10 26.92
C ASN A 110 15.43 17.65 25.85
N ASP A 111 15.87 16.76 24.96
CA ASP A 111 16.78 17.11 23.87
C ASP A 111 16.04 17.47 22.58
N TRP A 112 14.84 18.01 22.70
CA TRP A 112 14.03 18.41 21.55
C TRP A 112 14.32 19.83 21.14
N HIS A 113 15.46 20.02 20.48
CA HIS A 113 16.01 21.35 20.20
C HIS A 113 15.19 22.28 19.34
N SER A 114 14.24 21.74 18.58
CA SER A 114 13.41 22.55 17.65
C SER A 114 11.95 22.71 18.09
N ALA A 115 11.59 22.08 19.20
CA ALA A 115 10.21 22.02 19.67
C ALA A 115 9.47 23.37 19.64
N GLU A 116 10.14 24.43 20.12
CA GLU A 116 9.57 25.77 20.18
C GLU A 116 9.36 26.39 18.80
N ASP A 117 10.35 26.26 17.93
CA ASP A 117 10.24 26.71 16.54
C ASP A 117 9.05 26.05 15.86
N ILE A 118 8.96 24.74 16.01
CA ILE A 118 7.92 23.93 15.39
C ILE A 118 6.55 24.37 15.87
N ARG A 119 6.44 24.48 17.19
CA ARG A 119 5.22 24.91 17.86
C ARG A 119 4.68 26.22 17.30
N LEU A 120 5.57 27.20 17.13
CA LEU A 120 5.19 28.52 16.67
C LEU A 120 4.75 28.54 15.21
N LEU A 121 5.54 27.90 14.34
CA LEU A 121 5.14 27.69 12.95
C LEU A 121 3.76 27.04 12.84
N THR A 122 3.55 25.96 13.59
CA THR A 122 2.32 25.19 13.47
C THR A 122 1.12 26.01 13.91
N VAL A 123 1.25 26.69 15.05
CA VAL A 123 0.20 27.56 15.59
C VAL A 123 -0.11 28.70 14.61
N ALA A 125 0.41 28.76 11.29
CA ALA A 125 -0.27 28.12 10.15
C ALA A 125 -1.72 27.78 10.52
N ALA A 126 -1.90 27.12 11.66
CA ALA A 126 -3.24 26.79 12.17
C ALA A 126 -4.20 28.00 12.16
N LEU A 127 -3.70 29.16 12.57
CA LEU A 127 -4.50 30.38 12.57
C LEU A 127 -4.90 30.89 11.19
N PHE A 128 -4.16 30.49 10.16
CA PHE A 128 -4.43 30.96 8.80
C PHE A 128 -4.92 29.85 7.87
N HIS A 129 -4.99 28.61 8.35
CA HIS A 129 -5.19 27.47 7.45
C HIS A 129 -6.44 27.48 6.62
N ASP A 130 -7.58 27.71 7.25
CA ASP A 130 -8.87 27.79 6.56
C ASP A 130 -9.41 29.22 6.40
N ILE A 131 -8.53 30.21 6.47
CA ILE A 131 -8.95 31.60 6.34
C ILE A 131 -9.69 31.79 5.01
N GLY A 132 -9.30 31.00 4.02
CA GLY A 132 -9.91 31.03 2.69
C GLY A 132 -11.36 30.59 2.66
N LYS A 133 -11.75 29.73 3.62
CA LYS A 133 -13.16 29.31 3.78
C LYS A 133 -14.12 30.50 3.87
N ALA A 134 -13.58 31.70 4.02
CA ALA A 134 -14.36 32.93 4.13
C ALA A 134 -14.82 33.52 2.77
N SER A 135 -14.83 32.69 1.73
CA SER A 135 -15.26 33.14 0.39
C SER A 135 -16.75 32.95 0.19
N GLN A 136 -17.32 33.69 -0.76
CA GLN A 136 -18.71 33.51 -1.15
C GLN A 136 -18.99 32.04 -1.45
N ALA A 137 -18.12 31.43 -2.26
CA ALA A 137 -18.27 30.05 -2.72
C ALA A 137 -18.25 29.05 -1.58
N PHE A 138 -17.27 29.16 -0.68
CA PHE A 138 -17.22 28.19 0.40
C PHE A 138 -18.39 28.34 1.36
N GLN A 139 -18.73 29.59 1.70
CA GLN A 139 -19.87 29.85 2.57
C GLN A 139 -21.15 29.33 1.90
N ALA A 140 -21.35 29.68 0.63
CA ALA A 140 -22.44 29.12 -0.18
C ALA A 140 -22.48 27.59 -0.10
N LYS A 141 -21.35 26.95 -0.41
CA LYS A 141 -21.23 25.49 -0.40
C LYS A 141 -21.64 24.89 0.94
N LEU A 142 -21.37 25.61 2.02
CA LEU A 142 -21.70 25.16 3.37
C LEU A 142 -23.17 24.81 3.56
N ARG A 143 -24.05 25.67 3.06
CA ARG A 143 -25.50 25.48 3.24
C ARG A 143 -26.21 25.14 1.93
N ASN A 144 -25.44 24.98 0.86
CA ASN A 144 -25.92 24.58 -0.47
C ASN A 144 -27.12 23.61 -0.46
N ARG A 145 -27.03 22.57 0.38
CA ARG A 145 -28.04 21.51 0.51
C ARG A 145 -27.95 20.43 -0.59
N GLY A 146 -27.92 20.85 -1.85
CA GLY A 146 -27.85 19.95 -3.00
C GLY A 146 -28.51 20.53 -4.24
N LYS A 147 -28.07 20.13 -5.45
CA LYS A 147 -27.01 19.13 -5.67
C LYS A 147 -25.60 19.72 -5.50
N PRO A 148 -24.65 18.91 -5.01
CA PRO A 148 -23.37 19.41 -4.47
C PRO A 148 -22.44 20.08 -5.50
N ALA A 150 -18.16 20.49 -6.71
CA ALA A 150 -17.01 21.11 -6.05
C ALA A 150 -16.93 22.63 -6.22
N ASP A 151 -15.94 23.22 -5.55
CA ASP A 151 -15.80 24.67 -5.38
C ASP A 151 -15.36 25.39 -6.66
N ALA A 152 -14.22 24.95 -7.19
CA ALA A 152 -13.48 25.59 -8.29
C ALA A 152 -12.03 25.62 -7.85
N TYR A 153 -11.67 26.65 -7.09
CA TYR A 153 -10.38 26.70 -6.43
C TYR A 153 -10.50 26.01 -5.08
N ARG A 154 -9.40 25.41 -4.64
CA ARG A 154 -9.38 24.78 -3.32
C ARG A 154 -9.27 25.87 -2.25
N HIS A 155 -9.88 25.64 -1.08
CA HIS A 155 -9.92 26.68 -0.05
C HIS A 155 -8.56 27.01 0.53
N GLU A 156 -7.69 26.00 0.64
CA GLU A 156 -6.34 26.22 1.15
C GLU A 156 -5.49 27.08 0.21
N TRP A 157 -5.80 27.05 -1.07
CA TRP A 157 -5.06 27.92 -2.01
C TRP A 157 -5.41 29.37 -1.83
N VAL A 158 -6.70 29.67 -1.67
CA VAL A 158 -7.12 31.07 -1.45
C VAL A 158 -6.59 31.59 -0.09
N SER A 159 -6.59 30.72 0.92
CA SER A 159 -5.92 31.00 2.18
C SER A 159 -4.50 31.52 1.94
N LEU A 160 -3.73 30.76 1.18
CA LEU A 160 -2.34 31.09 0.97
C LEU A 160 -2.22 32.49 0.40
N ARG A 161 -3.06 32.79 -0.56
CA ARG A 161 -2.97 34.08 -1.22
C ARG A 161 -3.53 35.23 -0.38
N LEU A 162 -4.55 34.94 0.43
CA LEU A 162 -4.97 35.89 1.46
C LEU A 162 -3.79 36.21 2.39
N PHE A 163 -3.16 35.15 2.91
CA PHE A 163 -1.97 35.26 3.73
C PHE A 163 -0.88 36.06 3.03
N GLU A 164 -0.67 35.79 1.75
CA GLU A 164 0.31 36.56 0.96
C GLU A 164 -0.06 38.03 0.86
N ALA A 165 -1.35 38.30 0.70
CA ALA A 165 -1.83 39.66 0.56
C ALA A 165 -1.58 40.45 1.84
N PHE A 166 -1.74 39.80 2.99
CA PHE A 166 -1.43 40.48 4.25
C PHE A 166 0.05 40.73 4.39
N VAL A 167 0.87 39.72 4.12
CA VAL A 167 2.32 39.89 4.26
C VAL A 167 2.79 41.03 3.36
N GLY A 168 2.25 41.07 2.14
CA GLY A 168 2.65 42.05 1.14
C GLY A 168 3.93 41.61 0.44
N PRO A 169 4.07 41.98 -0.84
CA PRO A 169 5.17 41.43 -1.63
C PRO A 169 6.49 42.13 -1.33
N GLY A 170 7.59 41.38 -1.42
CA GLY A 170 8.94 41.92 -1.18
C GLY A 170 9.22 42.39 0.25
N SER A 171 8.30 42.05 1.15
CA SER A 171 8.37 42.45 2.55
C SER A 171 9.33 41.56 3.37
N SER A 172 9.84 42.14 4.45
CA SER A 172 10.68 41.41 5.39
C SER A 172 9.84 40.54 6.33
N ASP A 173 10.48 39.62 7.04
CA ASP A 173 9.77 38.82 8.01
C ASP A 173 9.38 39.65 9.23
N GLU A 174 10.29 40.52 9.67
CA GLU A 174 9.99 41.48 10.74
C GLU A 174 8.81 42.37 10.35
N ASP A 175 8.76 42.79 9.09
CA ASP A 175 7.69 43.67 8.60
C ASP A 175 6.30 43.12 8.88
N TRP A 176 6.04 41.89 8.40
CA TRP A 176 4.70 41.34 8.52
C TRP A 176 4.36 40.91 9.90
N LEU A 177 5.37 40.46 10.65
CA LEU A 177 5.18 40.02 12.04
C LEU A 177 4.93 41.18 13.00
N ARG A 178 5.70 42.26 12.84
CA ARG A 178 5.51 43.46 13.66
C ARG A 178 4.12 44.05 13.44
N ARG A 179 3.64 43.99 12.20
CA ARG A 179 2.28 44.41 11.84
C ARG A 179 1.21 43.49 12.42
N LEU A 180 1.50 42.20 12.45
CA LEU A 180 0.54 41.23 12.96
C LEU A 180 0.49 41.25 14.48
N ALA A 181 1.62 41.57 15.11
CA ALA A 181 1.73 41.64 16.58
C ALA A 181 1.03 42.86 17.15
N ASP A 182 0.96 43.91 16.34
CA ASP A 182 0.23 45.12 16.66
C ASP A 182 -1.26 44.85 16.47
N LYS A 183 -1.98 44.68 17.59
CA LYS A 183 -3.41 44.34 17.52
C LYS A 183 -4.32 45.54 17.30
N ARG A 184 -3.73 46.73 17.11
CA ARG A 184 -4.47 47.94 16.77
C ARG A 184 -4.82 48.00 15.28
N GLU A 185 -4.35 47.01 14.53
CA GLU A 185 -4.45 47.00 13.06
C GLU A 185 -5.54 46.07 12.53
N THR A 186 -6.33 46.51 11.54
CA THR A 186 -6.34 47.87 10.98
C THR A 186 -7.65 48.11 10.24
N GLY A 187 -7.81 47.44 9.09
CA GLY A 187 -9.01 47.60 8.27
C GLY A 187 -8.88 47.27 6.79
N ASP A 188 -8.21 46.15 6.47
CA ASP A 188 -8.29 45.50 5.14
C ASP A 188 -7.78 46.25 3.91
N ALA A 189 -6.92 47.25 4.10
CA ALA A 189 -6.35 47.97 2.96
C ALA A 189 -5.44 47.08 2.12
N TRP A 190 -4.83 46.09 2.78
CA TRP A 190 -3.83 45.22 2.16
C TRP A 190 -4.38 44.24 1.17
N LEU A 191 -5.69 43.98 1.21
CA LEU A 191 -6.29 43.05 0.24
C LEU A 191 -6.62 43.66 -1.12
N SER A 192 -6.18 44.91 -1.33
CA SER A 192 -6.09 45.47 -2.68
C SER A 192 -4.95 44.73 -3.40
N GLN A 193 -3.82 44.61 -2.71
CA GLN A 193 -2.63 43.93 -3.21
C GLN A 193 -2.85 42.44 -3.45
N LEU A 194 -4.08 41.96 -3.23
CA LEU A 194 -4.43 40.56 -3.46
C LEU A 194 -4.19 40.19 -4.93
N ALA A 195 -3.31 39.24 -5.15
CA ALA A 195 -3.07 38.68 -6.46
C ALA A 195 -4.08 37.56 -6.67
N ARG A 196 -4.91 37.71 -7.70
CA ARG A 196 -6.02 36.79 -7.93
C ARG A 196 -5.76 35.90 -9.14
N ASP A 197 -6.06 34.61 -8.99
CA ASP A 197 -5.77 33.63 -10.05
C ASP A 197 -6.97 33.38 -10.96
N ASP A 198 -8.04 34.12 -10.72
CA ASP A 198 -9.20 34.11 -11.61
C ASP A 198 -8.95 35.03 -12.80
N ARG A 199 -7.94 35.89 -12.66
CA ARG A 199 -7.58 36.84 -13.69
C ARG A 199 -7.14 36.12 -14.95
N GLN A 200 -7.59 36.62 -16.09
CA GLN A 200 -7.01 36.25 -17.37
C GLN A 200 -5.59 36.85 -17.32
N SER A 201 -4.58 35.99 -17.46
CA SER A 201 -3.18 36.32 -17.15
C SER A 201 -2.91 36.16 -15.64
N ALA A 202 -1.88 35.39 -15.32
CA ALA A 202 -1.56 35.02 -13.94
C ALA A 202 -0.50 35.92 -13.29
N PRO A 203 -0.62 36.14 -11.96
CA PRO A 203 0.40 36.83 -11.18
C PRO A 203 1.46 35.84 -10.64
N PRO A 204 2.69 36.30 -10.37
CA PRO A 204 3.76 35.40 -9.95
C PRO A 204 3.41 34.65 -8.66
N GLY A 205 3.61 33.34 -8.66
CA GLY A 205 3.30 32.48 -7.52
C GLY A 205 3.91 32.91 -6.20
N PRO A 206 3.17 32.67 -5.09
CA PRO A 206 3.50 33.20 -3.76
C PRO A 206 4.89 32.81 -3.23
N PHE A 207 5.50 31.77 -3.81
CA PHE A 207 6.81 31.31 -3.34
C PHE A 207 8.01 31.79 -4.16
N GLN A 208 7.80 32.69 -5.14
CA GLN A 208 8.96 33.25 -5.89
C GLN A 208 9.76 34.17 -5.00
N LYS A 209 10.99 34.44 -5.40
CA LYS A 209 11.98 35.12 -4.53
C LYS A 209 11.63 36.55 -4.11
N SER A 210 10.90 37.28 -4.97
CA SER A 210 10.51 38.65 -4.64
C SER A 210 9.09 38.73 -4.04
N ARG A 211 8.64 37.61 -3.48
CA ARG A 211 7.31 37.52 -2.85
C ARG A 211 7.45 37.28 -1.34
N LEU A 212 6.89 36.17 -0.83
CA LEU A 212 6.95 35.85 0.61
C LEU A 212 8.39 35.67 1.10
N PRO A 213 8.71 36.23 2.27
CA PRO A 213 9.99 35.94 2.95
C PRO A 213 10.02 34.52 3.54
N PRO A 214 11.20 34.03 3.97
CA PRO A 214 11.39 32.62 4.39
C PRO A 214 10.42 32.06 5.44
N LEU A 215 10.33 32.69 6.61
CA LEU A 215 9.38 32.24 7.65
C LEU A 215 7.95 32.18 7.15
N ALA A 216 7.57 33.21 6.39
CA ALA A 216 6.24 33.26 5.80
C ALA A 216 6.03 32.09 4.83
N GLN A 217 7.09 31.71 4.11
CA GLN A 217 7.01 30.62 3.14
C GLN A 217 6.78 29.28 3.80
N ALA A 218 7.44 29.06 4.93
CA ALA A 218 7.21 27.90 5.76
C ALA A 218 5.76 27.85 6.22
N VAL A 219 5.26 28.96 6.74
CA VAL A 219 3.85 29.06 7.17
C VAL A 219 2.98 28.85 5.93
N GLY A 220 3.36 29.50 4.84
CA GLY A 220 2.64 29.38 3.58
C GLY A 220 2.53 27.94 3.14
N TRP A 221 3.67 27.25 3.13
CA TRP A 221 3.70 25.85 2.72
C TRP A 221 2.78 25.06 3.59
N LEU A 222 2.84 25.30 4.90
CA LEU A 222 1.99 24.55 5.83
C LEU A 222 0.50 24.75 5.58
N ILE A 223 0.13 25.99 5.28
CA ILE A 223 -1.26 26.33 4.97
C ILE A 223 -1.72 25.57 3.73
N VAL A 224 -0.98 25.72 2.63
CA VAL A 224 -1.42 25.18 1.34
C VAL A 224 -1.36 23.65 1.26
N SER A 225 -0.54 23.01 2.11
CA SER A 225 -0.32 21.58 2.01
C SER A 225 -1.11 20.76 3.01
N HIS A 226 -2.02 21.40 3.77
CA HIS A 226 -2.74 20.69 4.85
C HIS A 226 -3.74 19.64 4.42
N HIS A 227 -4.17 19.67 3.16
CA HIS A 227 -5.00 18.56 2.66
C HIS A 227 -4.32 17.65 1.70
N ARG A 228 -3.47 18.22 0.84
CA ARG A 228 -2.72 17.42 -0.13
C ARG A 228 -1.41 18.11 -0.46
N LEU A 229 -0.41 17.31 -0.79
CA LEU A 229 0.90 17.84 -1.21
C LEU A 229 0.77 18.56 -2.54
N PRO A 230 1.36 19.75 -2.66
CA PRO A 230 1.33 20.34 -3.99
C PRO A 230 2.01 19.43 -5.02
N ASN A 231 1.44 19.38 -6.22
CA ASN A 231 1.88 18.46 -7.24
C ASN A 231 1.72 19.02 -8.65
N GLY A 232 2.84 19.31 -9.31
CA GLY A 232 2.85 19.97 -10.60
C GLY A 232 3.18 19.11 -11.80
N ASP A 233 3.05 19.70 -12.98
CA ASP A 233 3.28 19.00 -14.24
C ASP A 233 4.71 19.12 -14.75
N HIS A 234 5.45 20.13 -14.28
CA HIS A 234 6.89 20.17 -14.50
C HIS A 234 7.58 19.35 -13.44
N ARG A 235 8.44 18.43 -13.88
CA ARG A 235 9.12 17.47 -12.99
C ARG A 235 10.64 17.49 -13.12
N GLY A 236 11.19 18.49 -13.79
CA GLY A 236 12.65 18.60 -13.94
C GLY A 236 13.36 18.66 -12.60
N SER A 237 14.48 17.94 -12.49
CA SER A 237 15.26 17.92 -11.25
C SER A 237 15.63 19.32 -10.72
N ALA A 238 16.09 20.20 -11.61
CA ALA A 238 16.38 21.59 -11.26
C ALA A 238 15.25 22.27 -10.48
N SER A 239 14.01 22.09 -10.93
CA SER A 239 12.87 22.72 -10.26
C SER A 239 12.64 22.11 -8.87
N LEU A 240 12.80 20.79 -8.75
CA LEU A 240 12.73 20.11 -7.44
C LEU A 240 13.70 20.75 -6.46
N ALA A 241 14.93 21.02 -6.93
CA ALA A 241 15.94 21.67 -6.09
C ALA A 241 15.51 23.06 -5.56
N ARG A 242 14.53 23.68 -6.21
CA ARG A 242 14.14 25.06 -5.89
C ARG A 242 12.83 25.16 -5.12
N LEU A 243 12.18 24.02 -4.88
CA LEU A 243 10.96 24.01 -4.08
C LEU A 243 11.18 24.77 -2.77
N PRO A 244 10.16 25.49 -2.29
CA PRO A 244 8.81 25.52 -2.81
C PRO A 244 8.58 26.56 -3.92
N ALA A 245 9.64 27.25 -4.33
CA ALA A 245 9.52 28.35 -5.32
C ALA A 245 8.54 28.10 -6.50
N PRO A 246 8.69 26.97 -7.24
CA PRO A 246 7.81 26.66 -8.39
C PRO A 246 6.30 26.51 -8.15
N ILE A 247 5.88 26.28 -6.91
CA ILE A 247 4.47 25.98 -6.61
C ILE A 247 3.55 27.11 -7.06
N GLN A 248 2.63 26.78 -7.97
CA GLN A 248 1.61 27.73 -8.45
C GLN A 248 0.22 27.11 -8.37
N SER A 249 -0.80 27.84 -8.80
CA SER A 249 -2.18 27.41 -8.55
C SER A 249 -2.55 26.03 -9.11
N GLN A 250 -1.93 25.63 -10.21
CA GLN A 250 -2.25 24.37 -10.88
C GLN A 250 -1.79 23.13 -10.10
N TRP A 251 -0.83 23.33 -9.20
CA TRP A 251 -0.32 22.27 -8.35
C TRP A 251 -1.27 21.93 -7.24
N CYS A 252 -2.18 22.84 -6.91
CA CYS A 252 -2.91 22.76 -5.63
C CYS A 252 -4.41 22.47 -5.74
N GLY A 253 -4.75 21.47 -6.54
CA GLY A 253 -6.15 21.03 -6.69
C GLY A 253 -7.02 21.92 -7.55
N ALA A 254 -6.45 23.04 -8.01
CA ALA A 254 -7.14 23.95 -8.92
C ALA A 254 -7.01 23.48 -10.36
N ARG A 255 -6.63 22.20 -10.53
CA ARG A 255 -6.76 21.49 -11.80
C ARG A 255 -8.25 21.33 -12.13
N ASP A 256 -9.07 21.51 -11.09
CA ASP A 256 -10.53 21.56 -11.20
C ASP A 256 -10.94 22.86 -11.91
N ALA A 257 -11.05 22.77 -13.25
CA ALA A 257 -11.27 23.94 -14.10
C ALA A 257 -12.19 23.60 -15.28
N ASP A 258 -13.19 24.44 -15.54
CA ASP A 258 -13.45 25.65 -14.76
C ASP A 258 -14.87 25.62 -14.18
N ALA A 259 -15.61 26.72 -14.37
CA ALA A 259 -17.00 26.90 -13.95
C ALA A 259 -17.39 28.37 -14.15
N LYS A 260 -16.38 29.23 -13.99
CA LYS A 260 -16.47 30.70 -14.15
C LYS A 260 -16.88 31.49 -12.90
N GLU A 261 -16.59 30.91 -11.74
CA GLU A 261 -16.50 31.65 -10.47
C GLU A 261 -15.49 30.93 -9.55
N LYS A 262 -14.20 31.27 -9.61
CA LYS A 262 -13.58 32.32 -10.47
C LYS A 262 -13.90 33.76 -10.06
N ALA A 263 -14.60 33.92 -8.95
CA ALA A 263 -14.89 35.22 -8.36
C ALA A 263 -15.51 34.96 -7.00
N ALA A 264 -16.43 34.00 -6.97
CA ALA A 264 -17.07 33.54 -5.73
C ALA A 264 -16.06 32.96 -4.73
N CYS A 265 -14.91 32.53 -5.25
CA CYS A 265 -13.81 32.04 -4.44
C CYS A 265 -12.93 33.18 -3.94
N TRP A 266 -13.24 34.40 -4.38
CA TRP A 266 -12.40 35.56 -4.09
C TRP A 266 -13.19 36.75 -3.62
N GLN A 267 -14.42 36.49 -3.18
CA GLN A 267 -15.35 37.54 -2.81
C GLN A 267 -15.15 38.10 -1.39
N PHE A 268 -15.48 37.28 -0.39
CA PHE A 268 -15.44 37.66 1.04
C PHE A 268 -16.38 38.82 1.44
N PRO A 269 -17.71 38.59 1.44
CA PRO A 269 -18.64 39.50 2.13
C PRO A 269 -19.65 38.77 3.05
N HIS A 270 -19.46 38.75 4.39
CA HIS A 270 -18.46 39.54 5.13
C HIS A 270 -17.03 39.17 4.90
N GLY A 271 -16.14 40.12 5.20
CA GLY A 271 -14.69 39.99 5.06
C GLY A 271 -14.05 38.78 5.72
N LEU A 272 -13.10 39.02 6.63
CA LEU A 272 -12.21 37.97 7.12
C LEU A 272 -12.10 37.88 8.65
N PRO A 273 -11.53 36.76 9.15
CA PRO A 273 -11.20 36.56 10.57
C PRO A 273 -10.44 37.72 11.22
N PHE A 274 -9.85 38.59 10.40
CA PHE A 274 -9.19 39.79 10.91
C PHE A 274 -10.14 40.70 11.67
N ALA A 275 -11.44 40.55 11.38
CA ALA A 275 -12.49 41.34 12.03
C ALA A 275 -13.03 40.66 13.30
N SER A 276 -12.58 39.44 13.56
CA SER A 276 -12.85 38.75 14.83
C SER A 276 -11.77 39.12 15.86
N ALA A 277 -12.17 39.78 16.96
CA ALA A 277 -11.19 40.30 17.93
C ALA A 277 -10.39 39.21 18.64
N HIS A 278 -11.06 38.09 18.91
CA HIS A 278 -10.43 36.93 19.53
C HIS A 278 -9.37 36.30 18.65
N TRP A 279 -9.71 36.08 17.38
CA TRP A 279 -8.74 35.58 16.40
C TRP A 279 -7.64 36.56 16.17
N ARG A 280 -7.98 37.84 16.11
CA ARG A 280 -6.99 38.89 15.89
C ARG A 280 -6.01 38.99 17.07
N ALA A 281 -6.48 38.65 18.27
CA ALA A 281 -5.66 38.75 19.48
C ALA A 281 -4.67 37.60 19.59
N ARG A 282 -5.16 36.40 19.31
CA ARG A 282 -4.32 35.22 19.40
C ARG A 282 -3.23 35.22 18.34
N THR A 283 -3.51 35.84 17.19
CA THR A 283 -2.53 35.96 16.12
C THR A 283 -1.46 36.96 16.49
N ALA A 284 -1.83 38.01 17.24
CA ALA A 284 -0.85 38.97 17.73
C ALA A 284 0.10 38.34 18.75
N LEU A 285 -0.42 37.48 19.62
CA LEU A 285 0.42 36.79 20.60
C LEU A 285 1.44 35.85 19.96
N CYS A 286 1.00 35.11 18.93
CA CYS A 286 1.87 34.23 18.15
C CYS A 286 2.92 35.01 17.35
N ALA A 287 2.50 36.10 16.71
CA ALA A 287 3.42 37.02 16.02
C ALA A 287 4.43 37.66 16.97
N GLN A 288 3.98 38.00 18.17
CA GLN A 288 4.84 38.54 19.21
C GLN A 288 5.87 37.51 19.67
N SER A 289 5.41 36.27 19.89
CA SER A 289 6.27 35.18 20.34
C SER A 289 7.40 34.92 19.35
N LEU A 291 8.62 36.95 17.29
CA LEU A 291 9.50 38.11 17.28
C LEU A 291 10.51 38.13 18.42
N GLU A 292 10.14 37.58 19.57
CA GLU A 292 11.01 37.57 20.75
C GLU A 292 11.83 36.29 20.88
N ARG A 293 11.71 35.39 19.90
CA ARG A 293 12.42 34.13 19.93
C ARG A 293 13.81 34.30 19.28
N PRO A 294 14.87 34.27 20.11
CA PRO A 294 16.20 34.61 19.60
C PRO A 294 16.57 33.81 18.35
N GLY A 295 16.90 34.53 17.28
CA GLY A 295 17.47 33.94 16.08
C GLY A 295 16.50 33.25 15.15
N LEU A 296 15.23 33.18 15.56
CA LEU A 296 14.21 32.44 14.81
C LEU A 296 13.98 32.97 13.40
N LEU A 297 13.93 34.30 13.26
CA LEU A 297 13.74 34.92 11.94
C LEU A 297 14.84 34.57 10.95
N ALA A 298 16.07 34.43 11.47
CA ALA A 298 17.25 34.07 10.70
C ALA A 298 17.33 32.57 10.41
N ARG A 299 16.79 31.76 11.31
CA ARG A 299 16.69 30.31 11.07
C ARG A 299 15.66 30.03 9.99
N GLY A 300 14.87 31.06 9.65
CA GLY A 300 13.80 30.99 8.66
C GLY A 300 14.03 30.11 7.44
N PRO A 301 15.04 30.47 6.61
CA PRO A 301 15.37 29.67 5.42
C PRO A 301 15.88 28.24 5.69
N ALA A 302 16.54 28.02 6.83
CA ALA A 302 17.01 26.68 7.18
C ALA A 302 15.84 25.79 7.57
N LEU A 303 14.86 26.39 8.25
CA LEU A 303 13.65 25.66 8.61
C LEU A 303 12.91 25.20 7.36
N LEU A 304 12.68 26.12 6.43
CA LEU A 304 11.94 25.84 5.18
C LEU A 304 12.48 24.67 4.34
N HIS A 305 13.77 24.38 4.47
CA HIS A 305 14.41 23.30 3.70
C HIS A 305 14.77 22.12 4.55
N ASP A 306 14.16 22.07 5.74
CA ASP A 306 14.41 20.98 6.67
C ASP A 306 13.20 20.05 6.73
N SER A 307 13.40 18.82 6.24
CA SER A 307 12.33 17.84 6.13
C SER A 307 11.73 17.46 7.47
N TYR A 308 12.54 17.50 8.51
CA TYR A 308 12.07 17.17 9.84
C TYR A 308 11.08 18.23 10.34
N VAL A 309 11.50 19.50 10.27
CA VAL A 309 10.71 20.59 10.81
C VAL A 309 9.38 20.69 10.07
N HIS A 311 7.66 18.48 8.01
CA HIS A 311 6.72 17.37 8.01
C HIS A 311 6.20 17.04 9.39
N VAL A 312 6.99 17.35 10.43
CA VAL A 312 6.51 17.24 11.81
C VAL A 312 5.42 18.29 12.06
N SER A 313 5.65 19.50 11.56
CA SER A 313 4.68 20.60 11.64
C SER A 313 3.41 20.26 10.90
N ARG A 314 3.57 19.62 9.74
CA ARG A 314 2.44 19.19 8.93
C ARG A 314 1.69 18.08 9.65
N LEU A 315 2.43 17.21 10.34
CA LEU A 315 1.80 16.18 11.16
C LEU A 315 0.91 16.82 12.23
N ILE A 316 1.48 17.76 12.96
CA ILE A 316 0.77 18.38 14.09
C ILE A 316 -0.46 19.14 13.59
N LEU A 317 -0.28 19.94 12.54
CA LEU A 317 -1.39 20.67 11.93
C LEU A 317 -2.51 19.72 11.53
N LEU A 319 -3.27 16.64 12.28
CA LEU A 319 -3.94 15.90 13.34
C LEU A 319 -4.81 16.79 14.22
N ALA A 320 -4.34 18.00 14.53
CA ALA A 320 -5.14 18.94 15.29
C ALA A 320 -6.40 19.33 14.51
N ASP A 321 -6.21 19.59 13.23
CA ASP A 321 -7.30 19.92 12.32
C ASP A 321 -8.32 18.78 12.25
N HIS A 322 -7.81 17.56 12.16
CA HIS A 322 -8.66 16.37 12.06
C HIS A 322 -9.53 16.24 13.28
N HIS A 323 -8.93 16.37 14.47
CA HIS A 323 -9.65 16.20 15.73
C HIS A 323 -10.57 17.35 16.06
N TYR A 324 -10.14 18.59 15.81
CA TYR A 324 -11.01 19.72 16.11
C TYR A 324 -12.22 19.77 15.19
N SER A 325 -12.03 19.37 13.94
CA SER A 325 -13.14 19.28 13.01
C SER A 325 -14.26 18.39 13.53
N SER A 326 -13.92 17.36 14.31
CA SER A 326 -14.92 16.40 14.82
C SER A 326 -15.67 16.88 16.07
N LEU A 327 -15.09 17.86 16.77
CA LEU A 327 -15.67 18.43 17.99
C LEU A 327 -16.83 19.38 17.67
N PRO A 328 -17.83 19.45 18.58
CA PRO A 328 -18.96 20.38 18.39
C PRO A 328 -18.59 21.86 18.55
N ALA A 329 -19.52 22.73 18.14
CA ALA A 329 -19.37 24.18 18.28
C ALA A 329 -19.11 24.59 19.74
N ASP A 330 -18.24 25.57 19.92
CA ASP A 330 -17.84 26.03 21.24
C ASP A 330 -18.12 27.53 21.37
N SER A 331 -19.11 27.87 22.18
CA SER A 331 -19.57 29.25 22.32
C SER A 331 -18.56 30.16 23.02
N ARG A 332 -17.63 29.55 23.76
CA ARG A 332 -16.62 30.28 24.51
C ARG A 332 -15.43 30.71 23.66
N LEU A 333 -15.49 30.40 22.36
CA LEU A 333 -14.34 30.56 21.49
C LEU A 333 -14.68 31.38 20.25
N GLY A 334 -14.08 32.56 20.14
CA GLY A 334 -14.35 33.45 19.02
C GLY A 334 -15.53 34.36 19.26
N ASP A 335 -15.71 35.33 18.37
CA ASP A 335 -16.83 36.26 18.45
C ASP A 335 -18.14 35.52 18.18
N PRO A 336 -19.14 35.71 19.07
CA PRO A 336 -20.40 34.97 18.97
C PRO A 336 -21.22 35.37 17.74
N ASN A 337 -20.96 36.58 17.26
CA ASN A 337 -21.69 37.18 16.15
C ASN A 337 -21.20 36.71 14.79
N PHE A 338 -20.03 36.07 14.77
CA PHE A 338 -19.25 35.86 13.55
C PHE A 338 -20.04 35.18 12.42
N PRO A 339 -20.11 35.85 11.27
CA PRO A 339 -20.98 35.45 10.15
C PRO A 339 -20.55 34.16 9.43
N LEU A 340 -19.23 33.95 9.34
CA LEU A 340 -18.68 32.86 8.55
C LEU A 340 -18.58 31.54 9.33
N HIS A 341 -18.94 30.45 8.68
CA HIS A 341 -18.75 29.14 9.28
C HIS A 341 -17.64 28.38 8.62
N ALA A 342 -17.15 27.34 9.31
CA ALA A 342 -16.04 26.55 8.81
C ALA A 342 -16.51 25.21 8.26
N ASN A 343 -17.41 24.56 8.99
CA ASN A 343 -17.95 23.25 8.62
C ASN A 343 -19.45 23.15 8.93
N THR A 344 -20.03 21.99 8.65
CA THR A 344 -21.44 21.69 9.01
C THR A 344 -21.46 20.43 9.89
N ASP A 345 -22.65 19.94 10.20
CA ASP A 345 -22.76 18.68 10.95
C ASP A 345 -22.63 17.50 9.99
N ARG A 346 -22.03 16.41 10.47
CA ARG A 346 -21.89 15.17 9.69
C ARG A 346 -23.15 14.31 9.82
N ASP A 347 -23.63 14.19 11.06
CA ASP A 347 -24.86 13.47 11.39
C ASP A 347 -26.05 14.23 10.79
N SER A 348 -26.28 15.44 11.30
CA SER A 348 -27.28 16.35 10.77
C SER A 348 -26.75 17.01 9.49
N GLY A 349 -27.46 18.02 8.98
CA GLY A 349 -26.99 18.77 7.82
C GLY A 349 -26.79 20.24 8.12
N LYS A 350 -26.93 20.62 9.40
CA LYS A 350 -26.95 22.02 9.79
C LYS A 350 -25.56 22.63 10.08
N LEU A 351 -25.35 23.81 9.49
CA LEU A 351 -24.10 24.55 9.58
C LEU A 351 -23.77 24.94 11.03
N LYS A 352 -22.73 24.32 11.59
CA LYS A 352 -22.41 24.45 13.02
C LYS A 352 -20.91 24.39 13.33
N GLN A 353 -20.36 25.53 13.77
CA GLN A 353 -18.94 25.75 14.13
C GLN A 353 -18.39 26.91 13.30
N ARG A 354 -18.25 28.07 13.93
CA ARG A 354 -17.88 29.31 13.24
C ARG A 354 -16.45 29.27 12.73
N LEU A 355 -16.14 30.13 11.78
CA LEU A 355 -14.81 30.13 11.16
C LEU A 355 -13.67 30.53 12.12
N ASP A 356 -13.84 31.65 12.84
CA ASP A 356 -12.82 32.07 13.81
C ASP A 356 -12.67 31.03 14.93
N GLU A 357 -13.79 30.49 15.39
CA GLU A 357 -13.80 29.41 16.36
C GLU A 357 -12.85 28.27 15.95
N HIS A 358 -12.98 27.83 14.70
CA HIS A 358 -12.28 26.66 14.19
C HIS A 358 -10.80 26.92 14.08
N LEU A 359 -10.45 28.07 13.51
CA LEU A 359 -9.06 28.51 13.44
C LEU A 359 -8.39 28.55 14.83
N LEU A 360 -9.09 29.11 15.81
CA LEU A 360 -8.61 29.17 17.20
C LEU A 360 -8.55 27.80 17.87
N GLY A 361 -9.55 26.96 17.58
CA GLY A 361 -9.58 25.59 18.09
C GLY A 361 -8.41 24.75 17.60
N VAL A 362 -8.13 24.83 16.30
CA VAL A 362 -7.00 24.11 15.70
C VAL A 362 -5.67 24.63 16.27
N ALA A 363 -5.51 25.96 16.32
CA ALA A 363 -4.32 26.57 16.92
C ALA A 363 -4.08 26.09 18.36
N LEU A 364 -5.16 26.04 19.15
CA LEU A 364 -5.07 25.54 20.53
C LEU A 364 -4.53 24.10 20.56
N HIS A 365 -5.13 23.24 19.75
CA HIS A 365 -4.74 21.84 19.73
C HIS A 365 -3.42 21.58 19.08
N SER A 366 -2.96 22.49 18.22
CA SER A 366 -1.61 22.37 17.66
C SER A 366 -0.54 22.53 18.76
N ARG A 367 -0.70 23.54 19.61
CA ARG A 367 0.23 23.77 20.72
C ARG A 367 0.21 22.58 21.67
N LYS A 368 -1.00 22.16 22.03
CA LYS A 368 -1.19 21.08 22.97
C LYS A 368 -0.54 19.79 22.45
N LEU A 369 -0.80 19.49 21.18
CA LEU A 369 -0.21 18.32 20.52
C LEU A 369 1.30 18.43 20.32
N ALA A 370 1.76 19.63 19.99
CA ALA A 370 3.19 19.92 19.87
C ALA A 370 3.94 19.65 21.18
N GLY A 371 3.39 20.14 22.29
CA GLY A 371 3.96 19.89 23.61
C GLY A 371 3.91 18.44 24.07
N THR A 372 3.05 17.63 23.45
CA THR A 372 2.85 16.22 23.83
C THR A 372 3.92 15.33 23.22
N LEU A 373 4.36 15.66 22.01
CA LEU A 373 5.34 14.84 21.28
C LEU A 373 6.59 14.40 22.07
N PRO A 374 7.24 15.32 22.81
CA PRO A 374 8.46 14.96 23.56
C PRO A 374 8.20 14.03 24.74
N ARG A 375 6.93 13.83 25.08
CA ARG A 375 6.57 12.97 26.20
C ARG A 375 6.27 11.54 25.73
N LEU A 376 6.17 11.37 24.40
CA LEU A 376 5.80 10.08 23.82
C LEU A 376 6.75 8.94 24.17
N GLU A 377 8.03 9.26 24.31
CA GLU A 377 9.06 8.28 24.65
C GLU A 377 8.86 7.73 26.06
N ARG A 378 8.49 8.61 26.98
CA ARG A 378 8.29 8.22 28.37
C ARG A 378 6.86 7.69 28.63
N GLN A 379 5.91 7.98 27.74
CA GLN A 379 4.49 7.69 28.04
C GLN A 379 3.82 6.55 27.26
N LEU A 380 4.41 6.11 26.15
CA LEU A 380 3.79 5.03 25.37
C LEU A 380 4.20 3.67 25.92
N PRO A 381 3.28 2.70 25.90
CA PRO A 381 3.59 1.38 26.43
C PRO A 381 4.82 0.79 25.76
N ARG A 382 5.65 0.11 26.55
CA ARG A 382 6.88 -0.50 26.07
C ARG A 382 6.92 -1.95 26.49
N LEU A 383 7.82 -2.74 25.90
CA LEU A 383 8.03 -4.11 26.31
C LEU A 383 9.36 -4.24 27.06
N ALA A 384 9.28 -4.56 28.33
CA ALA A 384 10.47 -4.61 29.16
C ALA A 384 10.63 -5.96 29.84
N ARG A 385 11.88 -6.34 30.07
CA ARG A 385 12.23 -7.59 30.76
C ARG A 385 11.44 -8.79 30.24
N HIS A 386 11.44 -8.98 28.93
CA HIS A 386 10.82 -10.14 28.33
C HIS A 386 11.78 -11.28 28.38
N LYS A 387 11.44 -12.31 29.16
CA LYS A 387 12.33 -13.45 29.37
C LYS A 387 12.69 -14.13 28.03
N GLY A 388 11.72 -14.17 27.12
CA GLY A 388 11.91 -14.73 25.77
C GLY A 388 13.08 -14.19 24.97
N PHE A 389 13.37 -12.89 25.12
CA PHE A 389 14.49 -12.28 24.41
C PHE A 389 15.82 -12.37 25.16
N THR A 390 15.77 -12.67 26.46
CA THR A 390 16.98 -12.73 27.31
C THR A 390 17.45 -14.18 27.54
N ARG A 391 16.50 -15.11 27.52
CA ARG A 391 16.77 -16.54 27.64
C ARG A 391 17.85 -16.95 26.65
N ARG A 392 18.90 -17.59 27.15
CA ARG A 392 19.96 -18.11 26.28
C ARG A 392 19.44 -19.31 25.48
N VAL A 393 20.11 -19.64 24.38
CA VAL A 393 19.66 -20.74 23.53
C VAL A 393 20.52 -22.00 23.75
N GLU A 394 19.87 -23.08 24.17
CA GLU A 394 20.54 -24.36 24.39
C GLU A 394 20.71 -25.15 23.10
N GLN A 395 19.77 -24.97 22.18
CA GLN A 395 19.79 -25.65 20.89
C GLN A 395 20.84 -25.06 19.91
N PRO A 396 21.84 -25.88 19.50
CA PRO A 396 22.71 -25.46 18.39
C PRO A 396 21.94 -25.54 17.07
N ARG A 397 22.15 -24.55 16.20
CA ARG A 397 21.30 -24.29 15.02
C ARG A 397 20.56 -22.95 15.23
N PHE A 398 20.35 -22.61 16.51
CA PHE A 398 19.87 -21.28 16.88
C PHE A 398 20.89 -20.61 17.81
N ARG A 399 22.09 -21.18 17.85
CA ARG A 399 23.22 -20.63 18.61
C ARG A 399 23.54 -19.21 18.14
N TRP A 400 23.39 -19.00 16.84
CA TRP A 400 23.69 -17.72 16.23
C TRP A 400 22.80 -16.60 16.71
N GLN A 401 21.60 -16.94 17.17
CA GLN A 401 20.70 -15.94 17.76
C GLN A 401 21.35 -15.27 18.97
N ASP A 402 22.03 -16.07 19.79
CA ASP A 402 22.72 -15.56 20.97
C ASP A 402 23.89 -14.66 20.62
N LYS A 403 24.64 -15.03 19.59
CA LYS A 403 25.70 -14.18 19.10
C LYS A 403 25.13 -12.83 18.67
N ALA A 404 24.08 -12.89 17.84
CA ALA A 404 23.38 -11.70 17.34
C ALA A 404 22.87 -10.82 18.47
N TYR A 405 22.34 -11.44 19.51
CA TYR A 405 21.87 -10.70 20.69
C TYR A 405 23.01 -9.99 21.43
N ASP A 406 24.14 -10.68 21.61
CA ASP A 406 25.30 -10.09 22.28
C ASP A 406 25.90 -8.96 21.46
N CYS A 407 25.93 -9.15 20.14
CA CYS A 407 26.47 -8.15 19.21
C CYS A 407 25.67 -6.85 19.32
N ALA A 408 24.35 -6.98 19.34
CA ALA A 408 23.46 -5.83 19.45
C ALA A 408 23.54 -5.19 20.85
N ALA A 410 26.22 -5.27 22.71
CA ALA A 410 27.53 -4.64 22.67
C ALA A 410 27.59 -3.28 21.95
N CYS A 411 26.63 -2.99 21.09
CA CYS A 411 26.63 -1.68 20.42
C CYS A 411 25.44 -0.80 20.74
N ARG A 412 24.61 -1.24 21.67
CA ARG A 412 23.46 -0.46 22.16
C ARG A 412 23.74 1.03 22.38
N GLU A 413 24.83 1.35 23.05
CA GLU A 413 25.15 2.74 23.43
C GLU A 413 25.39 3.61 22.20
N GLN A 414 26.18 3.10 21.25
CA GLN A 414 26.46 3.80 20.01
C GLN A 414 25.20 3.96 19.14
N ALA A 415 24.41 2.90 18.99
CA ALA A 415 23.15 2.97 18.27
C ALA A 415 22.19 4.01 18.83
N GLU A 417 22.99 6.82 20.31
CA GLU A 417 23.44 8.17 19.95
C GLU A 417 23.67 8.43 18.44
N HIS A 418 23.86 7.37 17.65
CA HIS A 418 24.25 7.51 16.24
C HIS A 418 23.31 6.90 15.23
N GLY A 419 22.26 6.23 15.68
CA GLY A 419 21.36 5.53 14.78
C GLY A 419 21.86 4.14 14.51
N PHE A 420 21.04 3.32 13.85
CA PHE A 420 21.38 1.91 13.63
C PHE A 420 20.82 1.42 12.30
N PHE A 421 21.68 0.80 11.50
CA PHE A 421 21.30 0.20 10.23
C PHE A 421 21.85 -1.23 10.25
N GLY A 422 20.97 -2.20 10.41
CA GLY A 422 21.39 -3.59 10.56
C GLY A 422 20.89 -4.50 9.46
N LEU A 423 21.67 -5.53 9.17
CA LEU A 423 21.34 -6.48 8.13
C LEU A 423 21.34 -7.92 8.67
N ASN A 424 20.14 -8.49 8.82
CA ASN A 424 20.03 -9.89 9.17
C ASN A 424 19.99 -10.74 7.91
N LEU A 425 21.17 -11.25 7.53
CA LEU A 425 21.34 -12.01 6.30
C LEU A 425 21.38 -13.51 6.54
N ALA A 426 20.91 -13.96 7.70
CA ALA A 426 20.86 -15.39 7.97
C ALA A 426 20.17 -16.16 6.85
N SER A 427 20.68 -17.37 6.60
CA SER A 427 20.13 -18.24 5.57
C SER A 427 18.66 -18.54 5.84
N THR A 428 17.96 -18.80 4.75
CA THR A 428 16.59 -19.23 4.80
C THR A 428 16.45 -20.44 5.75
N GLY A 429 15.58 -20.30 6.74
CA GLY A 429 15.32 -21.39 7.67
C GLY A 429 16.02 -21.36 9.01
N CYS A 430 16.80 -20.31 9.27
CA CYS A 430 17.67 -20.31 10.45
C CYS A 430 17.05 -19.84 11.76
N GLY A 431 15.93 -19.12 11.67
CA GLY A 431 15.25 -18.59 12.85
C GLY A 431 15.36 -17.08 12.92
N LYS A 432 15.05 -16.41 11.82
CA LYS A 432 15.31 -14.97 11.70
C LYS A 432 14.37 -14.13 12.53
N THR A 433 13.11 -14.55 12.62
CA THR A 433 12.11 -13.80 13.39
C THR A 433 12.54 -13.56 14.84
N LEU A 434 12.84 -14.64 15.57
CA LEU A 434 13.28 -14.49 16.96
C LEU A 434 14.54 -13.64 17.00
N ALA A 435 15.47 -13.91 16.08
CA ALA A 435 16.68 -13.13 15.98
C ALA A 435 16.37 -11.64 15.87
N ASN A 436 15.53 -11.30 14.88
CA ASN A 436 15.08 -9.94 14.67
C ASN A 436 14.53 -9.27 15.92
N GLY A 437 13.63 -9.97 16.60
CA GLY A 437 13.08 -9.49 17.85
C GLY A 437 14.17 -9.21 18.87
N ARG A 438 15.09 -10.15 19.01
CA ARG A 438 16.14 -10.04 20.02
C ARG A 438 17.17 -8.94 19.72
N ILE A 439 17.43 -8.68 18.44
CA ILE A 439 18.33 -7.62 18.05
C ILE A 439 17.76 -6.27 18.49
N LEU A 440 16.57 -5.93 18.04
CA LEU A 440 15.97 -4.63 18.38
C LEU A 440 15.82 -4.48 19.89
N TYR A 441 15.29 -5.51 20.52
CA TYR A 441 15.20 -5.54 21.97
C TYR A 441 16.52 -5.19 22.63
N ALA A 442 17.63 -5.76 22.16
CA ALA A 442 18.96 -5.44 22.68
C ALA A 442 19.31 -3.94 22.60
N LEU A 443 18.82 -3.25 21.58
CA LEU A 443 19.11 -1.83 21.37
C LEU A 443 18.24 -0.90 22.20
N ALA A 444 17.21 -1.43 22.85
CA ALA A 444 16.31 -0.63 23.66
C ALA A 444 16.94 -0.33 25.01
N ASP A 445 16.54 0.78 25.60
CA ASP A 445 16.93 1.13 26.97
C ASP A 445 16.56 -0.03 27.90
N PRO A 446 17.55 -0.62 28.59
CA PRO A 446 17.22 -1.75 29.49
C PRO A 446 16.24 -1.34 30.60
N GLN A 447 16.28 -0.07 31.00
CA GLN A 447 15.40 0.44 32.05
C GLN A 447 13.94 0.60 31.59
N ARG A 448 13.73 1.10 30.38
CA ARG A 448 12.37 1.36 29.90
C ARG A 448 11.80 0.29 28.97
N GLY A 449 12.68 -0.40 28.26
CA GLY A 449 12.26 -1.48 27.37
C GLY A 449 12.06 -1.06 25.91
N ALA A 450 11.52 -1.98 25.11
CA ALA A 450 11.48 -1.84 23.67
C ALA A 450 10.13 -1.48 23.07
N ARG A 451 10.20 -0.86 21.89
CA ARG A 451 9.11 -0.65 20.97
C ARG A 451 9.68 -0.87 19.57
N PHE A 452 9.09 -1.81 18.83
CA PHE A 452 9.45 -1.98 17.45
C PHE A 452 8.29 -2.52 16.61
N SER A 453 8.41 -2.38 15.30
CA SER A 453 7.39 -2.85 14.39
C SER A 453 8.03 -3.83 13.41
N ILE A 454 7.34 -4.93 13.14
CA ILE A 454 7.76 -5.90 12.14
C ILE A 454 6.89 -5.74 10.90
N ALA A 455 7.48 -5.18 9.86
CA ALA A 455 6.78 -4.92 8.62
C ALA A 455 7.24 -5.94 7.59
N LEU A 456 6.31 -6.79 7.18
CA LEU A 456 6.59 -7.86 6.24
C LEU A 456 6.38 -7.38 4.80
N GLY A 457 7.25 -7.82 3.89
CA GLY A 457 7.19 -7.47 2.48
C GLY A 457 6.14 -8.18 1.64
N LEU A 458 4.97 -8.43 2.23
CA LEU A 458 3.81 -8.97 1.52
C LEU A 458 2.76 -7.87 1.31
N ARG A 459 1.93 -8.00 0.27
CA ARG A 459 0.81 -7.09 0.03
C ARG A 459 -0.24 -7.18 1.14
N SER A 460 -0.45 -8.38 1.68
CA SER A 460 -1.44 -8.57 2.74
C SER A 460 -0.91 -9.43 3.86
N LEU A 461 -1.20 -9.01 5.08
CA LEU A 461 -0.87 -9.80 6.26
C LEU A 461 -2.12 -10.47 6.77
N THR A 462 -2.07 -11.80 6.85
CA THR A 462 -3.18 -12.59 7.37
C THR A 462 -3.04 -12.64 8.87
N LEU A 463 -4.13 -12.95 9.56
CA LEU A 463 -4.10 -13.11 11.01
C LEU A 463 -3.11 -14.19 11.43
N GLN A 464 -3.12 -15.32 10.73
CA GLN A 464 -2.23 -16.45 11.04
C GLN A 464 -0.74 -16.08 10.93
N THR A 465 -0.36 -15.27 9.96
CA THR A 465 1.04 -14.89 9.82
C THR A 465 1.42 -13.93 10.92
N GLY A 466 0.49 -13.05 11.28
CA GLY A 466 0.62 -12.23 12.48
C GLY A 466 0.75 -13.08 13.72
N GLN A 467 -0.09 -14.10 13.84
CA GLN A 467 -0.06 -14.97 15.02
C GLN A 467 1.21 -15.80 15.11
N ALA A 468 1.74 -16.20 13.96
CA ALA A 468 3.05 -16.86 13.91
C ALA A 468 4.15 -15.99 14.53
N TYR A 469 4.11 -14.68 14.29
CA TYR A 469 5.05 -13.77 14.93
C TYR A 469 4.91 -13.81 16.44
N ARG A 470 3.67 -13.73 16.93
CA ARG A 470 3.40 -13.83 18.37
C ARG A 470 4.03 -15.09 18.96
N GLU A 471 3.68 -16.24 18.38
CA GLU A 471 4.19 -17.53 18.82
C GLU A 471 5.72 -17.54 18.85
N ARG A 472 6.36 -17.14 17.75
CA ARG A 472 7.83 -17.14 17.69
C ARG A 472 8.55 -16.15 18.61
N LEU A 473 7.88 -15.06 19.00
CA LEU A 473 8.50 -14.05 19.86
C LEU A 473 8.08 -14.24 21.32
N GLY A 474 7.20 -15.21 21.55
CA GLY A 474 6.68 -15.53 22.88
C GLY A 474 5.79 -14.42 23.44
N LEU A 475 5.08 -13.74 22.55
CA LEU A 475 4.25 -12.62 22.95
C LEU A 475 2.78 -12.96 22.75
N GLY A 476 1.93 -12.27 23.51
CA GLY A 476 0.48 -12.40 23.39
C GLY A 476 -0.12 -11.14 22.83
N ASP A 477 -1.45 -11.13 22.70
CA ASP A 477 -2.16 -10.01 22.10
C ASP A 477 -2.25 -8.78 23.00
N ASP A 478 -1.71 -8.92 24.21
CA ASP A 478 -1.54 -7.77 25.11
C ASP A 478 -0.24 -7.02 24.80
N ASP A 479 0.68 -7.65 24.09
CA ASP A 479 1.96 -7.00 23.72
C ASP A 479 2.14 -6.75 22.22
N LEU A 480 1.68 -7.70 21.40
CA LEU A 480 1.87 -7.64 19.95
C LEU A 480 0.53 -7.38 19.26
N ALA A 481 0.45 -6.26 18.56
CA ALA A 481 -0.70 -5.94 17.75
C ALA A 481 -0.51 -6.39 16.30
N ILE A 482 -1.53 -7.01 15.72
CA ILE A 482 -1.52 -7.37 14.31
C ILE A 482 -2.35 -6.37 13.53
N LEU A 483 -1.74 -5.75 12.53
CA LEU A 483 -2.49 -4.93 11.58
C LEU A 483 -2.86 -5.78 10.37
N VAL A 484 -4.11 -6.22 10.35
CA VAL A 484 -4.60 -7.22 9.41
C VAL A 484 -5.03 -6.62 8.08
N GLY A 485 -4.71 -7.30 6.98
CA GLY A 485 -5.21 -6.96 5.66
C GLY A 485 -4.21 -6.35 4.69
N GLY A 486 -4.73 -5.85 3.57
CA GLY A 486 -3.95 -5.15 2.56
C GLY A 486 -4.12 -3.65 2.67
N SER A 487 -3.87 -2.94 1.57
CA SER A 487 -3.90 -1.47 1.58
C SER A 487 -4.60 -0.85 0.35
N ALA A 488 -5.36 0.22 0.61
CA ALA A 488 -6.08 0.96 -0.43
C ALA A 488 -5.13 1.69 -1.37
N GLN A 509 -11.93 12.38 6.35
CA GLN A 509 -11.05 12.36 7.52
C GLN A 509 -11.48 11.26 8.50
N GLU A 510 -11.04 10.03 8.21
CA GLU A 510 -11.25 8.87 9.08
C GLU A 510 -9.91 8.31 9.58
N LEU A 511 -8.83 8.66 8.87
CA LEU A 511 -7.43 8.37 9.23
C LEU A 511 -7.08 6.88 9.29
N LEU A 512 -6.14 6.48 8.43
CA LEU A 512 -5.73 5.07 8.28
C LEU A 512 -6.88 4.16 7.83
N ALA A 513 -7.11 4.13 6.52
CA ALA A 513 -8.14 3.28 5.87
C ALA A 513 -9.51 3.31 6.54
N GLU A 514 -10.25 2.19 6.44
CA GLU A 514 -11.60 2.07 7.00
C GLU A 514 -11.94 0.64 7.43
N ASN A 515 -11.53 -0.33 6.62
CA ASN A 515 -11.72 -1.75 6.92
C ASN A 515 -10.49 -2.40 7.60
N SER A 516 -9.42 -1.62 7.70
CA SER A 516 -8.19 -2.04 8.38
C SER A 516 -8.43 -2.17 9.88
N HIS A 517 -8.25 -3.39 10.39
CA HIS A 517 -8.48 -3.66 11.80
C HIS A 517 -7.23 -4.07 12.54
N VAL A 518 -6.99 -3.43 13.68
CA VAL A 518 -5.83 -3.71 14.52
C VAL A 518 -6.23 -4.64 15.66
N HIS A 519 -5.70 -5.85 15.63
CA HIS A 519 -6.03 -6.86 16.64
C HIS A 519 -5.11 -6.69 17.82
N PHE A 520 -5.67 -6.21 18.93
CA PHE A 520 -4.87 -5.81 20.10
C PHE A 520 -5.70 -5.71 21.37
N ALA A 521 -5.17 -6.22 22.47
CA ALA A 521 -5.88 -6.28 23.75
C ALA A 521 -5.14 -5.68 24.95
N GLY A 522 -4.11 -4.86 24.70
CA GLY A 522 -3.33 -4.27 25.79
C GLY A 522 -3.76 -2.87 26.19
N THR A 523 -2.84 -2.12 26.76
CA THR A 523 -3.12 -0.77 27.26
C THR A 523 -3.57 0.18 26.14
N LEU A 524 -4.80 0.65 26.22
CA LEU A 524 -5.29 1.70 25.32
C LEU A 524 -5.70 2.90 26.16
N GLU A 525 -6.12 2.59 27.39
CA GLU A 525 -6.78 3.52 28.31
C GLU A 525 -6.15 4.91 28.42
N ASP A 526 -4.91 4.96 28.91
CA ASP A 526 -4.31 6.22 29.31
C ASP A 526 -3.33 6.74 28.25
N GLY A 527 -3.73 6.57 26.99
CA GLY A 527 -2.90 6.94 25.85
C GLY A 527 -2.55 8.40 25.83
N PRO A 528 -1.27 8.73 25.58
CA PRO A 528 -0.82 10.13 25.50
C PRO A 528 -1.47 10.92 24.36
N LEU A 529 -1.90 10.24 23.30
CA LEU A 529 -2.50 10.89 22.13
C LEU A 529 -3.96 10.50 21.92
N ARG A 530 -4.52 9.80 22.90
CA ARG A 530 -5.92 9.35 22.89
C ARG A 530 -6.91 10.48 22.57
N GLU A 531 -6.58 11.71 22.92
CA GLU A 531 -7.49 12.82 22.68
C GLU A 531 -7.72 13.09 21.20
N TRP A 532 -6.64 13.14 20.42
CA TRP A 532 -6.71 13.48 18.99
C TRP A 532 -7.00 12.28 18.13
N LEU A 533 -6.41 11.15 18.49
CA LEU A 533 -6.81 9.87 17.92
C LEU A 533 -8.02 9.41 18.74
N GLY A 534 -8.77 8.45 18.25
CA GLY A 534 -9.84 7.89 19.07
C GLY A 534 -9.21 7.13 20.24
N GLY A 535 -9.97 6.91 21.31
CA GLY A 535 -9.50 6.09 22.42
C GLY A 535 -9.41 4.62 22.06
N ASN A 536 -10.31 4.17 21.17
CA ASN A 536 -10.40 2.77 20.78
C ASN A 536 -10.21 2.56 19.27
N SER A 537 -9.90 3.65 18.56
CA SER A 537 -9.63 3.64 17.12
C SER A 537 -8.45 2.75 16.73
N ALA A 538 -8.37 2.41 15.44
CA ALA A 538 -7.26 1.65 14.91
C ALA A 538 -5.92 2.37 15.14
N GLY A 539 -5.93 3.69 14.89
CA GLY A 539 -4.72 4.50 15.00
C GLY A 539 -4.14 4.45 16.39
N ASN A 540 -5.01 4.66 17.38
CA ASN A 540 -4.60 4.60 18.76
C ASN A 540 -4.05 3.24 19.16
N ARG A 541 -4.74 2.17 18.76
CA ARG A 541 -4.30 0.80 19.01
C ARG A 541 -2.92 0.55 18.39
N LEU A 542 -2.76 0.99 17.14
CA LEU A 542 -1.54 0.86 16.35
C LEU A 542 -0.32 1.44 17.04
N LEU A 543 -0.54 2.56 17.74
CA LEU A 543 0.54 3.31 18.35
C LEU A 543 0.74 2.91 19.82
N GLN A 544 -0.31 2.41 20.45
CA GLN A 544 -0.22 2.02 21.85
C GLN A 544 0.53 0.72 22.02
N ALA A 545 0.46 -0.16 21.03
CA ALA A 545 1.06 -1.47 21.12
C ALA A 545 2.58 -1.40 21.22
N PRO A 546 3.15 -2.05 22.24
CA PRO A 546 4.61 -2.18 22.30
C PRO A 546 5.19 -2.71 20.97
N ILE A 547 4.75 -3.89 20.55
CA ILE A 547 5.23 -4.49 19.31
C ILE A 547 4.11 -4.49 18.28
N LEU A 548 4.43 -4.05 17.06
CA LEU A 548 3.45 -4.04 16.00
C LEU A 548 3.87 -4.98 14.87
N ALA A 549 2.92 -5.80 14.41
CA ALA A 549 3.10 -6.62 13.20
C ALA A 549 2.15 -6.14 12.10
N CYS A 550 2.71 -5.83 10.94
CA CYS A 550 1.94 -5.26 9.85
C CYS A 550 2.62 -5.58 8.53
N THR A 551 2.26 -4.87 7.45
CA THR A 551 2.98 -4.97 6.19
C THR A 551 3.76 -3.69 5.97
N ILE A 552 4.75 -3.74 5.08
CA ILE A 552 5.49 -2.54 4.70
C ILE A 552 4.52 -1.54 4.06
N ASP A 553 3.53 -2.06 3.34
CA ASP A 553 2.44 -1.25 2.76
C ASP A 553 1.70 -0.44 3.82
N HIS A 554 1.53 -1.03 5.00
CA HIS A 554 0.86 -0.32 6.09
C HIS A 554 1.62 0.90 6.58
N LEU A 555 2.96 0.89 6.46
CA LEU A 555 3.76 2.06 6.91
C LEU A 555 4.10 3.00 5.77
N PRO A 557 2.59 4.82 3.64
CA PRO A 557 2.00 6.16 3.62
C PRO A 557 2.75 7.23 4.45
N ALA A 558 3.50 6.80 5.45
CA ALA A 558 4.34 7.71 6.25
C ALA A 558 5.01 8.75 5.36
N SER A 559 5.71 8.30 4.31
CA SER A 559 6.32 9.17 3.32
C SER A 559 5.51 9.26 2.03
N GLU A 560 4.84 8.17 1.66
CA GLU A 560 4.22 8.07 0.34
C GLU A 560 2.94 8.87 0.11
N SER A 561 2.08 8.98 1.13
CA SER A 561 0.74 9.56 0.99
C SER A 561 0.70 10.98 0.43
N LEU A 562 -0.20 11.18 -0.53
CA LEU A 562 -0.33 12.45 -1.25
C LEU A 562 -1.51 13.30 -0.80
N ARG A 563 -2.47 12.68 -0.11
CA ARG A 563 -3.67 13.42 0.32
C ARG A 563 -4.31 12.79 1.54
N GLY A 564 -5.00 13.62 2.32
CA GLY A 564 -5.61 13.17 3.56
C GLY A 564 -4.54 12.96 4.63
N GLY A 565 -4.97 12.50 5.79
CA GLY A 565 -4.04 12.30 6.90
C GLY A 565 -3.58 10.86 7.00
N HIS A 566 -3.33 10.24 5.85
CA HIS A 566 -2.90 8.84 5.82
C HIS A 566 -1.50 8.64 6.31
N GLN A 567 -0.71 9.72 6.39
CA GLN A 567 0.66 9.60 6.91
C GLN A 567 0.71 9.64 8.43
N ILE A 568 -0.33 10.22 9.05
CA ILE A 568 -0.32 10.53 10.48
C ILE A 568 -0.07 9.30 11.36
N ALA A 569 -0.94 8.30 11.27
CA ALA A 569 -0.77 7.10 12.09
C ALA A 569 0.59 6.40 11.90
N PRO A 570 0.97 6.05 10.65
CA PRO A 570 2.28 5.38 10.54
C PRO A 570 3.51 6.29 10.80
N LEU A 571 3.36 7.59 10.58
CA LEU A 571 4.45 8.51 10.92
C LEU A 571 4.71 8.52 12.43
N LEU A 572 3.64 8.68 13.21
CA LEU A 572 3.71 8.50 14.64
C LEU A 572 4.41 7.18 15.00
N ARG A 573 4.00 6.07 14.36
CA ARG A 573 4.66 4.79 14.64
C ARG A 573 6.17 4.85 14.41
N LEU A 574 6.59 5.37 13.27
CA LEU A 574 8.01 5.55 12.97
C LEU A 574 8.75 6.38 14.01
N THR A 576 8.18 6.65 17.12
CA THR A 576 8.16 6.15 18.49
C THR A 576 8.59 4.69 18.60
N SER A 577 8.96 4.08 17.48
CA SER A 577 9.38 2.70 17.50
C SER A 577 10.48 2.40 16.48
N ASP A 578 11.22 1.34 16.76
CA ASP A 578 12.19 0.82 15.81
C ASP A 578 11.51 -0.04 14.74
N LEU A 579 12.26 -0.37 13.69
CA LEU A 579 11.66 -0.94 12.49
C LEU A 579 12.41 -2.15 11.93
N VAL A 580 11.73 -3.29 11.90
CA VAL A 580 12.20 -4.44 11.16
C VAL A 580 11.53 -4.42 9.79
N LEU A 581 12.34 -4.47 8.74
CA LEU A 581 11.82 -4.63 7.38
C LEU A 581 12.06 -6.08 6.95
N ASP A 582 10.98 -6.85 6.98
CA ASP A 582 11.07 -8.29 6.87
C ASP A 582 10.82 -8.76 5.44
N GLU A 583 11.76 -9.55 4.92
CA GLU A 583 11.72 -10.05 3.53
C GLU A 583 11.53 -8.89 2.59
N VAL A 584 12.28 -7.83 2.84
CA VAL A 584 12.13 -6.55 2.18
C VAL A 584 12.35 -6.60 0.67
N ASP A 585 13.30 -7.41 0.22
CA ASP A 585 13.63 -7.44 -1.22
C ASP A 585 12.69 -8.35 -2.03
N ASP A 586 11.56 -8.73 -1.43
CA ASP A 586 10.49 -9.39 -2.17
C ASP A 586 9.73 -8.41 -3.05
N PHE A 587 9.98 -7.13 -2.83
CA PHE A 587 9.35 -6.04 -3.56
C PHE A 587 9.63 -6.10 -5.06
N ASP A 588 8.64 -5.72 -5.87
CA ASP A 588 8.91 -5.46 -7.26
C ASP A 588 9.90 -4.30 -7.36
N ILE A 589 10.83 -4.42 -8.30
CA ILE A 589 11.90 -3.43 -8.48
C ILE A 589 11.38 -2.00 -8.58
N ASP A 590 10.18 -1.84 -9.14
CA ASP A 590 9.61 -0.50 -9.30
C ASP A 590 9.03 0.07 -8.01
N ASP A 591 8.94 -0.76 -6.98
CA ASP A 591 8.49 -0.30 -5.67
C ASP A 591 9.67 0.14 -4.79
N LEU A 592 10.89 -0.14 -5.25
CA LEU A 592 12.07 0.16 -4.46
C LEU A 592 12.39 1.65 -4.23
N PRO A 593 12.00 2.55 -5.16
CA PRO A 593 12.24 3.95 -4.83
C PRO A 593 11.38 4.44 -3.67
N ALA A 594 10.16 3.92 -3.55
CA ALA A 594 9.29 4.28 -2.44
C ALA A 594 9.82 3.73 -1.09
N LEU A 595 10.34 2.51 -1.14
CA LEU A 595 10.97 1.91 0.02
C LEU A 595 12.14 2.78 0.52
N SER A 596 12.92 3.34 -0.41
CA SER A 596 14.03 4.23 -0.06
C SER A 596 13.53 5.47 0.62
N ARG A 597 12.47 6.06 0.07
CA ARG A 597 11.83 7.20 0.71
C ARG A 597 11.43 6.84 2.14
N LEU A 598 10.90 5.64 2.33
CA LEU A 598 10.46 5.19 3.66
C LEU A 598 11.64 4.97 4.60
N VAL A 599 12.70 4.35 4.10
CA VAL A 599 13.91 4.13 4.89
C VAL A 599 14.51 5.48 5.29
N HIS A 600 14.56 6.42 4.34
CA HIS A 600 15.08 7.75 4.63
C HIS A 600 14.30 8.36 5.76
N TRP A 601 12.99 8.12 5.78
CA TRP A 601 12.15 8.65 6.84
C TRP A 601 12.27 7.99 8.17
N ALA A 602 12.60 6.70 8.17
CA ALA A 602 12.95 6.03 9.41
C ALA A 602 14.14 6.73 10.03
N GLY A 603 15.16 7.01 9.21
CA GLY A 603 16.37 7.69 9.65
C GLY A 603 16.05 9.08 10.15
N LEU A 604 15.19 9.78 9.41
CA LEU A 604 14.86 11.18 9.67
C LEU A 604 14.10 11.43 10.98
N PHE A 605 13.41 10.41 11.48
CA PHE A 605 12.57 10.56 12.65
C PHE A 605 13.05 9.76 13.86
N GLY A 606 14.28 9.26 13.77
CA GLY A 606 14.95 8.69 14.94
C GLY A 606 14.75 7.20 15.12
N SER A 607 14.13 6.56 14.13
CA SER A 607 13.93 5.14 14.18
C SER A 607 15.25 4.44 13.87
N ARG A 608 15.35 3.18 14.30
CA ARG A 608 16.50 2.35 13.97
C ARG A 608 16.03 1.17 13.13
N VAL A 609 16.79 0.86 12.09
CA VAL A 609 16.31 -0.02 11.02
C VAL A 609 17.13 -1.29 10.87
N LEU A 610 16.42 -2.42 10.82
CA LEU A 610 16.99 -3.74 10.63
C LEU A 610 16.33 -4.36 9.41
N LEU A 611 17.13 -4.70 8.41
CA LEU A 611 16.59 -5.40 7.24
C LEU A 611 16.83 -6.88 7.44
N SER A 612 15.81 -7.68 7.13
CA SER A 612 15.90 -9.12 7.28
C SER A 612 15.56 -9.85 5.99
N SER A 613 16.57 -10.34 5.31
CA SER A 613 16.39 -11.17 4.13
C SER A 613 17.69 -11.83 3.78
N ALA A 614 17.64 -13.13 3.53
CA ALA A 614 18.81 -13.88 3.08
C ALA A 614 19.37 -13.42 1.74
N THR A 615 18.57 -12.72 0.94
CA THR A 615 18.89 -12.48 -0.47
C THR A 615 19.21 -11.02 -0.81
N LEU A 616 19.55 -10.22 0.19
CA LEU A 616 19.86 -8.81 0.00
C LEU A 616 21.11 -8.61 -0.85
N PRO A 617 20.95 -7.95 -2.00
CA PRO A 617 22.04 -7.71 -2.95
C PRO A 617 22.77 -6.39 -2.69
N PRO A 618 24.09 -6.36 -2.98
CA PRO A 618 24.93 -5.19 -2.67
C PRO A 618 24.31 -3.84 -3.04
N ALA A 619 23.81 -3.68 -4.26
CA ALA A 619 23.30 -2.39 -4.69
C ALA A 619 22.04 -1.96 -3.95
N LEU A 620 21.30 -2.92 -3.41
CA LEU A 620 20.14 -2.57 -2.60
C LEU A 620 20.51 -2.05 -1.21
N VAL A 621 21.35 -2.79 -0.48
CA VAL A 621 21.73 -2.40 0.89
C VAL A 621 22.50 -1.08 0.88
N GLN A 622 23.22 -0.87 -0.22
CA GLN A 622 23.99 0.34 -0.44
C GLN A 622 23.09 1.56 -0.57
N GLY A 623 22.00 1.42 -1.30
CA GLY A 623 21.08 2.52 -1.51
C GLY A 623 20.26 2.81 -0.27
N LEU A 624 19.79 1.75 0.39
CA LEU A 624 19.06 1.89 1.65
C LEU A 624 19.92 2.49 2.76
N PHE A 625 21.19 2.09 2.84
CA PHE A 625 22.09 2.65 3.84
C PHE A 625 22.18 4.16 3.70
N GLU A 626 22.33 4.60 2.45
CA GLU A 626 22.50 6.00 2.15
C GLU A 626 21.22 6.76 2.45
N ALA A 627 20.09 6.12 2.19
CA ALA A 627 18.78 6.67 2.52
C ALA A 627 18.65 6.85 4.04
N TYR A 628 19.07 5.83 4.79
CA TYR A 628 19.05 5.91 6.25
C TYR A 628 20.04 6.96 6.76
N ARG A 629 21.27 6.92 6.25
CA ARG A 629 22.34 7.82 6.70
C ARG A 629 21.95 9.29 6.57
N SER A 630 21.47 9.66 5.38
CA SER A 630 21.09 11.03 5.11
C SER A 630 19.88 11.44 5.95
N GLY A 631 19.09 10.47 6.36
CA GLY A 631 17.96 10.73 7.24
C GLY A 631 18.43 11.04 8.65
N ARG A 632 19.32 10.18 9.16
CA ARG A 632 19.83 10.34 10.51
C ARG A 632 20.58 11.66 10.67
N GLU A 633 21.29 12.06 9.63
CA GLU A 633 22.02 13.33 9.62
C GLU A 633 21.10 14.52 9.91
N ILE A 634 19.94 14.56 9.26
CA ILE A 634 18.98 15.62 9.53
C ILE A 634 18.36 15.41 10.88
N PHE A 635 18.11 14.15 11.25
CA PHE A 635 17.56 13.85 12.56
C PHE A 635 18.44 14.46 13.63
N GLN A 636 19.76 14.42 13.42
CA GLN A 636 20.72 14.89 14.43
C GLN A 636 20.84 16.41 14.61
N ARG A 637 20.35 17.21 13.66
CA ARG A 637 20.31 18.67 13.84
C ARG A 637 19.29 19.10 14.89
N HIS A 638 18.23 18.32 15.05
CA HIS A 638 17.25 18.50 16.12
C HIS A 638 17.36 17.20 16.85
N ARG A 639 17.30 17.19 18.18
CA ARG A 639 17.49 15.94 18.96
C ARG A 639 18.97 15.56 19.12
N GLY A 640 19.38 15.35 20.39
CA GLY A 640 20.75 14.93 20.73
C GLY A 640 21.75 16.07 20.79
N ALA A 641 23.00 15.74 21.16
CA ALA A 641 24.09 16.73 21.23
C ALA A 641 24.42 17.30 19.85
N PRO A 642 24.45 18.65 19.74
CA PRO A 642 24.60 19.31 18.43
C PRO A 642 25.97 19.15 17.79
N GLY A 643 25.99 18.95 16.48
CA GLY A 643 27.24 18.82 15.73
C GLY A 643 27.83 17.42 15.71
N ARG A 644 27.41 16.55 16.62
CA ARG A 644 27.92 15.17 16.67
C ARG A 644 27.84 14.57 15.26
N ALA A 645 28.90 13.88 14.86
CA ALA A 645 29.01 13.34 13.52
C ALA A 645 28.01 12.23 13.22
N THR A 646 27.72 12.08 11.93
CA THR A 646 26.90 11.00 11.45
C THR A 646 27.79 9.78 11.27
N GLU A 647 27.78 8.90 12.26
CA GLU A 647 28.47 7.61 12.15
C GLU A 647 27.51 6.50 12.56
N ILE A 648 26.80 5.99 11.56
CA ILE A 648 25.74 5.03 11.77
C ILE A 648 26.29 3.74 12.35
N ARG A 649 25.62 3.23 13.39
CA ARG A 649 25.92 1.91 13.88
C ARG A 649 25.38 0.87 12.93
N CYS A 650 26.26 0.31 12.10
CA CYS A 650 25.88 -0.77 11.21
C CYS A 650 26.20 -2.12 11.84
N ALA A 651 25.46 -3.14 11.43
CA ALA A 651 25.64 -4.48 11.96
C ALA A 651 25.21 -5.54 10.98
N TRP A 652 25.92 -6.65 10.98
CA TRP A 652 25.63 -7.77 10.12
C TRP A 652 25.39 -8.96 10.98
N PHE A 653 24.37 -9.74 10.65
CA PHE A 653 24.07 -10.95 11.40
C PHE A 653 23.82 -12.09 10.43
N ASP A 654 24.31 -13.29 10.76
CA ASP A 654 23.93 -14.50 10.03
C ASP A 654 24.10 -15.71 10.93
N GLU A 655 23.83 -16.90 10.38
CA GLU A 655 23.92 -18.12 11.19
C GLU A 655 25.33 -18.49 11.65
N PHE A 656 26.37 -17.90 11.02
CA PHE A 656 27.75 -18.13 11.45
C PHE A 656 28.23 -17.12 12.49
N SER A 657 27.99 -15.83 12.22
CA SER A 657 28.47 -14.78 13.13
C SER A 657 27.71 -13.46 13.03
N SER A 658 28.05 -12.57 13.95
CA SER A 658 27.50 -11.22 13.96
C SER A 658 28.60 -10.23 14.33
N GLN A 659 28.56 -9.05 13.72
CA GLN A 659 29.56 -8.03 13.97
C GLN A 659 29.02 -6.63 13.70
N SER A 660 29.52 -5.65 14.45
CA SER A 660 29.14 -4.25 14.24
C SER A 660 30.35 -3.33 14.00
N SER A 661 30.09 -2.21 13.32
CA SER A 661 31.08 -1.15 13.14
C SER A 661 30.37 0.14 12.68
N ALA A 662 31.01 1.27 12.92
CA ALA A 662 30.42 2.59 12.64
C ALA A 662 30.82 3.10 11.26
N HIS A 663 29.89 3.78 10.57
CA HIS A 663 30.13 4.29 9.22
C HIS A 663 29.40 5.57 8.94
N GLY A 664 30.11 6.52 8.36
CA GLY A 664 29.56 7.83 8.03
C GLY A 664 29.60 8.15 6.55
N ALA A 665 30.15 7.22 5.78
CA ALA A 665 30.20 7.32 4.31
C ALA A 665 29.63 6.03 3.77
N VAL A 666 29.03 6.08 2.58
CA VAL A 666 28.57 4.87 1.89
C VAL A 666 29.74 4.00 1.41
N THR A 667 30.88 4.63 1.10
CA THR A 667 32.06 3.90 0.64
C THR A 667 32.59 2.90 1.67
N SER A 668 32.78 3.35 2.92
CA SER A 668 33.28 2.47 3.95
C SER A 668 32.23 1.42 4.39
N PHE A 669 30.96 1.82 4.41
CA PHE A 669 29.88 0.84 4.61
C PHE A 669 29.94 -0.25 3.53
N SER A 670 29.97 0.17 2.27
CA SER A 670 30.08 -0.77 1.14
C SER A 670 31.24 -1.73 1.32
N GLU A 671 32.38 -1.22 1.77
CA GLU A 671 33.57 -2.05 1.95
C GLU A 671 33.43 -3.05 3.12
N ALA A 672 32.82 -2.63 4.22
CA ALA A 672 32.59 -3.53 5.33
C ALA A 672 31.60 -4.61 4.93
N HIS A 673 30.57 -4.21 4.19
CA HIS A 673 29.56 -5.13 3.70
C HIS A 673 30.15 -6.15 2.75
N ALA A 674 30.94 -5.70 1.78
CA ALA A 674 31.56 -6.61 0.82
C ALA A 674 32.46 -7.62 1.55
N THR A 675 33.09 -7.18 2.63
CA THR A 675 33.98 -8.01 3.42
C THR A 675 33.20 -9.06 4.21
N PHE A 676 32.16 -8.64 4.92
CA PHE A 676 31.35 -9.58 5.68
C PHE A 676 30.73 -10.64 4.76
N VAL A 677 30.24 -10.22 3.60
CA VAL A 677 29.64 -11.12 2.62
C VAL A 677 30.67 -12.14 2.14
N ALA A 678 31.86 -11.66 1.79
CA ALA A 678 32.94 -12.50 1.27
C ALA A 678 33.28 -13.67 2.20
N GLN A 679 33.26 -13.42 3.51
CA GLN A 679 33.52 -14.45 4.52
C GLN A 679 32.33 -15.40 4.62
N ARG A 680 31.12 -14.83 4.56
CA ARG A 680 29.88 -15.60 4.54
C ARG A 680 29.85 -16.58 3.34
N LEU A 681 30.24 -16.09 2.16
CA LEU A 681 30.36 -16.93 0.96
C LEU A 681 31.21 -18.17 1.20
N ALA A 682 32.34 -17.98 1.88
CA ALA A 682 33.26 -19.08 2.18
C ALA A 682 32.57 -20.12 3.03
N LYS A 683 31.91 -19.67 4.09
CA LYS A 683 31.16 -20.58 4.96
C LYS A 683 29.99 -21.29 4.24
N LEU A 684 29.19 -20.55 3.48
CA LEU A 684 28.12 -21.14 2.65
C LEU A 684 28.65 -22.16 1.64
N GLU A 685 29.65 -21.75 0.86
CA GLU A 685 30.28 -22.57 -0.18
C GLU A 685 30.71 -23.91 0.39
N GLN A 686 30.81 -23.99 1.71
CA GLN A 686 31.20 -25.25 2.33
C GLN A 686 30.16 -25.87 3.27
N LEU A 687 28.92 -25.44 3.18
CA LEU A 687 27.86 -26.15 3.90
C LEU A 687 27.41 -27.39 3.11
N PRO A 688 27.11 -28.50 3.82
CA PRO A 688 26.54 -29.70 3.20
C PRO A 688 25.25 -29.36 2.43
N PRO A 689 25.16 -29.83 1.16
CA PRO A 689 23.94 -29.60 0.37
C PRO A 689 22.72 -30.29 0.99
N ARG A 690 21.56 -29.65 0.86
CA ARG A 690 20.29 -30.23 1.27
C ARG A 690 19.32 -30.28 0.10
N ARG A 691 19.67 -29.55 -0.96
CA ARG A 691 18.89 -29.50 -2.19
C ARG A 691 19.78 -29.85 -3.36
N GLN A 692 19.18 -30.35 -4.43
CA GLN A 692 19.87 -30.54 -5.70
C GLN A 692 18.83 -30.29 -6.80
N ALA A 693 19.04 -29.23 -7.56
CA ALA A 693 18.15 -28.85 -8.64
C ALA A 693 18.43 -29.59 -9.93
N GLN A 694 17.38 -29.75 -10.73
CA GLN A 694 17.45 -30.38 -12.04
C GLN A 694 16.49 -29.66 -12.98
N LEU A 695 16.90 -29.48 -14.24
CA LEU A 695 16.07 -28.77 -15.21
C LEU A 695 15.15 -29.73 -15.97
N CYS A 696 13.85 -29.44 -15.92
CA CYS A 696 12.82 -30.22 -16.61
C CYS A 696 12.34 -29.45 -17.82
N THR A 697 12.51 -30.05 -18.99
CA THR A 697 12.03 -29.46 -20.23
C THR A 697 10.53 -29.70 -20.31
N VAL A 698 9.79 -28.67 -20.70
CA VAL A 698 8.35 -28.79 -20.86
C VAL A 698 8.01 -28.91 -22.33
N HIS A 699 7.11 -29.83 -22.66
CA HIS A 699 6.60 -29.98 -24.03
C HIS A 699 5.19 -29.48 -24.11
N ALA A 700 4.93 -28.57 -25.05
CA ALA A 700 3.64 -27.89 -25.16
C ALA A 700 2.80 -28.37 -26.36
N ALA A 701 1.79 -27.57 -26.75
CA ALA A 701 0.95 -27.92 -27.91
C ALA A 701 0.37 -26.70 -28.65
N GLY A 702 -0.59 -26.02 -28.00
CA GLY A 702 -1.39 -24.96 -28.62
C GLY A 702 -0.65 -23.77 -29.21
N GLU A 703 -0.08 -22.90 -28.35
CA GLU A 703 -0.17 -23.04 -26.90
C GLU A 703 -1.30 -22.20 -26.29
N ALA A 704 -2.52 -22.71 -26.43
CA ALA A 704 -3.69 -22.14 -25.76
C ALA A 704 -3.62 -22.57 -24.30
N ARG A 705 -3.82 -21.61 -23.40
CA ARG A 705 -3.61 -21.85 -21.97
C ARG A 705 -4.18 -23.18 -21.45
N PRO A 706 -5.48 -23.48 -21.71
CA PRO A 706 -6.03 -24.74 -21.21
C PRO A 706 -5.27 -25.97 -21.69
N ALA A 707 -4.95 -26.02 -22.98
CA ALA A 707 -4.17 -27.12 -23.56
C ALA A 707 -2.77 -27.24 -22.93
N LEU A 708 -2.12 -26.08 -22.74
CA LEU A 708 -0.77 -26.02 -22.17
C LEU A 708 -0.74 -26.58 -20.75
N CYS A 709 -1.74 -26.20 -19.95
CA CYS A 709 -1.82 -26.66 -18.57
C CYS A 709 -2.13 -28.15 -18.48
N ARG A 710 -2.88 -28.66 -19.46
CA ARG A 710 -3.19 -30.08 -19.54
C ARG A 710 -1.95 -30.93 -19.76
N GLU A 711 -1.13 -30.57 -20.74
CA GLU A 711 0.12 -31.31 -20.98
C GLU A 711 1.13 -31.12 -19.85
N LEU A 712 1.23 -29.89 -19.35
CA LEU A 712 2.08 -29.61 -18.19
C LEU A 712 1.66 -30.45 -16.98
N ALA A 713 0.35 -30.52 -16.70
CA ALA A 713 -0.14 -31.38 -15.62
C ALA A 713 0.25 -32.82 -15.90
N GLY A 714 0.11 -33.23 -17.15
CA GLY A 714 0.47 -34.57 -17.61
C GLY A 714 1.89 -34.97 -17.29
N GLN A 715 2.84 -34.07 -17.51
CA GLN A 715 4.25 -34.34 -17.21
C GLN A 715 4.51 -34.32 -15.71
N ASN A 717 2.60 -35.26 -13.39
CA ASN A 717 2.29 -36.59 -12.89
C ASN A 717 3.49 -37.53 -12.85
N THR A 718 4.34 -37.49 -13.89
CA THR A 718 5.54 -38.31 -13.92
C THR A 718 6.60 -37.81 -12.93
N TRP A 719 6.86 -36.49 -12.94
CA TRP A 719 7.88 -35.91 -12.06
C TRP A 719 7.57 -36.07 -10.61
N ALA A 721 5.78 -38.40 -9.24
CA ALA A 721 6.05 -39.82 -8.98
C ALA A 721 7.54 -40.10 -8.79
N ASP A 722 8.39 -39.49 -9.62
CA ASP A 722 9.85 -39.60 -9.49
C ASP A 722 10.38 -39.01 -8.18
N LEU A 723 9.93 -37.80 -7.85
CA LEU A 723 10.33 -37.15 -6.62
C LEU A 723 9.80 -37.87 -5.38
N HIS A 724 8.59 -38.39 -5.46
CA HIS A 724 8.02 -39.15 -4.35
C HIS A 724 8.78 -40.43 -4.10
N ARG A 725 9.20 -41.10 -5.17
CA ARG A 725 9.96 -42.33 -5.05
C ARG A 725 11.30 -42.08 -4.34
N CYS A 726 11.95 -40.96 -4.64
CA CYS A 726 13.23 -40.62 -4.03
C CYS A 726 13.18 -40.01 -2.64
N HIS A 727 12.15 -39.20 -2.35
CA HIS A 727 12.08 -38.46 -1.08
C HIS A 727 10.73 -38.58 -0.41
N HIS A 728 10.67 -39.44 0.60
CA HIS A 728 9.42 -39.77 1.28
C HIS A 728 9.73 -40.34 2.62
N THR A 729 8.70 -40.54 3.44
CA THR A 729 8.86 -41.15 4.74
C THR A 729 8.02 -42.42 4.80
N GLU A 730 8.61 -43.49 5.30
CA GLU A 730 7.87 -44.75 5.45
C GLU A 730 7.54 -45.07 6.91
N HIS A 731 6.29 -45.50 7.13
CA HIS A 731 5.88 -46.02 8.44
C HIS A 731 4.88 -47.13 8.28
N GLN A 732 5.17 -48.27 8.92
CA GLN A 732 4.27 -49.44 8.92
C GLN A 732 3.79 -49.84 7.53
N GLY A 733 4.70 -49.82 6.56
CA GLY A 733 4.38 -50.28 5.21
C GLY A 733 3.82 -49.23 4.26
N ARG A 734 3.67 -47.99 4.75
CA ARG A 734 3.17 -46.91 3.90
C ARG A 734 4.19 -45.78 3.75
N ARG A 735 4.07 -45.01 2.67
CA ARG A 735 5.01 -43.93 2.37
C ARG A 735 4.30 -42.60 2.04
N ILE A 736 4.62 -41.55 2.80
CA ILE A 736 4.09 -40.17 2.60
C ILE A 736 5.18 -39.18 2.17
N SER A 737 4.89 -38.36 1.18
CA SER A 737 5.80 -37.25 0.85
C SER A 737 5.03 -35.96 0.67
N PHE A 738 5.73 -34.84 0.85
CA PHE A 738 5.12 -33.52 0.71
C PHE A 738 5.83 -32.71 -0.35
N GLY A 739 5.07 -32.19 -1.31
CA GLY A 739 5.64 -31.48 -2.43
C GLY A 739 5.09 -30.09 -2.61
N LEU A 740 5.86 -29.22 -3.27
CA LEU A 740 5.43 -27.87 -3.52
C LEU A 740 5.47 -27.55 -5.01
N LEU A 741 4.33 -27.14 -5.56
CA LEU A 741 4.34 -26.67 -6.94
C LEU A 741 4.20 -25.17 -6.92
N ARG A 742 5.23 -24.47 -7.38
CA ARG A 742 5.16 -23.02 -7.40
C ARG A 742 4.96 -22.49 -8.81
N LEU A 743 3.86 -21.77 -9.00
CA LEU A 743 3.63 -21.02 -10.22
C LEU A 743 3.68 -19.52 -9.91
N ALA A 744 3.95 -18.73 -10.95
CA ALA A 744 4.21 -17.30 -10.80
C ALA A 744 2.93 -16.49 -10.70
N ASN A 745 1.91 -16.88 -11.48
CA ASN A 745 0.69 -16.10 -11.59
C ASN A 745 -0.55 -16.93 -11.28
N ILE A 746 -1.60 -16.29 -10.76
CA ILE A 746 -2.74 -17.03 -10.25
C ILE A 746 -3.64 -17.60 -11.36
N GLU A 747 -3.78 -16.89 -12.47
CA GLU A 747 -4.58 -17.39 -13.58
C GLU A 747 -4.04 -18.73 -14.10
N PRO A 748 -2.75 -18.77 -14.53
CA PRO A 748 -2.21 -20.07 -14.95
C PRO A 748 -2.23 -21.11 -13.84
N LEU A 749 -1.99 -20.69 -12.60
CA LEU A 749 -2.08 -21.59 -11.44
C LEU A 749 -3.45 -22.28 -11.32
N ILE A 750 -4.52 -21.53 -11.59
CA ILE A 750 -5.88 -22.04 -11.41
C ILE A 750 -6.23 -23.03 -12.50
N GLU A 751 -5.86 -22.69 -13.72
CA GLU A 751 -6.00 -23.58 -14.85
C GLU A 751 -5.27 -24.92 -14.60
N LEU A 752 -4.05 -24.83 -14.11
CA LEU A 752 -3.25 -26.01 -13.78
C LEU A 752 -3.86 -26.87 -12.67
N ALA A 753 -4.50 -26.19 -11.71
CA ALA A 753 -5.20 -26.88 -10.63
C ALA A 753 -6.37 -27.70 -11.18
N GLN A 754 -7.14 -27.08 -12.08
CA GLN A 754 -8.23 -27.78 -12.73
C GLN A 754 -7.71 -29.00 -13.48
N ALA A 755 -6.68 -28.80 -14.30
CA ALA A 755 -6.07 -29.90 -15.06
C ALA A 755 -5.57 -31.03 -14.16
N ILE A 756 -4.90 -30.69 -13.06
CA ILE A 756 -4.38 -31.68 -12.12
C ILE A 756 -5.51 -32.46 -11.44
N LEU A 757 -6.60 -31.76 -11.11
CA LEU A 757 -7.75 -32.44 -10.52
C LEU A 757 -8.45 -33.35 -11.55
N ALA A 758 -8.59 -32.84 -12.78
CA ALA A 758 -9.18 -33.60 -13.90
C ALA A 758 -8.51 -34.96 -14.10
N GLN A 759 -7.21 -34.96 -14.35
CA GLN A 759 -6.44 -36.20 -14.47
C GLN A 759 -6.39 -36.79 -13.09
N GLY A 760 -6.13 -38.07 -12.96
CA GLY A 760 -6.01 -38.60 -11.61
C GLY A 760 -4.63 -38.38 -11.01
N ALA A 761 -4.34 -39.17 -9.99
CA ALA A 761 -2.99 -39.47 -9.60
C ALA A 761 -2.45 -40.50 -10.60
N PRO A 762 -1.12 -40.67 -10.70
CA PRO A 762 -0.63 -41.81 -11.50
C PRO A 762 -0.91 -43.14 -10.81
N GLU A 763 -0.85 -44.22 -11.56
CA GLU A 763 -1.15 -45.55 -11.03
C GLU A 763 -0.43 -45.82 -9.71
N GLY A 764 -1.15 -46.42 -8.76
CA GLY A 764 -0.61 -46.78 -7.45
C GLY A 764 -0.53 -45.64 -6.44
N LEU A 765 -0.74 -44.40 -6.90
CA LEU A 765 -0.57 -43.21 -6.08
C LEU A 765 -1.87 -42.51 -5.71
N HIS A 766 -1.88 -41.92 -4.52
CA HIS A 766 -2.97 -41.07 -4.08
C HIS A 766 -2.42 -39.69 -3.94
N VAL A 767 -3.03 -38.74 -4.66
CA VAL A 767 -2.60 -37.34 -4.65
C VAL A 767 -3.59 -36.49 -3.87
N HIS A 768 -3.08 -35.75 -2.90
CA HIS A 768 -3.88 -34.78 -2.16
C HIS A 768 -3.41 -33.41 -2.56
N LEU A 769 -4.32 -32.59 -3.05
CA LEU A 769 -3.96 -31.27 -3.56
C LEU A 769 -4.48 -30.13 -2.68
N CYS A 770 -3.63 -29.16 -2.40
CA CYS A 770 -4.04 -27.97 -1.66
C CYS A 770 -3.65 -26.75 -2.46
N VAL A 771 -4.64 -25.94 -2.82
CA VAL A 771 -4.40 -24.76 -3.63
C VAL A 771 -4.27 -23.52 -2.73
N TYR A 772 -3.13 -22.84 -2.83
CA TYR A 772 -2.80 -21.76 -1.92
C TYR A 772 -2.25 -20.53 -2.66
N HIS A 773 -3.01 -19.44 -2.65
CA HIS A 773 -2.60 -18.20 -3.29
C HIS A 773 -3.24 -17.04 -2.60
N SER A 774 -3.08 -15.84 -3.16
CA SER A 774 -3.52 -14.62 -2.49
C SER A 774 -4.92 -14.18 -2.89
N ARG A 775 -5.53 -14.95 -3.79
CA ARG A 775 -6.79 -14.59 -4.43
C ARG A 775 -7.93 -15.40 -3.80
N HIS A 776 -7.76 -15.72 -2.52
CA HIS A 776 -8.80 -16.28 -1.66
C HIS A 776 -9.35 -15.18 -0.79
N PRO A 777 -10.54 -15.37 -0.19
CA PRO A 777 -10.98 -14.54 0.94
C PRO A 777 -9.96 -14.59 2.05
N LEU A 778 -9.71 -13.45 2.69
CA LEU A 778 -8.59 -13.32 3.61
C LEU A 778 -8.65 -14.32 4.77
N LEU A 779 -9.85 -14.58 5.29
CA LEU A 779 -10.00 -15.57 6.37
C LEU A 779 -9.76 -17.01 5.90
N VAL A 780 -10.05 -17.30 4.62
CA VAL A 780 -9.82 -18.63 4.04
C VAL A 780 -8.32 -18.87 3.94
N ARG A 781 -7.62 -17.89 3.36
CA ARG A 781 -6.16 -17.93 3.26
C ARG A 781 -5.50 -18.13 4.64
N SER A 782 -6.05 -17.45 5.64
CA SER A 782 -5.55 -17.57 7.00
C SER A 782 -5.71 -18.99 7.50
N ALA A 783 -6.83 -19.60 7.15
CA ALA A 783 -7.15 -20.96 7.59
C ALA A 783 -6.37 -22.05 6.83
N ILE A 784 -6.09 -21.79 5.56
CA ILE A 784 -5.21 -22.66 4.78
C ILE A 784 -3.81 -22.67 5.39
N GLU A 785 -3.31 -21.46 5.64
CA GLU A 785 -2.00 -21.28 6.27
C GLU A 785 -1.96 -21.99 7.63
N ARG A 786 -3.01 -21.80 8.43
CA ARG A 786 -3.06 -22.47 9.74
C ARG A 786 -2.83 -23.97 9.60
N GLN A 787 -3.49 -24.61 8.64
CA GLN A 787 -3.36 -26.06 8.45
C GLN A 787 -1.99 -26.45 7.90
N LEU A 788 -1.54 -25.72 6.88
CA LEU A 788 -0.25 -26.00 6.25
C LEU A 788 0.92 -25.82 7.21
N ASP A 789 0.94 -24.69 7.93
CA ASP A 789 1.95 -24.42 8.96
C ASP A 789 2.08 -25.55 9.98
N GLU A 790 0.95 -26.13 10.35
CA GLU A 790 0.89 -27.16 11.38
C GLU A 790 1.39 -28.49 10.81
N LEU A 791 0.91 -28.85 9.62
CA LEU A 791 1.27 -30.13 9.02
C LEU A 791 2.66 -30.18 8.42
N LEU A 792 3.19 -29.04 8.02
CA LEU A 792 4.50 -29.00 7.38
C LEU A 792 5.67 -28.74 8.36
N LYS A 793 5.41 -28.92 9.66
CA LYS A 793 6.47 -28.95 10.66
C LYS A 793 7.11 -30.33 10.73
N ARG A 794 8.42 -30.38 10.50
CA ARG A 794 9.15 -31.63 10.44
C ARG A 794 10.36 -31.62 11.38
N SER A 795 10.93 -32.81 11.61
CA SER A 795 12.19 -32.96 12.33
C SER A 795 12.78 -34.32 12.03
N ASP A 796 13.98 -34.61 12.55
CA ASP A 796 14.65 -35.88 12.31
C ASP A 796 14.02 -37.01 13.11
N ASP A 797 13.94 -38.19 12.49
CA ASP A 797 13.39 -39.39 13.13
C ASP A 797 12.01 -39.09 13.72
N ASP A 798 11.09 -38.65 12.87
CA ASP A 798 9.75 -38.21 13.30
C ASP A 798 8.60 -38.98 12.62
N ALA A 799 8.94 -40.00 11.83
CA ALA A 799 7.95 -40.79 11.10
C ALA A 799 6.71 -41.16 11.92
N ALA A 800 6.92 -41.57 13.17
CA ALA A 800 5.83 -42.05 14.03
C ALA A 800 4.85 -40.92 14.39
N ALA A 801 5.39 -39.78 14.81
CA ALA A 801 4.59 -38.59 15.10
C ALA A 801 3.88 -38.07 13.86
N LEU A 802 4.58 -38.11 12.72
CA LEU A 802 4.06 -37.60 11.45
C LEU A 802 2.79 -38.35 11.02
N PHE A 803 2.88 -39.68 10.99
CA PHE A 803 1.77 -40.55 10.62
C PHE A 803 0.64 -40.52 11.66
N ALA A 804 0.99 -40.15 12.89
CA ALA A 804 0.03 -40.08 13.98
C ALA A 804 -0.85 -38.84 13.92
N ARG A 805 -0.38 -37.79 13.24
CA ARG A 805 -1.14 -36.54 13.10
C ARG A 805 -2.46 -36.83 12.40
N PRO A 806 -3.59 -36.38 12.99
CA PRO A 806 -4.95 -36.82 12.63
C PRO A 806 -5.30 -36.77 11.14
N THR A 807 -5.03 -35.64 10.49
CA THR A 807 -5.36 -35.48 9.07
C THR A 807 -4.70 -36.57 8.21
N LEU A 808 -3.43 -36.87 8.47
CA LEU A 808 -2.72 -37.89 7.73
C LEU A 808 -3.10 -39.29 8.19
N ALA A 809 -3.30 -39.46 9.51
CA ALA A 809 -3.80 -40.71 10.06
C ALA A 809 -5.09 -41.07 9.38
N LYS A 810 -6.00 -40.10 9.30
CA LYS A 810 -7.29 -40.24 8.65
C LYS A 810 -7.15 -40.59 7.18
N ALA A 811 -6.35 -39.81 6.44
CA ALA A 811 -6.23 -40.00 4.99
C ALA A 811 -5.69 -41.39 4.63
N LEU A 812 -4.95 -42.00 5.55
CA LEU A 812 -4.34 -43.30 5.33
C LEU A 812 -5.27 -44.45 5.71
N GLN A 813 -6.09 -44.21 6.72
CA GLN A 813 -7.06 -45.21 7.14
C GLN A 813 -8.17 -45.31 6.07
N ALA A 814 -8.35 -44.23 5.31
CA ALA A 814 -9.45 -44.11 4.35
C ALA A 814 -9.18 -44.76 2.99
N SER A 815 -7.92 -44.93 2.63
CA SER A 815 -7.60 -45.41 1.30
C SER A 815 -6.79 -46.70 1.32
N THR A 816 -6.83 -47.40 0.19
CA THR A 816 -6.07 -48.62 0.02
C THR A 816 -4.60 -48.32 -0.26
N GLU A 817 -4.34 -47.32 -1.09
CA GLU A 817 -2.98 -47.02 -1.57
C GLU A 817 -1.96 -46.86 -0.46
N ARG A 818 -0.75 -47.35 -0.75
CA ARG A 818 0.34 -47.33 0.20
C ARG A 818 1.23 -46.12 -0.02
N ASP A 819 0.97 -45.41 -1.12
CA ASP A 819 1.75 -44.24 -1.49
C ASP A 819 0.89 -42.99 -1.59
N HIS A 820 1.21 -42.02 -0.73
CA HIS A 820 0.49 -40.75 -0.65
C HIS A 820 1.37 -39.55 -0.89
N LEU A 821 0.92 -38.69 -1.80
CA LEU A 821 1.58 -37.43 -2.09
C LEU A 821 0.72 -36.24 -1.65
N PHE A 822 1.15 -35.54 -0.62
CA PHE A 822 0.48 -34.31 -0.20
C PHE A 822 1.17 -33.12 -0.86
N VAL A 823 0.40 -32.32 -1.58
CA VAL A 823 0.94 -31.38 -2.55
C VAL A 823 0.29 -30.03 -2.42
N VAL A 824 1.11 -28.98 -2.37
CA VAL A 824 0.63 -27.62 -2.30
C VAL A 824 0.96 -26.96 -3.62
N LEU A 825 -0.07 -26.46 -4.30
CA LEU A 825 0.11 -25.67 -5.49
C LEU A 825 -0.09 -24.23 -5.07
N ALA A 826 0.97 -23.43 -5.20
CA ALA A 826 1.02 -22.13 -4.58
C ALA A 826 1.55 -21.04 -5.49
N SER A 827 1.05 -19.82 -5.29
CA SER A 827 1.61 -18.66 -5.96
C SER A 827 2.91 -18.23 -5.24
N PRO A 828 3.57 -17.14 -5.69
CA PRO A 828 4.78 -16.70 -4.98
C PRO A 828 4.53 -16.36 -3.50
N VAL A 829 3.27 -16.40 -3.08
CA VAL A 829 2.89 -16.13 -1.70
C VAL A 829 3.39 -17.21 -0.72
N ALA A 830 4.00 -18.26 -1.25
CA ALA A 830 4.53 -19.35 -0.42
C ALA A 830 6.05 -19.19 -0.14
N GLU A 831 6.68 -18.24 -0.81
CA GLU A 831 8.10 -17.96 -0.63
C GLU A 831 8.44 -17.24 0.69
N VAL A 832 7.45 -16.54 1.26
CA VAL A 832 7.71 -15.62 2.37
C VAL A 832 6.74 -15.82 3.55
N GLY A 833 7.30 -16.07 4.73
CA GLY A 833 6.53 -16.18 5.95
C GLY A 833 5.92 -17.55 6.24
N ARG A 834 6.39 -18.57 5.53
CA ARG A 834 5.91 -19.93 5.76
C ARG A 834 7.06 -20.80 6.21
N ASP A 835 6.99 -21.27 7.44
CA ASP A 835 7.98 -22.19 7.98
C ASP A 835 7.63 -23.61 7.54
N HIS A 836 7.90 -23.94 6.28
CA HIS A 836 7.49 -25.22 5.70
C HIS A 836 8.63 -26.12 5.30
N ASP A 837 8.51 -27.40 5.64
CA ASP A 837 9.46 -28.41 5.22
C ASP A 837 8.82 -29.36 4.22
N TYR A 838 9.11 -29.15 2.94
CA TYR A 838 8.69 -30.07 1.88
C TYR A 838 9.80 -31.09 1.57
N ASP A 839 9.40 -32.28 1.14
CA ASP A 839 10.36 -33.29 0.67
C ASP A 839 10.92 -32.94 -0.71
N TRP A 840 10.12 -32.24 -1.51
CA TRP A 840 10.52 -31.89 -2.87
C TRP A 840 9.70 -30.76 -3.41
N ALA A 841 10.10 -30.22 -4.55
CA ALA A 841 9.35 -29.11 -5.16
C ALA A 841 9.55 -29.03 -6.67
N ILE A 842 8.51 -28.63 -7.39
CA ILE A 842 8.63 -28.34 -8.81
C ILE A 842 8.30 -26.87 -8.95
N VAL A 843 9.22 -26.12 -9.54
CA VAL A 843 9.16 -24.67 -9.48
C VAL A 843 9.22 -24.04 -10.86
N GLU A 844 8.25 -23.18 -11.16
CA GLU A 844 8.30 -22.33 -12.33
C GLU A 844 9.22 -21.14 -12.02
N PRO A 845 10.20 -20.87 -12.89
CA PRO A 845 11.19 -19.84 -12.60
C PRO A 845 10.70 -18.43 -12.90
N SER A 846 10.92 -17.53 -11.95
CA SER A 846 10.59 -16.10 -12.09
C SER A 846 11.79 -15.20 -11.86
N SER A 847 12.60 -15.55 -10.86
CA SER A 847 13.77 -14.79 -10.45
C SER A 847 14.64 -15.69 -9.56
N ARG A 849 15.86 -14.80 -6.47
CA ARG A 849 15.40 -14.74 -5.08
C ARG A 849 14.36 -15.83 -4.85
N SER A 850 13.37 -15.87 -5.74
CA SER A 850 12.31 -16.87 -5.72
C SER A 850 12.91 -18.26 -5.59
N ILE A 851 13.78 -18.60 -6.53
CA ILE A 851 14.44 -19.92 -6.53
C ILE A 851 15.12 -20.21 -5.19
N ILE A 852 15.92 -19.27 -4.71
CA ILE A 852 16.58 -19.41 -3.40
C ILE A 852 15.57 -19.61 -2.27
N GLN A 853 14.57 -18.73 -2.18
CA GLN A 853 13.54 -18.83 -1.14
C GLN A 853 12.86 -20.20 -1.12
N LEU A 854 12.51 -20.71 -2.29
CA LEU A 854 11.86 -22.03 -2.41
C LEU A 854 12.79 -23.18 -2.07
N ALA A 855 14.06 -23.08 -2.47
CA ALA A 855 15.04 -24.08 -2.05
C ALA A 855 15.06 -24.25 -0.53
N GLY A 856 15.01 -23.14 0.20
CA GLY A 856 15.02 -23.19 1.65
C GLY A 856 13.79 -23.79 2.30
N ARG A 857 12.74 -24.02 1.51
CA ARG A 857 11.54 -24.68 1.99
C ARG A 857 11.64 -26.20 1.83
N ILE A 858 12.77 -26.67 1.32
CA ILE A 858 12.96 -28.07 1.07
C ILE A 858 13.94 -28.63 2.09
N ARG A 859 13.47 -29.58 2.90
CA ARG A 859 14.24 -30.14 4.02
C ARG A 859 14.70 -29.05 4.98
N ARG A 860 13.83 -28.05 5.14
CA ARG A 860 14.03 -26.92 6.00
C ARG A 860 14.38 -27.28 7.45
N HIS A 861 13.80 -28.36 7.94
CA HIS A 861 13.93 -28.73 9.35
C HIS A 861 14.79 -29.92 9.57
N ARG A 862 15.13 -30.63 8.49
CA ARG A 862 15.74 -31.95 8.63
C ARG A 862 17.18 -32.02 8.15
N SER A 863 17.99 -32.75 8.92
CA SER A 863 19.41 -32.90 8.61
C SER A 863 19.68 -34.06 7.64
N GLY A 864 20.86 -34.03 7.03
CA GLY A 864 21.26 -35.03 6.06
C GLY A 864 20.62 -34.76 4.71
N PHE A 865 20.81 -35.71 3.78
CA PHE A 865 20.28 -35.61 2.43
C PHE A 865 20.85 -36.76 1.60
N SER A 866 19.96 -37.47 0.91
CA SER A 866 20.33 -38.62 0.09
C SER A 866 21.28 -38.26 -1.04
N GLY A 867 21.07 -37.10 -1.66
CA GLY A 867 21.92 -36.65 -2.75
C GLY A 867 21.23 -36.65 -4.11
N GLU A 868 20.12 -37.38 -4.21
CA GLU A 868 19.29 -37.38 -5.42
C GLU A 868 18.59 -36.04 -5.59
N ALA A 869 18.28 -35.66 -6.83
CA ALA A 869 17.60 -34.40 -7.08
C ALA A 869 16.26 -34.29 -6.33
N ASN A 870 16.06 -33.18 -5.63
CA ASN A 870 14.80 -32.96 -4.90
C ASN A 870 14.07 -31.68 -5.31
N LEU A 871 14.64 -30.94 -6.24
CA LEU A 871 14.06 -29.68 -6.71
C LEU A 871 14.12 -29.64 -8.23
N TYR A 872 12.96 -29.46 -8.86
CA TYR A 872 12.87 -29.45 -10.32
C TYR A 872 12.50 -28.06 -10.81
N LEU A 873 13.24 -27.55 -11.79
CA LEU A 873 13.00 -26.22 -12.34
C LEU A 873 12.57 -26.36 -13.77
N LEU A 874 11.38 -25.87 -14.10
CA LEU A 874 10.94 -25.91 -15.48
C LEU A 874 11.97 -25.12 -16.27
N SER A 875 12.43 -25.65 -17.40
CA SER A 875 13.50 -24.96 -18.12
C SER A 875 13.01 -23.63 -18.67
N ARG A 876 11.68 -23.50 -18.78
CA ARG A 876 11.04 -22.28 -19.24
C ARG A 876 9.85 -21.95 -18.33
N ASN A 877 9.39 -20.71 -18.37
CA ASN A 877 8.20 -20.36 -17.62
C ASN A 877 6.97 -20.14 -18.50
N ILE A 878 5.80 -20.07 -17.87
CA ILE A 878 4.52 -20.02 -18.56
C ILE A 878 4.51 -18.93 -19.64
N ARG A 879 4.92 -17.72 -19.28
CA ARG A 879 4.95 -16.63 -20.24
C ARG A 879 5.74 -17.00 -21.49
N SER A 880 6.90 -17.62 -21.30
CA SER A 880 7.75 -18.01 -22.42
C SER A 880 7.14 -19.14 -23.27
N LEU A 881 6.55 -20.13 -22.59
CA LEU A 881 5.85 -21.23 -23.26
C LEU A 881 4.58 -20.77 -24.00
N GLU A 882 4.06 -19.61 -23.62
CA GLU A 882 2.98 -18.98 -24.36
C GLU A 882 3.50 -17.98 -25.41
N GLY A 883 4.83 -17.89 -25.55
CA GLY A 883 5.45 -16.97 -26.52
C GLY A 883 5.38 -15.49 -26.18
N GLN A 884 5.41 -15.16 -24.89
CA GLN A 884 5.42 -13.76 -24.43
C GLN A 884 6.86 -13.31 -24.13
N ASN A 885 7.21 -12.14 -24.64
CA ASN A 885 8.56 -11.59 -24.44
C ASN A 885 8.55 -10.07 -24.23
N PRO A 886 9.09 -9.58 -23.09
CA PRO A 886 9.75 -10.23 -21.95
C PRO A 886 8.99 -11.37 -21.29
N ALA A 887 9.72 -12.40 -20.89
CA ALA A 887 9.16 -13.61 -20.29
C ALA A 887 9.30 -13.60 -18.76
N PHE A 888 10.29 -12.89 -18.26
CA PHE A 888 10.53 -12.84 -16.84
C PHE A 888 10.07 -11.51 -16.25
N GLN A 889 8.77 -11.29 -16.28
CA GLN A 889 8.17 -10.16 -15.64
C GLN A 889 6.78 -10.45 -15.12
N ARG A 890 6.30 -9.60 -14.22
CA ARG A 890 5.03 -9.77 -13.53
C ARG A 890 4.84 -11.15 -12.89
N PRO A 891 5.72 -11.55 -11.94
CA PRO A 891 6.88 -10.88 -11.36
C PRO A 891 8.18 -11.16 -12.12
N GLY A 892 9.23 -10.42 -11.79
CA GLY A 892 10.54 -10.57 -12.41
C GLY A 892 11.10 -9.25 -12.87
N PHE A 893 12.29 -9.29 -13.49
CA PHE A 893 13.07 -8.09 -13.74
C PHE A 893 13.21 -7.74 -15.23
N GLU A 894 12.88 -8.70 -16.10
CA GLU A 894 13.06 -8.53 -17.54
C GLU A 894 12.14 -7.45 -18.13
N THR A 895 12.73 -6.57 -18.94
CA THR A 895 12.04 -5.43 -19.53
C THR A 895 12.51 -5.34 -20.98
N PRO A 896 11.72 -4.71 -21.88
CA PRO A 896 12.22 -4.50 -23.24
C PRO A 896 13.54 -3.73 -23.26
N ASP A 897 13.72 -2.84 -22.30
CA ASP A 897 14.97 -2.11 -22.16
C ASP A 897 16.08 -2.93 -21.49
N PHE A 898 15.71 -3.97 -20.75
CA PHE A 898 16.70 -4.88 -20.14
C PHE A 898 16.35 -6.31 -20.52
N PRO A 899 16.63 -6.68 -21.78
CA PRO A 899 16.15 -7.95 -22.31
C PRO A 899 17.10 -9.11 -22.05
N LEU A 900 16.56 -10.32 -21.97
CA LEU A 900 17.39 -11.52 -21.95
C LEU A 900 17.45 -12.12 -23.35
N ASP A 901 18.59 -12.71 -23.72
CA ASP A 901 18.76 -13.26 -25.07
C ASP A 901 18.37 -14.72 -25.21
N SER A 902 17.98 -15.34 -24.11
CA SER A 902 17.50 -16.70 -24.09
C SER A 902 16.60 -16.82 -22.86
N HIS A 903 15.41 -17.39 -23.02
CA HIS A 903 14.51 -17.55 -21.89
C HIS A 903 14.51 -18.93 -21.34
N ASP A 904 15.57 -19.66 -21.67
CA ASP A 904 15.71 -21.04 -21.29
C ASP A 904 16.70 -21.09 -20.14
N LEU A 905 16.34 -21.75 -19.06
CA LEU A 905 17.21 -21.82 -17.89
C LEU A 905 18.53 -22.54 -18.19
N HIS A 906 18.56 -23.37 -19.23
CA HIS A 906 19.81 -24.05 -19.63
C HIS A 906 20.93 -23.07 -19.89
N ASP A 907 20.59 -21.86 -20.34
CA ASP A 907 21.53 -20.77 -20.59
C ASP A 907 21.62 -19.73 -19.47
N LEU A 908 20.49 -19.49 -18.80
CA LEU A 908 20.34 -18.39 -17.85
C LEU A 908 20.95 -18.63 -16.47
N LEU A 909 21.28 -19.87 -16.17
CA LEU A 909 21.95 -20.17 -14.91
C LEU A 909 23.31 -20.78 -15.20
N ASP A 910 24.23 -20.59 -14.26
CA ASP A 910 25.49 -21.32 -14.25
C ASP A 910 25.15 -22.77 -13.88
N PRO A 911 25.53 -23.73 -14.75
CA PRO A 911 25.24 -25.14 -14.41
C PRO A 911 25.80 -25.52 -13.06
N ALA A 912 26.88 -24.85 -12.67
CA ALA A 912 27.48 -25.02 -11.33
C ALA A 912 26.52 -24.70 -10.17
N LEU A 913 25.52 -23.85 -10.41
CA LEU A 913 24.59 -23.44 -9.36
C LEU A 913 23.66 -24.56 -8.92
N LEU A 914 23.22 -25.39 -9.87
CA LEU A 914 22.20 -26.41 -9.65
C LEU A 914 22.47 -27.31 -8.45
N ALA A 915 23.76 -27.58 -8.21
CA ALA A 915 24.19 -28.55 -7.20
C ALA A 915 24.17 -27.98 -5.78
N ARG A 916 24.23 -26.66 -5.66
CA ARG A 916 24.23 -26.02 -4.35
C ARG A 916 23.47 -24.69 -4.39
N ILE A 917 22.15 -24.76 -4.21
CA ILE A 917 21.31 -23.57 -4.17
C ILE A 917 21.33 -22.96 -2.78
N ASP A 918 21.97 -21.80 -2.68
CA ASP A 918 21.95 -21.00 -1.46
C ASP A 918 21.90 -19.51 -1.83
N ALA A 919 22.19 -18.61 -0.88
CA ALA A 919 22.04 -17.17 -1.11
C ALA A 919 23.14 -16.52 -1.96
N SER A 920 24.25 -17.23 -2.17
CA SER A 920 25.44 -16.72 -2.86
C SER A 920 25.22 -15.86 -4.10
N PRO A 921 24.39 -16.33 -5.06
CA PRO A 921 24.26 -15.53 -6.29
C PRO A 921 23.54 -14.20 -6.15
N ARG A 922 22.80 -14.03 -5.05
CA ARG A 922 22.10 -12.76 -4.81
C ARG A 922 22.96 -11.77 -3.99
N ILE A 923 23.71 -12.29 -3.02
CA ILE A 923 24.48 -11.44 -2.12
C ILE A 923 25.79 -10.83 -2.70
N VAL A 924 26.34 -11.41 -3.77
CA VAL A 924 27.45 -10.78 -4.48
C VAL A 924 27.12 -10.55 -5.94
N GLU A 925 27.49 -9.39 -6.46
CA GLU A 925 27.43 -9.13 -7.90
C GLU A 925 28.55 -9.92 -8.55
N PRO A 926 28.27 -10.54 -9.70
CA PRO A 926 29.37 -11.08 -10.50
C PRO A 926 30.08 -9.96 -11.25
N PHE A 927 31.34 -10.18 -11.61
CA PHE A 927 32.16 -9.17 -12.28
C PHE A 927 33.12 -9.83 -13.26
N PRO A 928 32.88 -9.63 -14.57
CA PRO A 928 31.90 -8.69 -15.13
C PRO A 928 30.45 -9.19 -15.11
N LEU A 929 29.52 -8.26 -15.28
CA LEU A 929 28.11 -8.57 -15.31
C LEU A 929 27.66 -8.91 -16.72
N PHE A 930 26.90 -10.00 -16.85
CA PHE A 930 26.26 -10.33 -18.11
C PHE A 930 24.72 -10.20 -18.02
N PRO A 931 24.21 -8.95 -18.01
CA PRO A 931 22.79 -8.69 -17.77
C PRO A 931 21.84 -9.23 -18.85
N ARG A 932 22.40 -9.73 -19.94
CA ARG A 932 21.64 -10.25 -21.08
C ARG A 932 21.60 -11.77 -21.14
N SER A 933 22.53 -12.41 -20.43
CA SER A 933 22.72 -13.84 -20.56
C SER A 933 22.39 -14.59 -19.27
N ARG A 934 22.43 -13.89 -18.15
CA ARG A 934 22.23 -14.53 -16.87
C ARG A 934 21.02 -13.98 -16.11
N LEU A 935 20.28 -14.88 -15.47
CA LEU A 935 19.09 -14.48 -14.72
C LEU A 935 19.41 -13.58 -13.54
N VAL A 936 20.44 -13.92 -12.77
CA VAL A 936 20.75 -13.11 -11.60
C VAL A 936 21.48 -11.82 -11.94
N ASP A 937 22.27 -11.83 -13.02
CA ASP A 937 23.06 -10.65 -13.39
C ASP A 937 22.15 -9.50 -13.80
N LEU A 938 21.00 -9.88 -14.36
CA LEU A 938 19.94 -8.94 -14.70
C LEU A 938 19.42 -8.21 -13.45
N GLU A 939 19.22 -8.97 -12.36
CA GLU A 939 18.71 -8.42 -11.12
C GLU A 939 19.68 -7.35 -10.60
N HIS A 940 20.96 -7.71 -10.54
CA HIS A 940 22.02 -6.78 -10.13
C HIS A 940 22.12 -5.56 -11.00
N ARG A 941 22.17 -5.74 -12.32
CA ARG A 941 22.24 -4.61 -13.24
C ARG A 941 21.09 -3.65 -13.03
N ARG A 942 19.89 -4.21 -12.91
CA ARG A 942 18.68 -3.42 -12.70
C ARG A 942 18.73 -2.65 -11.39
N LEU A 943 19.23 -3.30 -10.35
CA LEU A 943 19.36 -2.67 -9.05
C LEU A 943 20.41 -1.55 -9.03
N ARG A 944 21.54 -1.76 -9.68
CA ARG A 944 22.60 -0.74 -9.65
C ARG A 944 22.23 0.45 -10.54
N ALA A 945 21.38 0.21 -11.53
CA ALA A 945 20.95 1.26 -12.43
C ALA A 945 19.93 2.16 -11.74
N LEU A 946 19.29 1.65 -10.69
CA LEU A 946 18.16 2.33 -10.05
C LEU A 946 18.46 2.98 -8.70
N LEU A 948 20.94 4.24 -6.51
CA LEU A 948 21.55 5.55 -6.24
C LEU A 948 21.90 6.39 -7.48
N ALA A 949 21.77 5.80 -8.67
CA ALA A 949 22.10 6.49 -9.94
C ALA A 949 21.33 7.80 -10.17
N ASP A 950 21.93 8.71 -10.93
CA ASP A 950 21.30 9.98 -11.29
C ASP A 950 20.31 9.84 -12.45
N ASP A 951 20.31 8.67 -13.09
CA ASP A 951 19.52 8.43 -14.30
C ASP A 951 18.78 7.07 -14.28
N PRO A 952 17.94 6.82 -13.25
CA PRO A 952 17.25 5.54 -13.16
C PRO A 952 16.27 5.37 -14.32
N PRO A 953 16.23 4.16 -14.93
CA PRO A 953 15.40 3.83 -16.10
C PRO A 953 13.94 4.22 -15.96
N SER A 954 13.35 4.73 -17.05
CA SER A 954 11.99 5.30 -17.09
C SER A 954 11.93 6.66 -16.39
N SER A 955 11.75 6.65 -15.07
CA SER A 955 11.62 7.88 -14.30
C SER A 955 12.69 8.93 -14.68
N LEU A 956 13.95 8.50 -14.75
CA LEU A 956 15.09 9.38 -15.03
C LEU A 956 15.37 10.45 -13.96
N LEU A 957 14.72 10.30 -12.80
CA LEU A 957 15.00 11.14 -11.64
C LEU A 957 15.60 10.28 -10.54
N GLY A 958 16.80 10.66 -10.06
CA GLY A 958 17.49 9.91 -9.02
C GLY A 958 16.70 9.78 -7.74
N VAL A 959 16.72 8.58 -7.16
CA VAL A 959 16.06 8.30 -5.88
C VAL A 959 16.58 9.23 -4.76
N PRO A 960 17.89 9.56 -4.77
CA PRO A 960 18.44 10.49 -3.76
C PRO A 960 17.91 11.92 -3.78
N LEU A 961 17.22 12.33 -4.85
CA LEU A 961 16.60 13.67 -4.89
C LEU A 961 15.62 13.86 -3.75
N TRP A 962 15.25 12.74 -3.12
CA TRP A 962 14.41 12.75 -1.92
C TRP A 962 15.10 13.37 -0.74
N TRP A 963 16.42 13.22 -0.65
CA TRP A 963 17.18 13.82 0.46
C TRP A 963 18.21 14.84 0.06
N GLN A 964 18.41 15.02 -1.24
CA GLN A 964 19.31 16.06 -1.74
C GLN A 964 18.57 17.34 -2.12
N THR A 965 17.24 17.31 -2.06
CA THR A 965 16.41 18.46 -2.41
C THR A 965 15.15 18.54 -1.52
N PRO A 966 14.48 19.71 -1.50
CA PRO A 966 13.18 19.81 -0.82
C PRO A 966 12.04 19.15 -1.61
N ALA A 967 12.36 18.12 -2.38
CA ALA A 967 11.38 17.41 -3.20
C ALA A 967 10.15 16.99 -2.39
N SER A 968 10.38 16.72 -1.10
CA SER A 968 9.32 16.21 -0.23
C SER A 968 8.28 17.29 0.09
N LEU A 969 8.57 18.55 -0.25
CA LEU A 969 7.57 19.61 -0.16
C LEU A 969 6.50 19.44 -1.24
N SER A 970 6.76 18.53 -2.18
CA SER A 970 5.85 18.24 -3.26
C SER A 970 5.55 16.76 -3.30
N GLY A 971 4.69 16.37 -4.24
CA GLY A 971 4.42 14.95 -4.49
C GLY A 971 5.02 14.50 -5.80
N ALA A 972 6.07 15.18 -6.26
CA ALA A 972 6.69 14.89 -7.56
C ALA A 972 7.31 13.52 -7.68
N LEU A 973 8.05 13.11 -6.66
CA LEU A 973 8.70 11.79 -6.72
C LEU A 973 7.74 10.64 -6.46
N GLN A 974 6.71 10.87 -5.65
CA GLN A 974 5.71 9.83 -5.35
C GLN A 974 4.84 9.59 -6.56
N THR A 975 4.72 10.64 -7.37
CA THR A 975 3.95 10.61 -8.60
C THR A 975 4.76 9.97 -9.72
N SER A 976 6.00 10.40 -9.87
CA SER A 976 6.86 9.97 -10.98
C SER A 976 7.53 8.62 -10.75
N GLN A 977 7.63 8.19 -9.49
CA GLN A 977 8.14 6.86 -9.17
C GLN A 977 7.13 6.14 -8.27
N PRO A 978 5.93 5.87 -8.81
CA PRO A 978 4.79 5.47 -7.96
C PRO A 978 4.92 4.10 -7.36
N PHE A 979 4.48 3.99 -6.12
CA PHE A 979 4.43 2.74 -5.38
C PHE A 979 3.20 1.96 -5.81
N ARG A 980 3.39 0.65 -6.02
CA ARG A 980 2.34 -0.27 -6.51
C ARG A 980 1.67 0.23 -7.78
N ALA A 981 2.48 0.73 -8.71
CA ALA A 981 2.00 1.10 -10.03
C ALA A 981 1.26 -0.07 -10.68
N GLY A 982 0.14 0.22 -11.33
CA GLY A 982 -0.64 -0.80 -12.03
C GLY A 982 -2.14 -0.60 -11.90
N ALA A 983 -2.89 -1.37 -12.68
CA ALA A 983 -4.33 -1.48 -12.52
C ALA A 983 -4.69 -1.65 -11.03
N LYS A 984 -5.64 -0.85 -10.56
CA LYS A 984 -6.01 -0.88 -9.13
C LYS A 984 -6.94 -2.01 -8.73
N GLU A 985 -6.62 -2.61 -7.57
CA GLU A 985 -7.38 -3.69 -6.97
C GLU A 985 -8.46 -3.10 -6.07
N ARG A 986 -9.67 -3.64 -6.16
CA ARG A 986 -10.78 -2.91 -5.57
C ARG A 986 -11.49 -3.47 -4.32
N CYS A 987 -11.11 -4.67 -3.90
CA CYS A 987 -11.64 -5.22 -2.63
C CYS A 987 -13.09 -5.72 -2.71
N TYR A 988 -13.26 -7.03 -2.54
CA TYR A 988 -14.56 -7.67 -2.66
C TYR A 988 -14.74 -8.72 -1.57
N ALA A 989 -15.98 -9.16 -1.37
CA ALA A 989 -16.27 -10.18 -0.39
C ALA A 989 -17.55 -10.98 -0.68
N LEU A 990 -17.58 -12.20 -0.18
CA LEU A 990 -18.80 -12.98 -0.14
C LEU A 990 -19.56 -12.60 1.14
N LEU A 991 -20.55 -11.72 1.01
CA LEU A 991 -21.28 -11.16 2.14
C LEU A 991 -22.61 -11.87 2.44
N PRO A 992 -22.80 -12.31 3.71
CA PRO A 992 -24.12 -12.74 4.16
C PRO A 992 -25.06 -11.55 4.08
N ASP A 993 -26.26 -11.76 3.53
CA ASP A 993 -27.20 -10.69 3.25
C ASP A 993 -27.65 -9.95 4.51
N GLU A 994 -27.80 -8.63 4.37
CA GLU A 994 -28.22 -7.74 5.45
C GLU A 994 -29.49 -8.21 6.15
N ASP A 995 -30.41 -8.81 5.38
CA ASP A 995 -31.66 -9.35 5.91
C ASP A 995 -31.53 -10.80 6.38
N ASP A 996 -30.95 -11.63 5.52
CA ASP A 996 -30.92 -13.08 5.69
C ASP A 996 -29.47 -13.58 5.77
N GLU A 997 -29.12 -14.11 6.94
CA GLU A 997 -27.78 -14.66 7.20
C GLU A 997 -27.37 -15.84 6.32
N GLU A 998 -28.35 -16.56 5.78
CA GLU A 998 -28.07 -17.82 5.06
C GLU A 998 -27.88 -17.66 3.56
N ARG A 999 -28.19 -16.47 3.04
CA ARG A 999 -27.95 -16.14 1.64
C ARG A 999 -26.65 -15.33 1.52
N LEU A 1000 -25.81 -15.67 0.54
CA LEU A 1000 -24.56 -14.95 0.28
C LEU A 1000 -24.62 -14.10 -0.98
N HIS A 1001 -24.03 -12.92 -0.92
CA HIS A 1001 -23.89 -12.09 -2.10
C HIS A 1001 -22.47 -11.65 -2.30
N PHE A 1002 -22.00 -11.77 -3.54
CA PHE A 1002 -20.73 -11.23 -3.93
C PHE A 1002 -20.84 -9.71 -3.98
N SER A 1003 -19.99 -9.04 -3.22
CA SER A 1003 -20.16 -7.60 -3.01
C SER A 1003 -18.84 -6.84 -3.18
N ARG A 1004 -18.94 -5.58 -3.61
CA ARG A 1004 -17.79 -4.72 -3.77
C ARG A 1004 -17.81 -3.61 -2.74
N TYR A 1005 -16.69 -3.41 -2.04
CA TYR A 1005 -16.57 -2.28 -1.11
C TYR A 1005 -16.44 -0.98 -1.89
N GLU A 1006 -17.34 -0.04 -1.59
CA GLU A 1006 -17.38 1.26 -2.23
C GLU A 1006 -16.72 2.29 -1.33
N GLU A 1007 -17.52 3.07 -0.61
CA GLU A 1007 -16.99 4.12 0.25
C GLU A 1007 -17.74 4.14 1.57
N GLY A 1008 -17.49 3.14 2.40
CA GLY A 1008 -18.14 3.03 3.71
C GLY A 1008 -19.37 2.16 3.65
N THR A 1009 -19.63 1.60 2.47
CA THR A 1009 -20.74 0.68 2.26
C THR A 1009 -20.40 -0.36 1.18
N TRP A 1010 -21.06 -1.52 1.21
CA TRP A 1010 -20.81 -2.59 0.24
C TRP A 1010 -21.98 -2.78 -0.68
N SER A 1011 -21.72 -2.76 -1.98
CA SER A 1011 -22.79 -2.93 -2.96
C SER A 1011 -22.92 -4.40 -3.35
N ASN A 1012 -24.14 -4.82 -3.71
CA ASN A 1012 -24.37 -6.18 -4.23
C ASN A 1012 -23.90 -6.26 -5.68
N GLN A 1013 -23.02 -7.21 -5.96
CA GLN A 1013 -22.45 -7.38 -7.30
C GLN A 1013 -22.54 -8.82 -7.78
N ASP A 1014 -23.67 -9.47 -7.51
CA ASP A 1014 -23.90 -10.87 -7.88
C ASP A 1014 -23.82 -11.14 -9.39
N ASN A 1015 -24.05 -10.12 -10.21
CA ASN A 1015 -23.92 -10.24 -11.66
C ASN A 1015 -22.47 -10.45 -12.09
N LEU A 1016 -21.54 -10.27 -11.17
CA LEU A 1016 -20.10 -10.39 -11.47
C LEU A 1016 -19.48 -11.63 -10.84
N LEU A 1017 -20.30 -12.58 -10.41
CA LEU A 1017 -19.79 -13.86 -9.92
C LEU A 1017 -20.50 -15.08 -10.51
N ARG A 1018 -19.70 -15.97 -11.08
CA ARG A 1018 -20.21 -17.20 -11.64
C ARG A 1018 -19.55 -18.35 -10.91
N ASN A 1019 -20.36 -19.18 -10.26
CA ASN A 1019 -19.82 -20.39 -9.64
C ASN A 1019 -19.28 -21.32 -10.71
N LEU A 1020 -18.44 -22.25 -10.31
CA LEU A 1020 -17.79 -23.11 -11.27
C LEU A 1020 -17.75 -24.50 -10.69
N ASP A 1021 -18.21 -25.48 -11.47
CA ASP A 1021 -18.21 -26.85 -11.03
C ASP A 1021 -16.90 -27.52 -11.49
N LEU A 1022 -16.46 -28.52 -10.75
CA LEU A 1022 -15.16 -29.16 -10.99
C LEU A 1022 -15.24 -30.64 -11.37
N THR A 1023 -14.18 -31.12 -12.03
CA THR A 1023 -14.03 -32.52 -12.38
C THR A 1023 -12.83 -33.14 -11.64
N TYR A 1024 -13.01 -34.36 -11.16
CA TYR A 1024 -11.95 -35.07 -10.44
C TYR A 1024 -11.57 -36.32 -11.21
N GLY A 1025 -10.32 -36.76 -11.05
CA GLY A 1025 -9.81 -37.97 -11.67
C GLY A 1025 -9.67 -39.08 -10.64
N PRO A 1026 -9.14 -40.23 -11.04
CA PRO A 1026 -8.97 -41.30 -10.05
C PRO A 1026 -7.93 -40.97 -8.98
N ARG A 1027 -8.22 -41.36 -7.74
CA ARG A 1027 -7.27 -41.34 -6.64
C ARG A 1027 -6.74 -39.96 -6.26
N ILE A 1028 -7.57 -38.94 -6.49
CA ILE A 1028 -7.23 -37.57 -6.10
C ILE A 1028 -8.28 -36.97 -5.18
N GLN A 1029 -7.82 -36.16 -4.23
CA GLN A 1029 -8.71 -35.32 -3.39
C GLN A 1029 -7.99 -34.04 -2.98
N THR A 1030 -8.67 -33.15 -2.28
CA THR A 1030 -8.06 -31.93 -1.77
C THR A 1030 -7.72 -32.05 -0.30
N TRP A 1031 -6.79 -31.21 0.16
CA TRP A 1031 -6.51 -31.09 1.59
C TRP A 1031 -6.21 -29.66 1.93
N GLY A 1032 -6.12 -29.37 3.22
CA GLY A 1032 -5.95 -27.99 3.68
C GLY A 1032 -6.94 -27.06 3.01
N THR A 1033 -8.19 -27.46 2.95
CA THR A 1033 -9.21 -26.61 2.37
C THR A 1033 -10.09 -26.06 3.48
N VAL A 1034 -11.02 -25.18 3.09
CA VAL A 1034 -11.78 -24.42 4.02
C VAL A 1034 -13.17 -24.24 3.46
N ASN A 1035 -14.17 -24.64 4.25
CA ASN A 1035 -15.54 -24.30 3.91
C ASN A 1035 -15.82 -22.88 4.37
N TYR A 1036 -16.09 -22.01 3.41
CA TYR A 1036 -16.25 -20.61 3.71
C TYR A 1036 -17.19 -20.36 4.90
N ARG A 1037 -18.42 -20.88 4.82
CA ARG A 1037 -19.44 -20.63 5.85
C ARG A 1037 -19.04 -21.14 7.22
N GLU A 1038 -18.45 -22.34 7.27
CA GLU A 1038 -17.99 -22.93 8.52
C GLU A 1038 -16.89 -22.12 9.19
N GLU A 1039 -16.00 -21.55 8.39
CA GLU A 1039 -14.92 -20.71 8.94
C GLU A 1039 -15.37 -19.31 9.27
N LEU A 1040 -16.30 -18.78 8.48
CA LEU A 1040 -16.92 -17.49 8.75
C LEU A 1040 -17.63 -17.51 10.10
N VAL A 1041 -18.36 -18.60 10.37
CA VAL A 1041 -19.09 -18.76 11.63
C VAL A 1041 -18.13 -18.92 12.79
N ALA A 1042 -17.03 -19.65 12.56
CA ALA A 1042 -15.98 -19.84 13.55
C ALA A 1042 -15.23 -18.54 13.87
N ALA A 1044 -16.51 -15.60 13.56
CA ALA A 1044 -17.50 -14.77 14.24
C ALA A 1044 -17.89 -15.35 15.61
N GLY A 1045 -17.13 -16.33 16.07
CA GLY A 1045 -17.22 -16.81 17.45
C GLY A 1045 -16.06 -16.24 18.23
N ARG A 1046 -14.85 -16.57 17.79
CA ARG A 1046 -13.58 -16.08 18.36
C ARG A 1046 -13.59 -14.54 18.57
N GLU A 1047 -14.07 -13.83 17.56
CA GLU A 1047 -14.46 -12.44 17.70
C GLU A 1047 -15.98 -12.45 17.88
N ASP A 1048 -16.50 -11.62 18.78
CA ASP A 1048 -17.94 -11.68 19.06
C ASP A 1048 -18.76 -10.83 18.10
N LEU A 1049 -18.64 -11.12 16.82
CA LEU A 1049 -19.25 -10.29 15.79
C LEU A 1049 -20.47 -10.90 15.14
N ASP A 1050 -21.29 -10.00 14.59
CA ASP A 1050 -22.34 -10.35 13.64
C ASP A 1050 -21.68 -11.05 12.44
N LEU A 1051 -22.35 -12.07 11.91
CA LEU A 1051 -21.83 -12.86 10.80
C LEU A 1051 -21.48 -11.98 9.61
N ARG A 1052 -22.30 -10.97 9.37
CA ARG A 1052 -22.03 -10.01 8.29
C ARG A 1052 -20.81 -9.13 8.56
N GLN A 1053 -20.74 -8.53 9.75
CA GLN A 1053 -19.63 -7.63 10.09
C GLN A 1053 -18.29 -8.36 10.06
N CYS A 1054 -18.32 -9.67 10.31
CA CYS A 1054 -17.12 -10.51 10.29
C CYS A 1054 -16.61 -10.74 8.87
N ALA A 1055 -17.52 -10.83 7.91
CA ALA A 1055 -17.18 -10.99 6.51
C ALA A 1055 -16.61 -9.70 5.94
N ARG A 1057 -15.04 -7.47 7.59
CA ARG A 1057 -13.75 -7.21 8.21
C ARG A 1057 -12.65 -8.22 7.81
N TYR A 1058 -13.03 -9.48 7.61
CA TYR A 1058 -12.04 -10.54 7.47
C TYR A 1058 -12.13 -11.34 6.19
N GLY A 1059 -13.16 -11.10 5.39
CA GLY A 1059 -13.39 -11.89 4.18
C GLY A 1059 -13.07 -11.18 2.88
N GLU A 1060 -12.26 -10.12 2.96
CA GLU A 1060 -11.87 -9.35 1.77
C GLU A 1060 -10.96 -10.13 0.83
N VAL A 1061 -11.13 -9.89 -0.47
CA VAL A 1061 -10.18 -10.36 -1.46
C VAL A 1061 -9.93 -9.22 -2.46
N ARG A 1062 -8.67 -8.97 -2.76
CA ARG A 1062 -8.27 -7.88 -3.63
C ARG A 1062 -8.24 -8.37 -5.06
N LEU A 1063 -8.89 -7.64 -5.96
CA LEU A 1063 -9.01 -8.05 -7.34
C LEU A 1063 -8.97 -6.88 -8.30
N ARG A 1064 -8.13 -7.01 -9.33
CA ARG A 1064 -8.11 -6.08 -10.45
C ARG A 1064 -9.47 -6.11 -11.16
N GLU A 1065 -10.12 -4.95 -11.22
CA GLU A 1065 -11.42 -4.80 -11.87
C GLU A 1065 -11.46 -5.42 -13.25
N ASN A 1066 -12.45 -6.28 -13.47
CA ASN A 1066 -12.65 -6.93 -14.74
C ASN A 1066 -14.12 -6.93 -15.07
N THR A 1067 -14.47 -6.32 -16.20
CA THR A 1067 -15.87 -6.08 -16.61
C THR A 1067 -16.85 -7.26 -16.44
N GLN A 1068 -16.45 -8.45 -16.89
CA GLN A 1068 -17.35 -9.60 -16.81
C GLN A 1068 -17.27 -10.38 -15.51
N GLY A 1069 -16.38 -10.00 -14.60
CA GLY A 1069 -16.35 -10.60 -13.27
C GLY A 1069 -15.45 -11.80 -13.11
N TRP A 1070 -15.82 -12.70 -12.22
CA TRP A 1070 -15.00 -13.85 -11.87
C TRP A 1070 -15.76 -15.13 -11.76
N SER A 1071 -15.04 -16.23 -11.91
CA SER A 1071 -15.49 -17.56 -11.54
C SER A 1071 -14.98 -17.84 -10.13
N TYR A 1072 -15.77 -18.55 -9.34
CA TYR A 1072 -15.40 -18.85 -7.97
C TYR A 1072 -15.61 -20.32 -7.69
N HIS A 1073 -14.64 -20.93 -7.04
CA HIS A 1073 -14.84 -22.21 -6.38
C HIS A 1073 -14.17 -22.13 -5.04
N PRO A 1074 -14.81 -22.67 -3.98
CA PRO A 1074 -14.21 -22.62 -2.64
C PRO A 1074 -12.80 -23.21 -2.58
N TYR A 1075 -12.53 -24.23 -3.38
CA TYR A 1075 -11.20 -24.86 -3.43
C TYR A 1075 -10.14 -24.05 -4.17
N LEU A 1076 -10.58 -23.17 -5.07
CA LEU A 1076 -9.67 -22.51 -6.01
C LEU A 1076 -9.59 -20.99 -5.91
N GLY A 1077 -10.51 -20.37 -5.19
CA GLY A 1077 -10.55 -18.92 -5.11
C GLY A 1077 -11.17 -18.32 -6.35
N PHE A 1078 -10.72 -17.13 -6.75
CA PHE A 1078 -11.32 -16.38 -7.85
C PHE A 1078 -10.43 -16.31 -9.09
N LYS A 1079 -10.99 -16.61 -10.25
CA LYS A 1079 -10.24 -16.43 -11.50
C LYS A 1079 -10.98 -15.51 -12.45
N LYS A 1080 -10.24 -14.71 -13.20
CA LYS A 1080 -10.83 -13.81 -14.17
C LYS A 1080 -11.79 -14.59 -15.05
N TYR A 1081 -12.98 -14.05 -15.24
CA TYR A 1081 -13.93 -14.63 -16.17
C TYR A 1081 -14.02 -13.74 -17.41
N ASN A 1082 -13.84 -14.33 -18.59
CA ASN A 1082 -13.88 -13.60 -19.85
C ASN A 1082 -15.29 -13.34 -20.35
N ASP B 13 -6.79 1.97 -15.79
CA ASP B 13 -6.98 0.94 -16.86
C ASP B 13 -6.03 -0.25 -16.66
N PRO B 14 -6.39 -1.43 -17.18
CA PRO B 14 -5.56 -2.60 -16.97
C PRO B 14 -4.86 -3.12 -18.23
N SER B 16 -6.92 -5.96 -19.86
CA SER B 16 -7.97 -6.98 -19.70
C SER B 16 -9.23 -6.75 -20.54
N ASN B 17 -9.57 -5.49 -20.80
CA ASN B 17 -10.84 -5.17 -21.46
C ASN B 17 -10.71 -4.30 -22.71
N THR B 18 -9.78 -4.67 -23.59
CA THR B 18 -9.48 -3.88 -24.78
C THR B 18 -10.52 -3.92 -25.92
N ILE B 19 -11.26 -5.02 -26.05
CA ILE B 19 -12.31 -5.13 -27.05
C ILE B 19 -13.50 -4.22 -26.75
N SER B 20 -13.96 -4.22 -25.50
CA SER B 20 -15.08 -3.40 -25.08
C SER B 20 -14.69 -1.92 -24.96
N ASP B 21 -13.46 -1.64 -24.55
CA ASP B 21 -13.00 -0.26 -24.38
C ASP B 21 -12.87 0.45 -25.73
N ARG B 22 -12.54 -0.31 -26.76
CA ARG B 22 -12.50 0.21 -28.12
C ARG B 22 -13.90 0.61 -28.58
N ILE B 23 -14.88 -0.24 -28.32
CA ILE B 23 -16.27 0.04 -28.73
C ILE B 23 -16.87 1.19 -27.93
N VAL B 24 -16.65 1.17 -26.62
CA VAL B 24 -17.13 2.25 -25.76
C VAL B 24 -16.61 3.58 -26.29
N ALA B 25 -15.35 3.62 -26.70
CA ALA B 25 -14.73 4.84 -27.24
C ALA B 25 -15.33 5.28 -28.56
N ARG B 26 -16.19 4.43 -29.12
CA ARG B 26 -16.92 4.78 -30.34
C ARG B 26 -18.41 4.97 -30.03
N SER B 27 -18.74 4.97 -28.74
CA SER B 27 -20.11 5.19 -28.30
C SER B 27 -20.19 6.29 -27.23
N VAL B 28 -19.40 7.34 -27.38
CA VAL B 28 -19.29 8.34 -26.31
C VAL B 28 -20.59 9.07 -26.05
N ILE B 29 -21.22 9.57 -27.12
CA ILE B 29 -22.49 10.30 -27.03
C ILE B 29 -23.55 9.47 -26.30
N GLU B 30 -23.72 8.23 -26.74
CA GLU B 30 -24.70 7.34 -26.16
C GLU B 30 -24.30 6.91 -24.75
N ALA B 31 -22.99 6.90 -24.49
CA ALA B 31 -22.48 6.49 -23.19
C ALA B 31 -22.70 7.59 -22.16
N ALA B 32 -22.36 8.82 -22.56
CA ALA B 32 -22.64 10.00 -21.75
C ALA B 32 -24.13 10.12 -21.41
N ARG B 33 -24.99 9.88 -22.40
CA ARG B 33 -26.43 10.00 -22.21
C ARG B 33 -26.93 9.03 -21.14
N PHE B 34 -26.56 7.75 -21.25
CA PHE B 34 -26.90 6.75 -20.24
C PHE B 34 -26.46 7.21 -18.84
N ILE B 35 -25.18 7.52 -18.69
CA ILE B 35 -24.59 7.94 -17.41
C ILE B 35 -25.26 9.18 -16.82
N GLN B 36 -25.30 10.27 -17.58
CA GLN B 36 -25.89 11.54 -17.11
C GLN B 36 -27.36 11.42 -16.77
N SER B 37 -28.12 10.81 -17.68
CA SER B 37 -29.55 10.57 -17.49
C SER B 37 -29.84 9.72 -16.26
N TRP B 38 -28.98 8.76 -15.98
CA TRP B 38 -29.22 7.80 -14.89
C TRP B 38 -28.57 8.22 -13.59
N GLU B 39 -27.91 9.37 -13.58
CA GLU B 39 -27.36 9.90 -12.34
C GLU B 39 -28.49 10.40 -11.47
N ASP B 40 -28.48 9.98 -10.20
CA ASP B 40 -29.53 10.34 -9.25
C ASP B 40 -30.88 9.79 -9.74
N ALA B 41 -30.86 8.54 -10.23
CA ALA B 41 -32.06 7.89 -10.74
C ALA B 41 -32.63 6.88 -9.74
N ASP B 42 -33.66 6.17 -10.18
CA ASP B 42 -34.33 5.14 -9.39
C ASP B 42 -34.66 3.94 -10.29
N PRO B 43 -34.02 2.78 -10.06
CA PRO B 43 -34.13 1.62 -10.96
C PRO B 43 -35.52 1.00 -11.09
N ASP B 44 -36.26 0.89 -10.00
CA ASP B 44 -37.58 0.21 -10.01
C ASP B 44 -38.72 0.99 -10.68
N SER B 45 -38.55 2.31 -10.79
CA SER B 45 -39.42 3.15 -11.62
C SER B 45 -38.59 4.24 -12.31
N LEU B 46 -38.68 4.29 -13.64
CA LEU B 46 -37.76 5.10 -14.44
C LEU B 46 -38.48 5.99 -15.44
N THR B 47 -37.95 7.20 -15.66
CA THR B 47 -38.47 8.12 -16.66
C THR B 47 -38.32 7.51 -18.06
N GLU B 48 -39.16 7.97 -18.99
CA GLU B 48 -39.07 7.50 -20.38
C GLU B 48 -37.77 7.95 -21.05
N ASP B 49 -37.25 9.11 -20.62
CA ASP B 49 -35.94 9.58 -21.05
C ASP B 49 -34.84 8.58 -20.69
N GLN B 50 -34.95 8.03 -19.48
CA GLN B 50 -33.99 7.07 -18.95
C GLN B 50 -34.00 5.77 -19.75
N VAL B 51 -35.11 5.05 -19.70
CA VAL B 51 -35.25 3.79 -20.44
C VAL B 51 -34.73 3.92 -21.89
N LEU B 52 -34.87 5.11 -22.48
CA LEU B 52 -34.36 5.40 -23.81
C LEU B 52 -32.85 5.55 -23.86
N ALA B 53 -32.28 6.13 -22.81
CA ALA B 53 -30.84 6.33 -22.72
C ALA B 53 -30.14 4.99 -22.53
N ALA B 54 -30.73 4.13 -21.71
CA ALA B 54 -30.24 2.78 -21.47
C ALA B 54 -30.37 1.87 -22.69
N ALA B 55 -31.32 2.19 -23.56
CA ALA B 55 -31.59 1.37 -24.75
C ALA B 55 -30.66 1.72 -25.91
N GLY B 56 -30.54 3.02 -26.19
CA GLY B 56 -29.69 3.52 -27.26
C GLY B 56 -28.22 3.16 -27.09
N PHE B 57 -27.73 3.20 -25.86
CA PHE B 57 -26.34 2.85 -25.58
C PHE B 57 -26.13 1.33 -25.72
N ALA B 58 -27.10 0.55 -25.26
CA ALA B 58 -27.06 -0.89 -25.43
C ALA B 58 -27.15 -1.33 -26.89
N ALA B 59 -27.78 -0.51 -27.74
CA ALA B 59 -27.87 -0.79 -29.18
C ALA B 59 -26.56 -0.42 -29.88
N ARG B 60 -25.97 0.71 -29.48
CA ARG B 60 -24.68 1.11 -29.98
C ARG B 60 -23.63 0.05 -29.63
N LEU B 61 -23.74 -0.53 -28.44
CA LEU B 61 -22.82 -1.59 -28.01
C LEU B 61 -23.06 -2.87 -28.79
N HIS B 62 -24.32 -3.23 -28.98
CA HIS B 62 -24.68 -4.38 -29.78
C HIS B 62 -24.13 -4.29 -31.18
N GLU B 63 -24.27 -3.11 -31.79
CA GLU B 63 -23.78 -2.86 -33.14
C GLU B 63 -22.26 -3.02 -33.22
N GLY B 64 -21.54 -2.43 -32.27
CA GLY B 64 -20.06 -2.51 -32.24
C GLY B 64 -19.53 -3.89 -31.93
N LEU B 65 -20.14 -4.58 -30.96
CA LEU B 65 -19.67 -5.90 -30.57
C LEU B 65 -19.96 -6.97 -31.61
N GLN B 66 -21.16 -6.94 -32.18
CA GLN B 66 -21.51 -7.83 -33.28
C GLN B 66 -20.48 -7.72 -34.41
N ALA B 67 -20.18 -6.48 -34.79
CA ALA B 67 -19.22 -6.20 -35.85
C ALA B 67 -17.81 -6.71 -35.53
N THR B 68 -17.38 -6.58 -34.27
CA THR B 68 -16.11 -7.15 -33.83
C THR B 68 -16.09 -8.68 -34.01
N VAL B 69 -17.17 -9.36 -33.65
CA VAL B 69 -17.23 -10.82 -33.80
C VAL B 69 -17.30 -11.27 -35.26
N LEU B 70 -18.20 -10.67 -36.03
CA LEU B 70 -18.39 -11.01 -37.44
C LEU B 70 -17.17 -10.66 -38.30
N GLN B 71 -16.69 -9.41 -38.19
CA GLN B 71 -15.53 -8.94 -38.94
C GLN B 71 -14.20 -9.36 -38.31
N ARG B 72 -14.29 -10.12 -37.22
CA ARG B 72 -13.12 -10.81 -36.68
C ARG B 72 -12.05 -9.80 -36.24
N LEU B 73 -12.49 -8.70 -35.64
CA LEU B 73 -11.57 -7.62 -35.27
C LEU B 73 -10.78 -7.92 -34.00
N VAL B 74 -9.75 -8.75 -34.16
CA VAL B 74 -8.90 -9.17 -33.05
C VAL B 74 -7.55 -9.69 -33.56
N ASP B 75 -6.49 -9.35 -32.83
CA ASP B 75 -5.16 -9.90 -33.06
C ASP B 75 -5.11 -11.29 -32.40
N GLU B 76 -5.11 -12.34 -33.21
CA GLU B 76 -5.25 -13.70 -32.68
C GLU B 76 -3.96 -14.15 -31.97
N SER B 77 -2.97 -13.26 -31.95
CA SER B 77 -1.66 -13.52 -31.38
C SER B 77 -1.53 -13.01 -29.95
N ASN B 78 -2.54 -12.26 -29.49
CA ASN B 78 -2.52 -11.65 -28.16
C ASN B 78 -2.91 -12.57 -26.99
N HIS B 79 -3.55 -13.71 -27.29
CA HIS B 79 -3.96 -14.70 -26.27
C HIS B 79 -4.98 -14.17 -25.30
N GLU B 80 -4.62 -13.10 -24.60
CA GLU B 80 -5.49 -12.42 -23.66
C GLU B 80 -6.71 -11.82 -24.37
N GLU B 81 -6.44 -11.03 -25.41
CA GLU B 81 -7.46 -10.42 -26.25
C GLU B 81 -8.30 -11.48 -26.98
N TYR B 82 -7.64 -12.54 -27.43
CA TYR B 82 -8.31 -13.63 -28.14
C TYR B 82 -9.26 -14.40 -27.24
N ARG B 83 -8.92 -14.51 -25.95
CA ARG B 83 -9.78 -15.15 -24.96
C ARG B 83 -11.00 -14.30 -24.66
N GLU B 84 -10.84 -12.99 -24.64
CA GLU B 84 -11.99 -12.11 -24.48
C GLU B 84 -12.89 -12.20 -25.71
N PHE B 85 -12.25 -12.20 -26.89
CA PHE B 85 -12.95 -12.32 -28.18
C PHE B 85 -13.76 -13.61 -28.26
N LYS B 86 -13.12 -14.71 -27.87
CA LYS B 86 -13.76 -16.02 -27.91
C LYS B 86 -15.00 -16.11 -27.06
N ALA B 87 -14.99 -15.42 -25.92
CA ALA B 87 -16.11 -15.42 -24.99
C ALA B 87 -17.28 -14.63 -25.57
N TRP B 88 -16.98 -13.55 -26.29
CA TRP B 88 -17.99 -12.82 -27.02
C TRP B 88 -18.51 -13.62 -28.17
N GLU B 89 -17.64 -14.41 -28.81
CA GLU B 89 -18.04 -15.27 -29.91
C GLU B 89 -18.98 -16.36 -29.40
N GLU B 90 -18.58 -17.01 -28.31
CA GLU B 90 -19.39 -18.06 -27.70
C GLU B 90 -20.78 -17.56 -27.29
N ALA B 91 -20.86 -16.28 -26.94
CA ALA B 91 -22.11 -15.64 -26.56
C ALA B 91 -22.98 -15.34 -27.77
N LEU B 92 -22.38 -14.84 -28.85
CA LEU B 92 -23.14 -14.51 -30.06
C LEU B 92 -23.74 -15.76 -30.75
N LEU B 93 -22.96 -16.83 -30.81
CA LEU B 93 -23.41 -18.12 -31.32
C LEU B 93 -24.55 -18.72 -30.50
N ASN B 94 -24.61 -18.38 -29.22
CA ASN B 94 -25.72 -18.76 -28.34
C ASN B 94 -26.88 -17.77 -28.41
N ALA B 95 -26.77 -16.79 -29.31
CA ALA B 95 -27.77 -15.73 -29.44
C ALA B 95 -28.38 -15.64 -30.83
N ASP B 96 -27.55 -15.83 -31.86
CA ASP B 96 -28.00 -15.65 -33.25
C ASP B 96 -28.59 -16.93 -33.88
N GLY B 97 -28.79 -17.95 -33.06
CA GLY B 97 -29.34 -19.22 -33.53
C GLY B 97 -28.38 -19.95 -34.46
N ARG B 98 -27.21 -20.32 -33.92
CA ARG B 98 -26.24 -21.16 -34.62
C ARG B 98 -25.81 -22.31 -33.73
N VAL B 99 -25.48 -21.99 -32.48
CA VAL B 99 -25.23 -23.02 -31.49
C VAL B 99 -26.47 -23.11 -30.61
N ALA B 100 -27.01 -21.95 -30.25
CA ALA B 100 -28.25 -21.86 -29.48
C ALA B 100 -28.96 -20.55 -29.75
N SER B 101 -30.14 -20.39 -29.13
CA SER B 101 -30.99 -19.25 -29.39
C SER B 101 -31.48 -18.64 -28.08
N SER B 102 -30.55 -18.20 -27.24
CA SER B 102 -30.86 -17.68 -25.91
C SER B 102 -30.05 -16.40 -25.59
N PRO B 103 -30.46 -15.25 -26.14
CA PRO B 103 -29.71 -14.01 -25.99
C PRO B 103 -29.93 -13.29 -24.66
N PHE B 104 -30.95 -13.71 -23.91
CA PHE B 104 -31.31 -13.05 -22.65
C PHE B 104 -31.01 -13.93 -21.45
N ALA B 105 -30.45 -15.10 -21.71
CA ALA B 105 -30.01 -16.03 -20.68
C ALA B 105 -28.81 -15.47 -19.95
N ASP B 106 -28.67 -15.89 -18.69
CA ASP B 106 -27.60 -15.43 -17.83
C ASP B 106 -26.25 -15.81 -18.43
N TRP B 107 -25.31 -14.86 -18.42
CA TRP B 107 -23.97 -15.02 -18.99
C TRP B 107 -23.94 -14.91 -20.49
N GLY B 108 -25.09 -14.58 -21.06
CA GLY B 108 -25.22 -14.47 -22.51
C GLY B 108 -25.04 -13.07 -23.05
N TRP B 109 -25.43 -12.88 -24.31
CA TRP B 109 -25.12 -11.67 -25.06
C TRP B 109 -25.52 -10.38 -24.41
N TRP B 110 -26.78 -10.24 -24.03
CA TRP B 110 -27.21 -8.99 -23.40
C TRP B 110 -26.75 -8.86 -21.98
N TYR B 111 -26.70 -9.98 -21.27
CA TYR B 111 -26.13 -10.05 -19.93
C TYR B 111 -24.76 -9.38 -19.92
N ARG B 112 -23.89 -9.80 -20.84
CA ARG B 112 -22.54 -9.23 -20.94
C ARG B 112 -22.56 -7.76 -21.33
N ILE B 113 -23.49 -7.35 -22.19
CA ILE B 113 -23.57 -5.93 -22.60
C ILE B 113 -23.92 -5.00 -21.41
N ALA B 114 -24.81 -5.45 -20.53
CA ALA B 114 -25.17 -4.66 -19.36
C ALA B 114 -23.96 -4.51 -18.44
N ASN B 115 -23.22 -5.61 -18.25
CA ASN B 115 -21.96 -5.56 -17.51
C ASN B 115 -21.02 -4.46 -18.03
N VAL B 116 -20.91 -4.33 -19.35
CA VAL B 116 -20.12 -3.27 -19.96
C VAL B 116 -20.69 -1.91 -19.54
N LEU B 118 -22.37 -1.06 -16.98
CA LEU B 118 -22.09 -0.84 -15.57
C LEU B 118 -20.64 -0.47 -15.31
N ALA B 119 -19.72 -1.22 -15.91
CA ALA B 119 -18.29 -0.95 -15.80
C ALA B 119 -17.96 0.44 -16.38
N THR B 120 -18.59 0.80 -17.49
CA THR B 120 -18.43 2.12 -18.08
C THR B 120 -18.88 3.18 -17.07
N ALA B 121 -20.00 2.92 -16.39
CA ALA B 121 -20.51 3.87 -15.41
C ALA B 121 -19.56 4.00 -14.21
N SER B 122 -19.12 2.87 -13.67
CA SER B 122 -18.12 2.85 -12.60
C SER B 122 -16.81 3.57 -12.96
N GLN B 123 -16.41 3.53 -14.22
CA GLN B 123 -15.12 4.10 -14.63
C GLN B 123 -15.14 5.56 -15.02
N ASN B 124 -16.32 6.15 -15.21
CA ASN B 124 -16.37 7.57 -15.55
C ASN B 124 -16.80 8.45 -14.37
N VAL B 125 -17.67 7.91 -13.53
CA VAL B 125 -18.30 8.68 -12.48
C VAL B 125 -18.17 7.99 -11.12
N GLY B 126 -17.94 6.69 -11.13
CA GLY B 126 -17.72 5.94 -9.90
C GLY B 126 -19.00 5.64 -9.13
N VAL B 127 -20.07 5.34 -9.87
CA VAL B 127 -21.32 4.87 -9.26
C VAL B 127 -21.18 3.44 -8.72
N THR B 128 -22.19 3.01 -7.96
CA THR B 128 -22.10 1.77 -7.19
C THR B 128 -22.90 0.62 -7.82
N TRP B 129 -23.51 0.89 -8.97
CA TRP B 129 -24.46 -0.04 -9.58
C TRP B 129 -23.95 -1.45 -9.67
N GLY B 130 -24.84 -2.39 -9.40
CA GLY B 130 -24.52 -3.81 -9.45
C GLY B 130 -25.70 -4.65 -9.88
N SER B 131 -25.93 -5.73 -9.14
CA SER B 131 -26.96 -6.70 -9.45
C SER B 131 -28.34 -6.08 -9.66
N ARG B 132 -28.71 -5.13 -8.81
CA ARG B 132 -30.04 -4.53 -8.82
C ARG B 132 -30.26 -3.75 -10.12
N VAL B 133 -29.31 -2.87 -10.46
CA VAL B 133 -29.38 -2.11 -11.72
C VAL B 133 -29.26 -3.02 -12.95
N HIS B 134 -28.51 -4.12 -12.82
CA HIS B 134 -28.29 -5.08 -13.90
C HIS B 134 -29.57 -5.72 -14.34
N GLY B 135 -30.27 -6.29 -13.36
CA GLY B 135 -31.58 -6.92 -13.58
C GLY B 135 -32.60 -5.97 -14.20
N ARG B 136 -32.48 -4.68 -13.87
CA ARG B 136 -33.35 -3.69 -14.50
C ARG B 136 -32.96 -3.35 -15.95
N LEU B 137 -31.69 -3.56 -16.29
CA LEU B 137 -31.25 -3.36 -17.66
C LEU B 137 -31.69 -4.56 -18.51
N ALA B 139 -34.32 -6.49 -17.91
CA ALA B 139 -35.76 -6.38 -18.12
C ALA B 139 -36.06 -5.55 -19.34
N ILE B 140 -35.46 -4.36 -19.40
CA ILE B 140 -35.59 -3.45 -20.55
C ILE B 140 -35.23 -4.14 -21.87
N PHE B 141 -34.05 -4.75 -21.96
CA PHE B 141 -33.59 -5.40 -23.18
C PHE B 141 -34.57 -6.45 -23.68
N GLN B 142 -35.04 -7.28 -22.76
CA GLN B 142 -36.02 -8.33 -23.04
C GLN B 142 -37.29 -7.74 -23.63
N ASP B 143 -37.59 -6.51 -23.24
CA ASP B 143 -38.69 -5.79 -23.80
C ASP B 143 -38.32 -5.24 -25.20
N LYS B 144 -37.40 -4.28 -25.25
CA LYS B 144 -37.19 -3.49 -26.45
C LYS B 144 -36.36 -4.14 -27.54
N PHE B 145 -35.73 -5.28 -27.24
CA PHE B 145 -34.97 -6.03 -28.25
C PHE B 145 -35.52 -7.45 -28.37
N LYS B 146 -36.83 -7.55 -28.17
CA LYS B 146 -37.55 -8.82 -28.19
C LYS B 146 -37.36 -9.52 -29.53
N GLN B 147 -37.57 -8.79 -30.62
CA GLN B 147 -37.38 -9.33 -31.97
C GLN B 147 -36.69 -8.36 -32.91
N ARG B 148 -35.71 -8.87 -33.65
CA ARG B 148 -34.86 -8.04 -34.50
C ARG B 148 -35.54 -7.65 -35.82
N TYR B 149 -36.04 -6.42 -35.88
CA TYR B 149 -36.67 -5.87 -37.07
C TYR B 149 -35.62 -5.42 -38.09
N SER C 16 -1.35 1.51 -33.65
CA SER C 16 -2.58 1.22 -32.91
C SER C 16 -3.02 2.40 -32.02
N ASN C 17 -4.26 2.34 -31.55
CA ASN C 17 -4.79 3.38 -30.66
C ASN C 17 -5.42 2.78 -29.39
N THR C 18 -4.96 1.58 -29.02
CA THR C 18 -5.43 0.90 -27.81
C THR C 18 -5.33 1.79 -26.56
N ILE C 19 -4.18 2.41 -26.36
CA ILE C 19 -3.95 3.27 -25.19
C ILE C 19 -4.90 4.46 -25.19
N SER C 20 -4.95 5.16 -26.31
CA SER C 20 -5.89 6.25 -26.50
C SER C 20 -7.33 5.86 -26.16
N ASP C 21 -7.77 4.69 -26.63
CA ASP C 21 -9.14 4.20 -26.43
C ASP C 21 -9.50 3.96 -24.96
N ARG C 22 -8.56 3.44 -24.18
CA ARG C 22 -8.80 3.17 -22.78
C ARG C 22 -9.00 4.45 -22.00
N ILE C 23 -8.33 5.52 -22.42
CA ILE C 23 -8.46 6.81 -21.74
C ILE C 23 -9.75 7.53 -22.18
N VAL C 24 -10.09 7.41 -23.47
CA VAL C 24 -11.34 7.96 -23.99
C VAL C 24 -12.53 7.25 -23.38
N ALA C 25 -12.45 5.92 -23.30
CA ALA C 25 -13.52 5.13 -22.69
C ALA C 25 -13.70 5.48 -21.22
N ARG C 26 -12.82 6.32 -20.70
CA ARG C 26 -12.87 6.79 -19.30
C ARG C 26 -13.10 8.29 -19.24
N SER C 27 -13.59 8.85 -20.34
CA SER C 27 -13.81 10.28 -20.46
C SER C 27 -15.06 10.54 -21.31
N VAL C 28 -16.03 9.63 -21.25
CA VAL C 28 -17.17 9.69 -22.14
C VAL C 28 -17.95 11.01 -22.00
N ILE C 29 -18.19 11.45 -20.76
CA ILE C 29 -18.92 12.70 -20.51
C ILE C 29 -18.22 13.89 -21.13
N GLU C 30 -16.91 14.00 -20.91
CA GLU C 30 -16.12 15.10 -21.46
C GLU C 30 -15.93 14.97 -22.98
N ALA C 31 -15.94 13.74 -23.47
CA ALA C 31 -15.81 13.48 -24.90
C ALA C 31 -17.08 13.86 -25.66
N ALA C 32 -18.22 13.36 -25.20
CA ALA C 32 -19.49 13.70 -25.81
C ALA C 32 -19.70 15.20 -25.74
N ARG C 33 -19.33 15.80 -24.63
CA ARG C 33 -19.53 17.22 -24.45
C ARG C 33 -18.75 18.02 -25.48
N PHE C 34 -17.50 17.64 -25.71
CA PHE C 34 -16.65 18.31 -26.68
C PHE C 34 -17.25 18.17 -28.08
N ILE C 35 -17.58 16.94 -28.46
CA ILE C 35 -18.11 16.65 -29.78
C ILE C 35 -19.39 17.43 -30.11
N GLN C 36 -20.43 17.27 -29.28
CA GLN C 36 -21.71 18.00 -29.45
C GLN C 36 -21.52 19.51 -29.54
N SER C 37 -20.62 20.04 -28.72
CA SER C 37 -20.38 21.47 -28.63
C SER C 37 -19.64 22.01 -29.85
N TRP C 38 -18.86 21.15 -30.49
CA TRP C 38 -18.04 21.54 -31.64
C TRP C 38 -18.59 21.06 -32.95
N GLU C 39 -19.44 20.03 -32.92
CA GLU C 39 -19.96 19.40 -34.15
C GLU C 39 -20.68 20.45 -34.97
N ASP C 40 -19.99 20.94 -36.00
CA ASP C 40 -20.39 22.14 -36.73
C ASP C 40 -20.19 23.37 -35.81
N ALA C 41 -19.08 24.08 -35.99
CA ALA C 41 -18.69 25.16 -35.09
C ALA C 41 -17.90 26.30 -35.75
N ASP C 42 -16.89 25.93 -36.55
CA ASP C 42 -15.91 26.89 -37.10
C ASP C 42 -15.04 27.58 -36.04
N PRO C 43 -13.72 27.28 -36.02
CA PRO C 43 -12.74 27.73 -35.02
C PRO C 43 -12.54 29.24 -34.91
N ASP C 44 -12.79 29.97 -36.00
CA ASP C 44 -12.56 31.42 -36.01
C ASP C 44 -13.63 32.21 -35.25
N SER C 45 -14.69 31.52 -34.85
CA SER C 45 -15.77 32.13 -34.11
C SER C 45 -16.27 31.17 -33.00
N LEU C 46 -15.41 30.93 -32.02
CA LEU C 46 -15.71 30.00 -30.92
C LEU C 46 -16.34 30.71 -29.72
N THR C 47 -17.28 30.02 -29.06
CA THR C 47 -17.89 30.55 -27.86
C THR C 47 -17.16 30.06 -26.60
N GLU C 48 -17.09 30.94 -25.61
CA GLU C 48 -16.71 30.62 -24.24
C GLU C 48 -16.86 29.13 -23.91
N ASP C 49 -18.07 28.61 -24.16
CA ASP C 49 -18.44 27.24 -23.82
C ASP C 49 -17.79 26.20 -24.74
N GLN C 50 -17.52 26.58 -25.99
CA GLN C 50 -16.81 25.71 -26.91
C GLN C 50 -15.35 25.55 -26.50
N VAL C 51 -14.68 26.67 -26.21
CA VAL C 51 -13.32 26.68 -25.65
C VAL C 51 -13.21 25.77 -24.42
N LEU C 52 -14.14 25.97 -23.49
CA LEU C 52 -14.19 25.23 -22.24
C LEU C 52 -14.54 23.75 -22.44
N ALA C 53 -15.25 23.43 -23.53
CA ALA C 53 -15.57 22.03 -23.83
C ALA C 53 -14.32 21.31 -24.33
N ALA C 54 -13.51 22.04 -25.09
CA ALA C 54 -12.22 21.57 -25.57
C ALA C 54 -11.22 21.41 -24.42
N ALA C 55 -11.16 22.42 -23.54
CA ALA C 55 -10.24 22.39 -22.41
C ALA C 55 -10.52 21.21 -21.50
N GLY C 56 -11.81 20.99 -21.22
CA GLY C 56 -12.24 19.98 -20.26
C GLY C 56 -11.94 18.57 -20.69
N PHE C 57 -11.98 18.35 -22.00
CA PHE C 57 -11.69 17.04 -22.59
C PHE C 57 -10.17 16.81 -22.62
N ALA C 58 -9.42 17.82 -23.06
CA ALA C 58 -7.97 17.73 -23.19
C ALA C 58 -7.31 17.49 -21.83
N ALA C 59 -7.79 18.18 -20.81
CA ALA C 59 -7.30 17.99 -19.45
C ALA C 59 -7.66 16.60 -18.92
N ARG C 60 -8.85 16.13 -19.22
CA ARG C 60 -9.23 14.77 -18.83
C ARG C 60 -8.32 13.72 -19.49
N LEU C 61 -8.00 13.94 -20.77
CA LEU C 61 -7.12 13.04 -21.50
C LEU C 61 -5.69 13.15 -20.95
N HIS C 62 -5.26 14.39 -20.74
CA HIS C 62 -3.96 14.68 -20.11
C HIS C 62 -3.74 13.82 -18.91
N GLU C 63 -4.72 13.82 -18.02
CA GLU C 63 -4.58 13.18 -16.73
C GLU C 63 -4.44 11.67 -16.87
N GLY C 64 -5.25 11.09 -17.74
CA GLY C 64 -5.29 9.65 -17.94
C GLY C 64 -4.04 9.14 -18.60
N LEU C 65 -3.55 9.89 -19.58
CA LEU C 65 -2.35 9.52 -20.35
C LEU C 65 -1.08 9.69 -19.54
N GLN C 66 -1.03 10.75 -18.74
CA GLN C 66 0.10 10.98 -17.84
C GLN C 66 0.16 9.84 -16.83
N ALA C 67 -0.98 9.54 -16.20
CA ALA C 67 -1.08 8.36 -15.37
C ALA C 67 -0.54 7.10 -16.08
N THR C 68 -0.95 6.89 -17.35
CA THR C 68 -0.56 5.69 -18.12
C THR C 68 0.94 5.54 -18.25
N VAL C 69 1.63 6.64 -18.54
CA VAL C 69 3.08 6.62 -18.71
C VAL C 69 3.81 6.41 -17.37
N LEU C 70 3.42 7.17 -16.36
CA LEU C 70 4.08 7.18 -15.06
C LEU C 70 3.92 5.85 -14.34
N GLN C 71 2.75 5.25 -14.52
CA GLN C 71 2.44 4.00 -13.86
C GLN C 71 2.77 2.78 -14.72
N ARG C 72 3.24 3.04 -15.94
CA ARG C 72 3.59 1.98 -16.90
C ARG C 72 2.42 1.04 -17.19
N LEU C 73 1.24 1.61 -17.45
CA LEU C 73 0.05 0.82 -17.77
C LEU C 73 0.08 0.38 -19.23
N VAL C 74 0.74 -0.75 -19.46
CA VAL C 74 1.04 -1.23 -20.81
C VAL C 74 1.52 -2.68 -20.72
N ASP C 75 1.02 -3.52 -21.61
CA ASP C 75 1.57 -4.84 -21.75
C ASP C 75 2.85 -4.71 -22.56
N GLU C 76 3.99 -4.64 -21.87
CA GLU C 76 5.30 -4.53 -22.52
C GLU C 76 5.59 -5.68 -23.48
N SER C 77 4.76 -6.72 -23.40
CA SER C 77 4.92 -7.93 -24.20
C SER C 77 4.16 -7.84 -25.50
N ASN C 78 3.16 -6.96 -25.53
CA ASN C 78 2.31 -6.75 -26.71
C ASN C 78 3.14 -6.40 -27.94
N HIS C 79 3.60 -5.16 -28.04
CA HIS C 79 4.59 -4.74 -29.07
C HIS C 79 4.14 -3.57 -29.91
N GLU C 80 3.01 -3.71 -30.60
CA GLU C 80 2.44 -2.55 -31.28
C GLU C 80 1.94 -1.58 -30.22
N GLU C 81 1.42 -2.14 -29.12
CA GLU C 81 1.03 -1.35 -27.96
C GLU C 81 2.23 -0.70 -27.29
N TYR C 82 3.33 -1.44 -27.17
CA TYR C 82 4.52 -0.90 -26.52
C TYR C 82 5.16 0.24 -27.33
N ARG C 83 5.11 0.17 -28.65
CA ARG C 83 5.55 1.28 -29.51
C ARG C 83 4.69 2.53 -29.26
N GLU C 84 3.37 2.34 -29.19
CA GLU C 84 2.45 3.43 -28.91
C GLU C 84 2.77 4.07 -27.56
N PHE C 85 3.03 3.23 -26.57
CA PHE C 85 3.42 3.66 -25.24
C PHE C 85 4.70 4.49 -25.25
N LYS C 86 5.73 4.01 -25.94
CA LYS C 86 7.02 4.71 -26.01
C LYS C 86 6.90 6.09 -26.65
N ALA C 87 5.92 6.25 -27.53
CA ALA C 87 5.73 7.52 -28.23
C ALA C 87 5.18 8.55 -27.25
N TRP C 88 4.23 8.10 -26.41
CA TRP C 88 3.70 8.89 -25.31
C TRP C 88 4.74 9.22 -24.27
N GLU C 89 5.55 8.24 -23.89
CA GLU C 89 6.65 8.45 -22.95
C GLU C 89 7.60 9.53 -23.45
N GLU C 90 8.09 9.36 -24.68
CA GLU C 90 8.91 10.35 -25.37
C GLU C 90 8.30 11.76 -25.26
N ALA C 91 7.02 11.87 -25.59
CA ALA C 91 6.35 13.16 -25.56
C ALA C 91 6.27 13.72 -24.13
N LEU C 92 5.99 12.85 -23.15
CA LEU C 92 5.93 13.25 -21.76
C LEU C 92 7.27 13.81 -21.27
N LEU C 93 8.33 13.04 -21.49
CA LEU C 93 9.68 13.44 -21.11
C LEU C 93 10.20 14.67 -21.86
N ASN C 94 9.58 14.99 -22.99
CA ASN C 94 9.91 16.22 -23.70
C ASN C 94 9.05 17.38 -23.22
N ALA C 95 8.06 17.07 -22.39
CA ALA C 95 7.13 18.08 -21.89
C ALA C 95 7.42 18.49 -20.46
N ASP C 96 7.66 17.50 -19.59
CA ASP C 96 7.72 17.73 -18.14
C ASP C 96 9.09 18.15 -17.59
N GLY C 97 10.05 18.41 -18.46
CA GLY C 97 11.36 18.86 -18.04
C GLY C 97 12.41 17.79 -17.88
N ARG C 98 12.01 16.51 -17.89
CA ARG C 98 12.99 15.43 -17.66
C ARG C 98 14.03 15.22 -18.78
N VAL C 99 13.61 15.43 -20.03
CA VAL C 99 14.53 15.44 -21.17
C VAL C 99 14.50 16.81 -21.87
N ALA C 100 13.30 17.38 -22.00
CA ALA C 100 13.13 18.72 -22.58
C ALA C 100 11.93 19.42 -21.96
N SER C 101 11.68 20.67 -22.33
CA SER C 101 10.62 21.46 -21.72
C SER C 101 9.70 22.14 -22.72
N SER C 102 9.33 21.42 -23.78
CA SER C 102 8.49 21.96 -24.84
C SER C 102 7.18 21.18 -24.99
N PRO C 103 6.25 21.37 -24.04
CA PRO C 103 5.02 20.57 -24.07
C PRO C 103 4.06 20.93 -25.22
N PHE C 104 4.29 22.06 -25.87
CA PHE C 104 3.41 22.51 -26.95
C PHE C 104 4.11 22.50 -28.31
N ALA C 105 5.27 21.85 -28.37
CA ALA C 105 6.01 21.71 -29.61
C ALA C 105 5.30 20.69 -30.50
N ASP C 106 5.52 20.81 -31.81
CA ASP C 106 4.97 19.91 -32.82
C ASP C 106 5.33 18.46 -32.54
N TRP C 107 4.31 17.61 -32.54
CA TRP C 107 4.48 16.17 -32.33
C TRP C 107 4.79 15.79 -30.90
N GLY C 108 4.70 16.77 -30.01
CA GLY C 108 4.80 16.53 -28.58
C GLY C 108 3.47 16.21 -27.90
N TRP C 109 3.42 16.49 -26.61
CA TRP C 109 2.35 16.05 -25.72
C TRP C 109 0.96 16.58 -26.05
N TRP C 110 0.83 17.90 -26.17
CA TRP C 110 -0.48 18.48 -26.46
C TRP C 110 -0.89 18.31 -27.91
N TYR C 111 0.08 18.41 -28.79
CA TYR C 111 -0.10 18.14 -30.20
C TYR C 111 -0.69 16.74 -30.41
N ARG C 112 -0.22 15.75 -29.63
CA ARG C 112 -0.74 14.39 -29.65
C ARG C 112 -2.10 14.29 -28.98
N ILE C 113 -2.35 15.14 -27.97
CA ILE C 113 -3.66 15.16 -27.33
C ILE C 113 -4.73 15.66 -28.27
N ALA C 114 -4.39 16.65 -29.09
CA ALA C 114 -5.34 17.17 -30.08
C ALA C 114 -5.67 16.12 -31.15
N ASN C 115 -4.65 15.38 -31.58
CA ASN C 115 -4.87 14.28 -32.52
C ASN C 115 -5.86 13.25 -32.01
N VAL C 116 -5.81 12.96 -30.71
CA VAL C 116 -6.72 11.99 -30.11
C VAL C 116 -8.14 12.54 -30.11
N LEU C 118 -9.48 14.79 -32.33
CA LEU C 118 -10.04 14.82 -33.67
C LEU C 118 -10.40 13.41 -34.14
N ALA C 119 -9.59 12.43 -33.74
CA ALA C 119 -9.85 11.03 -34.06
C ALA C 119 -11.12 10.53 -33.38
N THR C 120 -11.35 10.97 -32.14
CA THR C 120 -12.52 10.56 -31.34
C THR C 120 -13.82 11.09 -31.95
N ALA C 121 -13.80 12.34 -32.40
CA ALA C 121 -14.92 12.91 -33.13
C ALA C 121 -15.23 12.10 -34.41
N SER C 122 -14.18 11.74 -35.14
CA SER C 122 -14.29 11.00 -36.39
C SER C 122 -14.93 9.63 -36.19
N GLN C 123 -14.42 8.88 -35.23
CA GLN C 123 -14.93 7.53 -34.97
C GLN C 123 -16.26 7.52 -34.23
N ASN C 124 -16.76 8.69 -33.87
CA ASN C 124 -18.06 8.79 -33.19
C ASN C 124 -19.19 9.32 -34.07
N VAL C 125 -18.92 10.38 -34.82
CA VAL C 125 -19.94 11.03 -35.62
C VAL C 125 -19.59 11.20 -37.10
N GLY C 126 -18.56 10.49 -37.55
CA GLY C 126 -18.17 10.47 -38.96
C GLY C 126 -17.38 11.67 -39.48
N VAL C 127 -17.59 12.84 -38.87
CA VAL C 127 -16.98 14.10 -39.31
C VAL C 127 -15.43 14.07 -39.27
N THR C 128 -14.81 14.87 -40.13
CA THR C 128 -13.34 14.98 -40.13
C THR C 128 -12.89 16.42 -39.93
N TRP C 129 -12.37 16.70 -38.74
CA TRP C 129 -11.70 17.95 -38.48
C TRP C 129 -10.32 17.89 -39.09
N GLY C 130 -9.79 19.04 -39.46
CA GLY C 130 -8.44 19.10 -40.02
C GLY C 130 -7.52 20.09 -39.31
N SER C 131 -6.52 20.59 -40.03
CA SER C 131 -5.50 21.49 -39.49
C SER C 131 -6.05 22.73 -38.79
N ARG C 132 -7.18 23.25 -39.27
CA ARG C 132 -7.74 24.48 -38.73
C ARG C 132 -8.28 24.26 -37.32
N VAL C 133 -8.92 23.13 -37.10
CA VAL C 133 -9.42 22.77 -35.78
C VAL C 133 -8.24 22.51 -34.84
N HIS C 134 -7.24 21.79 -35.34
CA HIS C 134 -6.04 21.47 -34.60
C HIS C 134 -5.31 22.70 -34.15
N GLY C 135 -5.20 23.67 -35.05
CA GLY C 135 -4.57 24.95 -34.73
C GLY C 135 -5.24 25.61 -33.54
N ARG C 136 -6.57 25.70 -33.57
CA ARG C 136 -7.32 26.38 -32.53
C ARG C 136 -7.29 25.64 -31.20
N LEU C 137 -7.22 24.31 -31.27
CA LEU C 137 -7.04 23.49 -30.08
C LEU C 137 -5.69 23.78 -29.44
N ALA C 139 -3.88 26.36 -29.78
CA ALA C 139 -3.91 27.74 -29.29
C ALA C 139 -4.65 27.86 -27.96
N ILE C 140 -5.70 27.05 -27.78
CA ILE C 140 -6.41 26.98 -26.49
C ILE C 140 -5.54 26.31 -25.44
N PHE C 141 -4.85 25.23 -25.81
CA PHE C 141 -4.04 24.49 -24.86
C PHE C 141 -2.83 25.27 -24.37
N GLN C 142 -2.32 26.19 -25.18
CA GLN C 142 -1.20 27.02 -24.75
C GLN C 142 -1.70 28.08 -23.77
N ASP C 143 -2.84 28.68 -24.09
CA ASP C 143 -3.46 29.68 -23.26
C ASP C 143 -3.84 29.11 -21.90
N LYS C 144 -4.63 28.03 -21.92
CA LYS C 144 -5.16 27.43 -20.70
C LYS C 144 -4.17 26.62 -19.87
N PHE C 145 -3.10 26.14 -20.50
CA PHE C 145 -2.21 25.19 -19.82
C PHE C 145 -0.73 25.57 -19.70
N LYS C 146 -0.35 26.76 -20.12
CA LYS C 146 1.06 27.17 -20.04
C LYS C 146 1.54 27.40 -18.59
N GLN C 147 0.64 27.88 -17.73
CA GLN C 147 0.98 28.09 -16.32
C GLN C 147 0.96 26.79 -15.49
N ARG C 148 0.97 25.65 -16.17
CA ARG C 148 1.08 24.34 -15.52
C ARG C 148 2.52 23.89 -15.54
N TYR C 149 3.30 24.46 -16.46
CA TYR C 149 4.68 24.03 -16.69
C TYR C 149 5.69 25.11 -16.32
N GLU C 150 5.29 26.37 -16.48
CA GLU C 150 6.21 27.49 -16.34
C GLU C 150 6.14 28.18 -14.98
N GLU C 151 7.15 29.01 -14.72
CA GLU C 151 7.29 29.75 -13.50
C GLU C 151 7.32 31.22 -13.89
N GLN C 152 6.43 32.03 -13.31
CA GLN C 152 6.35 33.45 -13.64
C GLN C 152 7.26 34.34 -12.78
#